data_6UIU
# 
_entry.id   6UIU 
# 
_audit_conform.dict_name       mmcif_pdbx.dic 
_audit_conform.dict_version    5.380 
_audit_conform.dict_location   http://mmcif.pdb.org/dictionaries/ascii/mmcif_pdbx.dic 
# 
loop_
_database_2.database_id 
_database_2.database_code 
_database_2.pdbx_database_accession 
_database_2.pdbx_DOI 
PDB   6UIU         pdb_00006uiu 10.2210/pdb6uiu/pdb 
WWPDB D_1000244652 ?            ?                   
# 
_pdbx_database_status.status_code                     REL 
_pdbx_database_status.status_code_sf                  REL 
_pdbx_database_status.status_code_mr                  ? 
_pdbx_database_status.entry_id                        6UIU 
_pdbx_database_status.recvd_initial_deposition_date   2019-10-01 
_pdbx_database_status.SG_entry                        N 
_pdbx_database_status.deposit_site                    RCSB 
_pdbx_database_status.process_site                    RCSB 
_pdbx_database_status.status_code_cs                  ? 
_pdbx_database_status.methods_development_category    ? 
_pdbx_database_status.pdb_format_compatible           Y 
_pdbx_database_status.status_code_nmr_data            ? 
# 
loop_
_audit_author.name 
_audit_author.pdbx_ordinal 
_audit_author.identifier_ORCID 
'Miller, K.R.'    1  0000-0003-1963-2908 
'Paretsky, J.D.'  2  ?                   
'Follmer, A.H.'   3  0000-0002-6244-6804 
'Heinisch, T.'    4  ?                   
'Mittra, K.'      5  0000-0003-2325-1972 
'Gul, S.'         6  ?                   
'Kim, I.-S.'      7  ?                   
'Fuller, F.D.'    8  ?                   
'Batyuk, A.'      9  ?                   
'Sutherlin, K.D.' 10 ?                   
'Brewster, A.S.'  11 ?                   
'Bhowmick, A.'    12 ?                   
'Sauter, N.K.'    13 ?                   
'Kern, J.'        14 0000-0002-7272-1603 
'Yano, J.'        15 0000-0001-6308-9071 
'Green, M.T.'     16 0000-0001-8658-8420 
'Ward, T.R.'      17 0000-0001-8602-5468 
'Borovik, A.S.'   18 0000-0001-5049-9952 
# 
_citation.abstract                  ? 
_citation.abstract_id_CAS           ? 
_citation.book_id_ISBN              ? 
_citation.book_publisher            ? 
_citation.book_publisher_city       ? 
_citation.book_title                ? 
_citation.coordinate_linkage        ? 
_citation.country                   US 
_citation.database_id_Medline       ? 
_citation.details                   ? 
_citation.id                        primary 
_citation.journal_abbrev            Inorg.Chem. 
_citation.journal_id_ASTM           INOCAJ 
_citation.journal_id_CSD            0009 
_citation.journal_id_ISSN           0020-1669 
_citation.journal_full              ? 
_citation.journal_issue             ? 
_citation.journal_volume            59 
_citation.language                  ? 
_citation.page_first                6000 
_citation.page_last                 6009 
_citation.title                     'Artificial Iron Proteins: Modeling the Active Sites in Non-Heme Dioxygenases.' 
_citation.year                      2020 
_citation.database_id_CSD           ? 
_citation.pdbx_database_id_DOI      10.1021/acs.inorgchem.9b03791 
_citation.pdbx_database_id_PubMed   32309932 
_citation.unpublished_flag          ? 
# 
loop_
_citation_author.citation_id 
_citation_author.name 
_citation_author.ordinal 
_citation_author.identifier_ORCID 
primary 'Miller, K.R.'    1  ?                   
primary 'Paretsky, J.D.'  2  ?                   
primary 'Follmer, A.H.'   3  0000-0002-6244-6804 
primary 'Heinisch, T.'    4  ?                   
primary 'Mittra, K.'      5  0000-0003-2325-1972 
primary 'Gul, S.'         6  ?                   
primary 'Kim, I.S.'       7  ?                   
primary 'Fuller, F.D.'    8  ?                   
primary 'Batyuk, A.'      9  ?                   
primary 'Sutherlin, K.D.' 10 ?                   
primary 'Brewster, A.S.'  11 ?                   
primary 'Bhowmick, A.'    12 ?                   
primary 'Sauter, N.K.'    13 ?                   
primary 'Kern, J.'        14 0000-0002-7272-1603 
primary 'Yano, J.'        15 0000-0001-6308-9071 
primary 'Green, M.T.'     16 0000-0001-8658-8420 
primary 'Ward, T.R.'      17 0000-0001-8602-5468 
primary 'Borovik, A.S.'   18 0000-0001-5049-9952 
# 
_cell.angle_alpha                  90.000 
_cell.angle_alpha_esd              ? 
_cell.angle_beta                   90.000 
_cell.angle_beta_esd               ? 
_cell.angle_gamma                  90.000 
_cell.angle_gamma_esd              ? 
_cell.entry_id                     6UIU 
_cell.details                      ? 
_cell.formula_units_Z              ? 
_cell.length_a                     57.871 
_cell.length_a_esd                 ? 
_cell.length_b                     57.871 
_cell.length_b_esd                 ? 
_cell.length_c                     184.305 
_cell.length_c_esd                 ? 
_cell.volume                       ? 
_cell.volume_esd                   ? 
_cell.Z_PDB                        16 
_cell.reciprocal_angle_alpha       ? 
_cell.reciprocal_angle_beta        ? 
_cell.reciprocal_angle_gamma       ? 
_cell.reciprocal_angle_alpha_esd   ? 
_cell.reciprocal_angle_beta_esd    ? 
_cell.reciprocal_angle_gamma_esd   ? 
_cell.reciprocal_length_a          ? 
_cell.reciprocal_length_b          ? 
_cell.reciprocal_length_c          ? 
_cell.reciprocal_length_a_esd      ? 
_cell.reciprocal_length_b_esd      ? 
_cell.reciprocal_length_c_esd      ? 
_cell.pdbx_unique_axis             ? 
# 
_symmetry.entry_id                         6UIU 
_symmetry.cell_setting                     ? 
_symmetry.Int_Tables_number                98 
_symmetry.space_group_name_Hall            ? 
_symmetry.space_group_name_H-M             'I 41 2 2' 
_symmetry.pdbx_full_space_group_name_H-M   ? 
# 
loop_
_entity.id 
_entity.type 
_entity.src_method 
_entity.pdbx_description 
_entity.formula_weight 
_entity.pdbx_number_of_molecules 
_entity.pdbx_ec 
_entity.pdbx_mutation 
_entity.pdbx_fragment 
_entity.details 
1 polymer     man Streptavidin 16552.965 1   ? 'K121A, E101Q, S112E' ? ? 
2 non-polymer syn 
'N-(2-{bis[(pyridin-2-yl)methyl]amino}ethyl)-5-[(3aS,4S,6aR)-2-oxohexahydro-1H-thieno[3,4-d]imidazol-4-yl]pentanamide' 468.615   1 
? ?                     ? ? 
3 water       nat water 18.015    116 ? ?                     ? ? 
# 
_entity_poly.entity_id                      1 
_entity_poly.type                           'polypeptide(L)' 
_entity_poly.nstd_linkage                   no 
_entity_poly.nstd_monomer                   no 
_entity_poly.pdbx_seq_one_letter_code       
;MASMTGGQQMGRDEAGITGTWYNQLGSTFIVTAGADGALTGTYESAVGNAESRYVLTGRYDSAPATDGSGTALGWTVAWK
NNYRNAHSATTWSGQYVGGAQARINTQWLLTEGTTEANAWASTLVGHDTFTKVKPSAASIDAAKKAGVNNGNPLDAVQQ
;
_entity_poly.pdbx_seq_one_letter_code_can   
;MASMTGGQQMGRDEAGITGTWYNQLGSTFIVTAGADGALTGTYESAVGNAESRYVLTGRYDSAPATDGSGTALGWTVAWK
NNYRNAHSATTWSGQYVGGAQARINTQWLLTEGTTEANAWASTLVGHDTFTKVKPSAASIDAAKKAGVNNGNPLDAVQQ
;
_entity_poly.pdbx_strand_id                 A 
_entity_poly.pdbx_target_identifier         ? 
# 
loop_
_entity_poly_seq.entity_id 
_entity_poly_seq.num 
_entity_poly_seq.mon_id 
_entity_poly_seq.hetero 
1 1   MET n 
1 2   ALA n 
1 3   SER n 
1 4   MET n 
1 5   THR n 
1 6   GLY n 
1 7   GLY n 
1 8   GLN n 
1 9   GLN n 
1 10  MET n 
1 11  GLY n 
1 12  ARG n 
1 13  ASP n 
1 14  GLU n 
1 15  ALA n 
1 16  GLY n 
1 17  ILE n 
1 18  THR n 
1 19  GLY n 
1 20  THR n 
1 21  TRP n 
1 22  TYR n 
1 23  ASN n 
1 24  GLN n 
1 25  LEU n 
1 26  GLY n 
1 27  SER n 
1 28  THR n 
1 29  PHE n 
1 30  ILE n 
1 31  VAL n 
1 32  THR n 
1 33  ALA n 
1 34  GLY n 
1 35  ALA n 
1 36  ASP n 
1 37  GLY n 
1 38  ALA n 
1 39  LEU n 
1 40  THR n 
1 41  GLY n 
1 42  THR n 
1 43  TYR n 
1 44  GLU n 
1 45  SER n 
1 46  ALA n 
1 47  VAL n 
1 48  GLY n 
1 49  ASN n 
1 50  ALA n 
1 51  GLU n 
1 52  SER n 
1 53  ARG n 
1 54  TYR n 
1 55  VAL n 
1 56  LEU n 
1 57  THR n 
1 58  GLY n 
1 59  ARG n 
1 60  TYR n 
1 61  ASP n 
1 62  SER n 
1 63  ALA n 
1 64  PRO n 
1 65  ALA n 
1 66  THR n 
1 67  ASP n 
1 68  GLY n 
1 69  SER n 
1 70  GLY n 
1 71  THR n 
1 72  ALA n 
1 73  LEU n 
1 74  GLY n 
1 75  TRP n 
1 76  THR n 
1 77  VAL n 
1 78  ALA n 
1 79  TRP n 
1 80  LYS n 
1 81  ASN n 
1 82  ASN n 
1 83  TYR n 
1 84  ARG n 
1 85  ASN n 
1 86  ALA n 
1 87  HIS n 
1 88  SER n 
1 89  ALA n 
1 90  THR n 
1 91  THR n 
1 92  TRP n 
1 93  SER n 
1 94  GLY n 
1 95  GLN n 
1 96  TYR n 
1 97  VAL n 
1 98  GLY n 
1 99  GLY n 
1 100 ALA n 
1 101 GLN n 
1 102 ALA n 
1 103 ARG n 
1 104 ILE n 
1 105 ASN n 
1 106 THR n 
1 107 GLN n 
1 108 TRP n 
1 109 LEU n 
1 110 LEU n 
1 111 THR n 
1 112 GLU n 
1 113 GLY n 
1 114 THR n 
1 115 THR n 
1 116 GLU n 
1 117 ALA n 
1 118 ASN n 
1 119 ALA n 
1 120 TRP n 
1 121 ALA n 
1 122 SER n 
1 123 THR n 
1 124 LEU n 
1 125 VAL n 
1 126 GLY n 
1 127 HIS n 
1 128 ASP n 
1 129 THR n 
1 130 PHE n 
1 131 THR n 
1 132 LYS n 
1 133 VAL n 
1 134 LYS n 
1 135 PRO n 
1 136 SER n 
1 137 ALA n 
1 138 ALA n 
1 139 SER n 
1 140 ILE n 
1 141 ASP n 
1 142 ALA n 
1 143 ALA n 
1 144 LYS n 
1 145 LYS n 
1 146 ALA n 
1 147 GLY n 
1 148 VAL n 
1 149 ASN n 
1 150 ASN n 
1 151 GLY n 
1 152 ASN n 
1 153 PRO n 
1 154 LEU n 
1 155 ASP n 
1 156 ALA n 
1 157 VAL n 
1 158 GLN n 
1 159 GLN n 
# 
_entity_src_gen.entity_id                          1 
_entity_src_gen.pdbx_src_id                        1 
_entity_src_gen.pdbx_alt_source_flag               sample 
_entity_src_gen.pdbx_seq_type                      'Biological sequence' 
_entity_src_gen.pdbx_beg_seq_num                   1 
_entity_src_gen.pdbx_end_seq_num                   159 
_entity_src_gen.gene_src_common_name               ? 
_entity_src_gen.gene_src_genus                     ? 
_entity_src_gen.pdbx_gene_src_gene                 ? 
_entity_src_gen.gene_src_species                   ? 
_entity_src_gen.gene_src_strain                    ? 
_entity_src_gen.gene_src_tissue                    ? 
_entity_src_gen.gene_src_tissue_fraction           ? 
_entity_src_gen.gene_src_details                   ? 
_entity_src_gen.pdbx_gene_src_fragment             ? 
_entity_src_gen.pdbx_gene_src_scientific_name      'Streptomyces avidinii' 
_entity_src_gen.pdbx_gene_src_ncbi_taxonomy_id     1895 
_entity_src_gen.pdbx_gene_src_variant              ? 
_entity_src_gen.pdbx_gene_src_cell_line            ? 
_entity_src_gen.pdbx_gene_src_atcc                 ? 
_entity_src_gen.pdbx_gene_src_organ                ? 
_entity_src_gen.pdbx_gene_src_organelle            ? 
_entity_src_gen.pdbx_gene_src_cell                 ? 
_entity_src_gen.pdbx_gene_src_cellular_location    ? 
_entity_src_gen.host_org_common_name               ? 
_entity_src_gen.pdbx_host_org_scientific_name      'Escherichia coli' 
_entity_src_gen.pdbx_host_org_ncbi_taxonomy_id     562 
_entity_src_gen.host_org_genus                     ? 
_entity_src_gen.pdbx_host_org_gene                 ? 
_entity_src_gen.pdbx_host_org_organ                ? 
_entity_src_gen.host_org_species                   ? 
_entity_src_gen.pdbx_host_org_tissue               ? 
_entity_src_gen.pdbx_host_org_tissue_fraction      ? 
_entity_src_gen.pdbx_host_org_strain               ? 
_entity_src_gen.pdbx_host_org_variant              ? 
_entity_src_gen.pdbx_host_org_cell_line            ? 
_entity_src_gen.pdbx_host_org_atcc                 ? 
_entity_src_gen.pdbx_host_org_culture_collection   ? 
_entity_src_gen.pdbx_host_org_cell                 ? 
_entity_src_gen.pdbx_host_org_organelle            ? 
_entity_src_gen.pdbx_host_org_cellular_location    ? 
_entity_src_gen.pdbx_host_org_vector_type          ? 
_entity_src_gen.pdbx_host_org_vector               ? 
_entity_src_gen.host_org_details                   ? 
_entity_src_gen.expression_system_id               ? 
_entity_src_gen.plasmid_name                       ? 
_entity_src_gen.plasmid_details                    ? 
_entity_src_gen.pdbx_description                   ? 
# 
_struct_ref.id                         1 
_struct_ref.db_name                    UNP 
_struct_ref.db_code                    SAV_STRAV 
_struct_ref.pdbx_db_accession          P22629 
_struct_ref.pdbx_db_isoform            ? 
_struct_ref.entity_id                  1 
_struct_ref.pdbx_seq_one_letter_code   
;EAGITGTWYNQLGSTFIVTAGADGALTGTYESAVGNAESRYVLTGRYDSAPATDGSGTALGWTVAWKNNYRNAHSATTWS
GQYVGGAEARINTQWLLTSGTTEANAWKSTLVGHDTFTKVKPSAASIDAAKKAGVNNGNPLDAVQQ
;
_struct_ref.pdbx_align_begin           38 
# 
_struct_ref_seq.align_id                      1 
_struct_ref_seq.ref_id                        1 
_struct_ref_seq.pdbx_PDB_id_code              6UIU 
_struct_ref_seq.pdbx_strand_id                A 
_struct_ref_seq.seq_align_beg                 14 
_struct_ref_seq.pdbx_seq_align_beg_ins_code   ? 
_struct_ref_seq.seq_align_end                 159 
_struct_ref_seq.pdbx_seq_align_end_ins_code   ? 
_struct_ref_seq.pdbx_db_accession             P22629 
_struct_ref_seq.db_align_beg                  38 
_struct_ref_seq.pdbx_db_align_beg_ins_code    ? 
_struct_ref_seq.db_align_end                  183 
_struct_ref_seq.pdbx_db_align_end_ins_code    ? 
_struct_ref_seq.pdbx_auth_seq_align_beg       14 
_struct_ref_seq.pdbx_auth_seq_align_end       159 
# 
loop_
_struct_ref_seq_dif.align_id 
_struct_ref_seq_dif.pdbx_pdb_id_code 
_struct_ref_seq_dif.mon_id 
_struct_ref_seq_dif.pdbx_pdb_strand_id 
_struct_ref_seq_dif.seq_num 
_struct_ref_seq_dif.pdbx_pdb_ins_code 
_struct_ref_seq_dif.pdbx_seq_db_name 
_struct_ref_seq_dif.pdbx_seq_db_accession_code 
_struct_ref_seq_dif.db_mon_id 
_struct_ref_seq_dif.pdbx_seq_db_seq_num 
_struct_ref_seq_dif.details 
_struct_ref_seq_dif.pdbx_auth_seq_num 
_struct_ref_seq_dif.pdbx_ordinal 
1 6UIU MET A 1   ? UNP P22629 ?   ?   'initiating methionine' 1   1  
1 6UIU ALA A 2   ? UNP P22629 ?   ?   'expression tag'        2   2  
1 6UIU SER A 3   ? UNP P22629 ?   ?   'expression tag'        3   3  
1 6UIU MET A 4   ? UNP P22629 ?   ?   'expression tag'        4   4  
1 6UIU THR A 5   ? UNP P22629 ?   ?   'expression tag'        5   5  
1 6UIU GLY A 6   ? UNP P22629 ?   ?   'expression tag'        6   6  
1 6UIU GLY A 7   ? UNP P22629 ?   ?   'expression tag'        7   7  
1 6UIU GLN A 8   ? UNP P22629 ?   ?   'expression tag'        8   8  
1 6UIU GLN A 9   ? UNP P22629 ?   ?   'expression tag'        9   9  
1 6UIU MET A 10  ? UNP P22629 ?   ?   'expression tag'        10  10 
1 6UIU GLY A 11  ? UNP P22629 ?   ?   'expression tag'        11  11 
1 6UIU ARG A 12  ? UNP P22629 ?   ?   'expression tag'        12  12 
1 6UIU ASP A 13  ? UNP P22629 ?   ?   'expression tag'        13  13 
1 6UIU GLN A 101 ? UNP P22629 GLU 125 'engineered mutation'   101 14 
1 6UIU GLU A 112 ? UNP P22629 SER 136 'engineered mutation'   112 15 
1 6UIU ALA A 121 ? UNP P22629 LYS 145 'engineered mutation'   121 16 
# 
loop_
_chem_comp.id 
_chem_comp.type 
_chem_comp.mon_nstd_flag 
_chem_comp.name 
_chem_comp.pdbx_synonyms 
_chem_comp.formula 
_chem_comp.formula_weight 
ALA 'L-peptide linking' y ALANINE ? 'C3 H7 N O2'      89.093  
ARG 'L-peptide linking' y ARGININE ? 'C6 H15 N4 O2 1'  175.209 
ASN 'L-peptide linking' y ASPARAGINE ? 'C4 H8 N2 O3'     132.118 
ASP 'L-peptide linking' y 'ASPARTIC ACID' ? 'C4 H7 N O4'      133.103 
GLN 'L-peptide linking' y GLUTAMINE ? 'C5 H10 N2 O3'    146.144 
GLU 'L-peptide linking' y 'GLUTAMIC ACID' ? 'C5 H9 N O4'      147.129 
GLY 'peptide linking'   y GLYCINE ? 'C2 H5 N O2'      75.067  
HIS 'L-peptide linking' y HISTIDINE ? 'C6 H10 N3 O2 1'  156.162 
HOH non-polymer         . WATER ? 'H2 O'            18.015  
ILE 'L-peptide linking' y ISOLEUCINE ? 'C6 H13 N O2'     131.173 
LEU 'L-peptide linking' y LEUCINE ? 'C6 H13 N O2'     131.173 
LYS 'L-peptide linking' y LYSINE ? 'C6 H15 N2 O2 1'  147.195 
MET 'L-peptide linking' y METHIONINE ? 'C5 H11 N O2 S'   149.211 
PHE 'L-peptide linking' y PHENYLALANINE ? 'C9 H11 N O2'     165.189 
PRO 'L-peptide linking' y PROLINE ? 'C5 H9 N O2'      115.130 
QG7 non-polymer         . 
'N-(2-{bis[(pyridin-2-yl)methyl]amino}ethyl)-5-[(3aS,4S,6aR)-2-oxohexahydro-1H-thieno[3,4-d]imidazol-4-yl]pentanamide' ? 
'C24 H32 N6 O2 S' 468.615 
SER 'L-peptide linking' y SERINE ? 'C3 H7 N O3'      105.093 
THR 'L-peptide linking' y THREONINE ? 'C4 H9 N O3'      119.119 
TRP 'L-peptide linking' y TRYPTOPHAN ? 'C11 H12 N2 O2'   204.225 
TYR 'L-peptide linking' y TYROSINE ? 'C9 H11 N O3'     181.189 
VAL 'L-peptide linking' y VALINE ? 'C5 H11 N O2'     117.146 
# 
_exptl.absorpt_coefficient_mu     ? 
_exptl.absorpt_correction_T_max   ? 
_exptl.absorpt_correction_T_min   ? 
_exptl.absorpt_correction_type    ? 
_exptl.absorpt_process_details    ? 
_exptl.entry_id                   6UIU 
_exptl.crystals_number            1 
_exptl.details                    ? 
_exptl.method                     'X-RAY DIFFRACTION' 
_exptl.method_details             ? 
# 
_exptl_crystal.colour                      ? 
_exptl_crystal.density_diffrn              ? 
_exptl_crystal.density_Matthews            2.33 
_exptl_crystal.density_method              ? 
_exptl_crystal.density_percent_sol         47.22 
_exptl_crystal.description                 ? 
_exptl_crystal.F_000                       ? 
_exptl_crystal.id                          1 
_exptl_crystal.preparation                 ? 
_exptl_crystal.size_max                    ? 
_exptl_crystal.size_mid                    ? 
_exptl_crystal.size_min                    ? 
_exptl_crystal.size_rad                    ? 
_exptl_crystal.colour_lustre               ? 
_exptl_crystal.colour_modifier             ? 
_exptl_crystal.colour_primary              ? 
_exptl_crystal.density_meas                ? 
_exptl_crystal.density_meas_esd            ? 
_exptl_crystal.density_meas_gt             ? 
_exptl_crystal.density_meas_lt             ? 
_exptl_crystal.density_meas_temp           ? 
_exptl_crystal.density_meas_temp_esd       ? 
_exptl_crystal.density_meas_temp_gt        ? 
_exptl_crystal.density_meas_temp_lt        ? 
_exptl_crystal.pdbx_crystal_image_url      ? 
_exptl_crystal.pdbx_crystal_image_format   ? 
_exptl_crystal.pdbx_mosaicity              ? 
_exptl_crystal.pdbx_mosaicity_esd          ? 
# 
_exptl_crystal_grow.apparatus       ? 
_exptl_crystal_grow.atmosphere      ? 
_exptl_crystal_grow.crystal_id      1 
_exptl_crystal_grow.details         ? 
_exptl_crystal_grow.method          'VAPOR DIFFUSION, SITTING DROP' 
_exptl_crystal_grow.method_ref      ? 
_exptl_crystal_grow.pH              4 
_exptl_crystal_grow.pressure        ? 
_exptl_crystal_grow.pressure_esd    ? 
_exptl_crystal_grow.seeding         ? 
_exptl_crystal_grow.seeding_ref     ? 
_exptl_crystal_grow.temp            295 
_exptl_crystal_grow.temp_details    ? 
_exptl_crystal_grow.temp_esd        ? 
_exptl_crystal_grow.time            ? 
_exptl_crystal_grow.pdbx_details    '26 mg/mL protein, 2.0 M ammonium sulfate, 0.1 M sodium acetate pH 4' 
_exptl_crystal_grow.pdbx_pH_range   ? 
# 
_diffrn.ambient_environment              ? 
_diffrn.ambient_temp                     100 
_diffrn.ambient_temp_details             ? 
_diffrn.ambient_temp_esd                 ? 
_diffrn.crystal_id                       1 
_diffrn.crystal_support                  ? 
_diffrn.crystal_treatment                ? 
_diffrn.details                          ? 
_diffrn.id                               1 
_diffrn.ambient_pressure                 ? 
_diffrn.ambient_pressure_esd             ? 
_diffrn.ambient_pressure_gt              ? 
_diffrn.ambient_pressure_lt              ? 
_diffrn.ambient_temp_gt                  ? 
_diffrn.ambient_temp_lt                  ? 
_diffrn.pdbx_serial_crystal_experiment   N 
# 
_diffrn_detector.details                      ? 
_diffrn_detector.detector                     PIXEL 
_diffrn_detector.diffrn_id                    1 
_diffrn_detector.type                         'DECTRIS PILATUS 6M' 
_diffrn_detector.area_resol_mean              ? 
_diffrn_detector.dtime                        ? 
_diffrn_detector.pdbx_frames_total            ? 
_diffrn_detector.pdbx_collection_time_total   ? 
_diffrn_detector.pdbx_collection_date         2019-05-19 
_diffrn_detector.pdbx_frequency               ? 
# 
_diffrn_radiation.collimation                      ? 
_diffrn_radiation.diffrn_id                        1 
_diffrn_radiation.filter_edge                      ? 
_diffrn_radiation.inhomogeneity                    ? 
_diffrn_radiation.monochromator                    'Double crystal Si(111)' 
_diffrn_radiation.polarisn_norm                    ? 
_diffrn_radiation.polarisn_ratio                   ? 
_diffrn_radiation.probe                            ? 
_diffrn_radiation.type                             ? 
_diffrn_radiation.xray_symbol                      ? 
_diffrn_radiation.wavelength_id                    1 
_diffrn_radiation.pdbx_monochromatic_or_laue_m_l   M 
_diffrn_radiation.pdbx_wavelength_list             ? 
_diffrn_radiation.pdbx_wavelength                  ? 
_diffrn_radiation.pdbx_diffrn_protocol             'SINGLE WAVELENGTH' 
_diffrn_radiation.pdbx_analyzer                    ? 
_diffrn_radiation.pdbx_scattering_type             x-ray 
# 
_diffrn_radiation_wavelength.id           1 
_diffrn_radiation_wavelength.wavelength   0.9795 
_diffrn_radiation_wavelength.wt           1.0 
# 
_diffrn_source.current                     ? 
_diffrn_source.details                     ? 
_diffrn_source.diffrn_id                   1 
_diffrn_source.power                       ? 
_diffrn_source.size                        ? 
_diffrn_source.source                      SYNCHROTRON 
_diffrn_source.target                      ? 
_diffrn_source.type                        'SSRL BEAMLINE BL12-2' 
_diffrn_source.voltage                     ? 
_diffrn_source.take-off_angle              ? 
_diffrn_source.pdbx_wavelength_list        0.9795 
_diffrn_source.pdbx_wavelength             ? 
_diffrn_source.pdbx_synchrotron_beamline   BL12-2 
_diffrn_source.pdbx_synchrotron_site       SSRL 
# 
_reflns.B_iso_Wilson_estimate            ? 
_reflns.entry_id                         6UIU 
_reflns.data_reduction_details           ? 
_reflns.data_reduction_method            ? 
_reflns.d_resolution_high                1.350 
_reflns.d_resolution_low                 37.43 
_reflns.details                          ? 
_reflns.limit_h_max                      ? 
_reflns.limit_h_min                      ? 
_reflns.limit_k_max                      ? 
_reflns.limit_k_min                      ? 
_reflns.limit_l_max                      ? 
_reflns.limit_l_min                      ? 
_reflns.number_all                       ? 
_reflns.number_obs                       35163 
_reflns.observed_criterion               ? 
_reflns.observed_criterion_F_max         ? 
_reflns.observed_criterion_F_min         ? 
_reflns.observed_criterion_I_max         ? 
_reflns.observed_criterion_I_min         ? 
_reflns.observed_criterion_sigma_F       ? 
_reflns.observed_criterion_sigma_I       ? 
_reflns.percent_possible_obs             99.8 
_reflns.R_free_details                   ? 
_reflns.Rmerge_F_all                     ? 
_reflns.Rmerge_F_obs                     ? 
_reflns.Friedel_coverage                 ? 
_reflns.number_gt                        ? 
_reflns.threshold_expression             ? 
_reflns.pdbx_redundancy                  13.1 
_reflns.pdbx_Rmerge_I_obs                0.237 
_reflns.pdbx_Rmerge_I_all                ? 
_reflns.pdbx_Rsym_value                  ? 
_reflns.pdbx_netI_over_av_sigmaI         ? 
_reflns.pdbx_netI_over_sigmaI            5.600 
_reflns.pdbx_res_netI_over_av_sigmaI_2   ? 
_reflns.pdbx_res_netI_over_sigmaI_2      ? 
_reflns.pdbx_chi_squared                 ? 
_reflns.pdbx_scaling_rejects             ? 
_reflns.pdbx_d_res_high_opt              ? 
_reflns.pdbx_d_res_low_opt               ? 
_reflns.pdbx_d_res_opt_method            ? 
_reflns.phase_calculation_details        ? 
_reflns.pdbx_Rrim_I_all                  0.247 
_reflns.pdbx_Rpim_I_all                  0.067 
_reflns.pdbx_d_opt                       ? 
_reflns.pdbx_number_measured_all         ? 
_reflns.pdbx_diffrn_id                   1 
_reflns.pdbx_ordinal                     1 
_reflns.pdbx_CC_half                     0.992 
_reflns.pdbx_CC_star                     ? 
_reflns.pdbx_R_split                     ? 
# 
loop_
_reflns_shell.d_res_high 
_reflns_shell.d_res_low 
_reflns_shell.meanI_over_sigI_all 
_reflns_shell.meanI_over_sigI_obs 
_reflns_shell.number_measured_all 
_reflns_shell.number_measured_obs 
_reflns_shell.number_possible 
_reflns_shell.number_unique_all 
_reflns_shell.number_unique_obs 
_reflns_shell.percent_possible_all 
_reflns_shell.percent_possible_obs 
_reflns_shell.Rmerge_F_all 
_reflns_shell.Rmerge_F_obs 
_reflns_shell.Rmerge_I_all 
_reflns_shell.Rmerge_I_obs 
_reflns_shell.meanI_over_sigI_gt 
_reflns_shell.meanI_over_uI_all 
_reflns_shell.meanI_over_uI_gt 
_reflns_shell.number_measured_gt 
_reflns_shell.number_unique_gt 
_reflns_shell.percent_possible_gt 
_reflns_shell.Rmerge_F_gt 
_reflns_shell.Rmerge_I_gt 
_reflns_shell.pdbx_redundancy 
_reflns_shell.pdbx_Rsym_value 
_reflns_shell.pdbx_chi_squared 
_reflns_shell.pdbx_netI_over_sigmaI_all 
_reflns_shell.pdbx_netI_over_sigmaI_obs 
_reflns_shell.pdbx_Rrim_I_all 
_reflns_shell.pdbx_Rpim_I_all 
_reflns_shell.pdbx_rejects 
_reflns_shell.pdbx_ordinal 
_reflns_shell.pdbx_diffrn_id 
_reflns_shell.pdbx_CC_half 
_reflns_shell.pdbx_CC_star 
_reflns_shell.pdbx_R_split 
1.350 1.370  ? ? 18995 ? ? ? 1647 96.400 ? ? ? ? 2.462 ? ? ? ? ? ? ? ? 11.500 ? ? ? 1.100  2.584 0.757 ? 1 1 0.910 ? ? 
7.380 37.400 ? ? 3455  ? ? ? 275  99.300 ? ? ? ? 0.165 ? ? ? ? ? ? ? ? 12.600 ? ? ? 11.700 0.172 0.046 ? 2 1 0.988 ? ? 
# 
_refine.aniso_B[1][1]                            0.1400 
_refine.aniso_B[1][2]                            -0.0000 
_refine.aniso_B[1][3]                            -0.0000 
_refine.aniso_B[2][2]                            0.1400 
_refine.aniso_B[2][3]                            -0.0000 
_refine.aniso_B[3][3]                            -0.2900 
_refine.B_iso_max                                81.210 
_refine.B_iso_mean                               16.1640 
_refine.B_iso_min                                7.120 
_refine.correlation_coeff_Fo_to_Fc               0.9560 
_refine.correlation_coeff_Fo_to_Fc_free          0.9440 
_refine.details                                  
'HYDROGENS HAVE BEEN ADDED IN THE RIDING POSITIONS U VALUES      : REFINED INDIVIDUALLY' 
_refine.diff_density_max                         ? 
_refine.diff_density_max_esd                     ? 
_refine.diff_density_min                         ? 
_refine.diff_density_min_esd                     ? 
_refine.diff_density_rms                         ? 
_refine.diff_density_rms_esd                     ? 
_refine.entry_id                                 6UIU 
_refine.pdbx_refine_id                           'X-RAY DIFFRACTION' 
_refine.ls_abs_structure_details                 ? 
_refine.ls_abs_structure_Flack                   ? 
_refine.ls_abs_structure_Flack_esd               ? 
_refine.ls_abs_structure_Rogers                  ? 
_refine.ls_abs_structure_Rogers_esd              ? 
_refine.ls_d_res_high                            1.3500 
_refine.ls_d_res_low                             37.4300 
_refine.ls_extinction_coef                       ? 
_refine.ls_extinction_coef_esd                   ? 
_refine.ls_extinction_expression                 ? 
_refine.ls_extinction_method                     ? 
_refine.ls_goodness_of_fit_all                   ? 
_refine.ls_goodness_of_fit_all_esd               ? 
_refine.ls_goodness_of_fit_obs                   ? 
_refine.ls_goodness_of_fit_obs_esd               ? 
_refine.ls_hydrogen_treatment                    ? 
_refine.ls_matrix_type                           ? 
_refine.ls_number_constraints                    ? 
_refine.ls_number_parameters                     ? 
_refine.ls_number_reflns_all                     ? 
_refine.ls_number_reflns_obs                     33329 
_refine.ls_number_reflns_R_free                  1760 
_refine.ls_number_reflns_R_work                  ? 
_refine.ls_number_restraints                     ? 
_refine.ls_percent_reflns_obs                    99.6600 
_refine.ls_percent_reflns_R_free                 5.0000 
_refine.ls_R_factor_all                          ? 
_refine.ls_R_factor_obs                          0.2080 
_refine.ls_R_factor_R_free                       0.2302 
_refine.ls_R_factor_R_free_error                 ? 
_refine.ls_R_factor_R_free_error_details         ? 
_refine.ls_R_factor_R_work                       0.2068 
_refine.ls_R_Fsqd_factor_obs                     ? 
_refine.ls_R_I_factor_obs                        ? 
_refine.ls_redundancy_reflns_all                 ? 
_refine.ls_redundancy_reflns_obs                 ? 
_refine.ls_restrained_S_all                      ? 
_refine.ls_restrained_S_obs                      ? 
_refine.ls_shift_over_esd_max                    ? 
_refine.ls_shift_over_esd_mean                   ? 
_refine.ls_structure_factor_coef                 ? 
_refine.ls_weighting_details                     ? 
_refine.ls_weighting_scheme                      ? 
_refine.ls_wR_factor_all                         ? 
_refine.ls_wR_factor_obs                         ? 
_refine.ls_wR_factor_R_free                      ? 
_refine.ls_wR_factor_R_work                      ? 
_refine.occupancy_max                            ? 
_refine.occupancy_min                            ? 
_refine.solvent_model_details                    ? 
_refine.solvent_model_param_bsol                 ? 
_refine.solvent_model_param_ksol                 ? 
_refine.pdbx_R_complete                          ? 
_refine.ls_R_factor_gt                           ? 
_refine.ls_goodness_of_fit_gt                    ? 
_refine.ls_goodness_of_fit_ref                   ? 
_refine.ls_shift_over_su_max                     ? 
_refine.ls_shift_over_su_max_lt                  ? 
_refine.ls_shift_over_su_mean                    ? 
_refine.ls_shift_over_su_mean_lt                 ? 
_refine.pdbx_ls_sigma_I                          ? 
_refine.pdbx_ls_sigma_F                          0.000 
_refine.pdbx_ls_sigma_Fsqd                       ? 
_refine.pdbx_data_cutoff_high_absF               ? 
_refine.pdbx_data_cutoff_high_rms_absF           ? 
_refine.pdbx_data_cutoff_low_absF                ? 
_refine.pdbx_isotropic_thermal_model             ? 
_refine.pdbx_ls_cross_valid_method               THROUGHOUT 
_refine.pdbx_method_to_determine_struct          'MOLECULAR REPLACEMENT' 
_refine.pdbx_starting_model                      2QCB 
_refine.pdbx_stereochemistry_target_values       ? 
_refine.pdbx_R_Free_selection_details            RANDOM 
_refine.pdbx_stereochem_target_val_spec_case     ? 
_refine.pdbx_overall_ESU_R                       0.0550 
_refine.pdbx_overall_ESU_R_Free                  0.0570 
_refine.pdbx_solvent_vdw_probe_radii             1.2000 
_refine.pdbx_solvent_ion_probe_radii             0.8000 
_refine.pdbx_solvent_shrinkage_radii             0.8000 
_refine.pdbx_real_space_R                        ? 
_refine.pdbx_density_correlation                 ? 
_refine.pdbx_pd_number_of_powder_patterns        ? 
_refine.pdbx_pd_number_of_points                 ? 
_refine.pdbx_pd_meas_number_of_points            ? 
_refine.pdbx_pd_proc_ls_prof_R_factor            ? 
_refine.pdbx_pd_proc_ls_prof_wR_factor           ? 
_refine.pdbx_pd_Marquardt_correlation_coeff      ? 
_refine.pdbx_pd_Fsqrd_R_factor                   ? 
_refine.pdbx_pd_ls_matrix_band_width             ? 
_refine.pdbx_overall_phase_error                 ? 
_refine.pdbx_overall_SU_R_free_Cruickshank_DPI   ? 
_refine.pdbx_overall_SU_R_free_Blow_DPI          ? 
_refine.pdbx_overall_SU_R_Blow_DPI               ? 
_refine.pdbx_TLS_residual_ADP_flag               ? 
_refine.pdbx_diffrn_id                           1 
_refine.overall_SU_B                             ? 
_refine.overall_SU_ML                            ? 
_refine.overall_SU_R_Cruickshank_DPI             ? 
_refine.overall_SU_R_free                        ? 
_refine.overall_FOM_free_R_set                   ? 
_refine.overall_FOM_work_R_set                   ? 
_refine.pdbx_average_fsc_overall                 ? 
_refine.pdbx_average_fsc_work                    ? 
_refine.pdbx_average_fsc_free                    ? 
# 
_refine_hist.pdbx_refine_id                   'X-RAY DIFFRACTION' 
_refine_hist.cycle_id                         final 
_refine_hist.details                          ? 
_refine_hist.d_res_high                       1.3500 
_refine_hist.d_res_low                        37.4300 
_refine_hist.number_atoms_solvent             116 
_refine_hist.number_atoms_total               1076 
_refine_hist.number_reflns_all                ? 
_refine_hist.number_reflns_obs                ? 
_refine_hist.number_reflns_R_free             ? 
_refine_hist.number_reflns_R_work             ? 
_refine_hist.R_factor_all                     ? 
_refine_hist.R_factor_obs                     ? 
_refine_hist.R_factor_R_free                  ? 
_refine_hist.R_factor_R_work                  ? 
_refine_hist.pdbx_number_residues_total       124 
_refine_hist.pdbx_B_iso_mean_ligand           14.80 
_refine_hist.pdbx_B_iso_mean_solvent          31.04 
_refine_hist.pdbx_number_atoms_protein        927 
_refine_hist.pdbx_number_atoms_nucleic_acid   0 
_refine_hist.pdbx_number_atoms_ligand         33 
_refine_hist.pdbx_number_atoms_lipid          ? 
_refine_hist.pdbx_number_atoms_carb           ? 
_refine_hist.pdbx_pseudo_atom_details         ? 
# 
loop_
_refine_ls_restr.pdbx_refine_id 
_refine_ls_restr.criterion 
_refine_ls_restr.dev_ideal 
_refine_ls_restr.dev_ideal_target 
_refine_ls_restr.number 
_refine_ls_restr.rejects 
_refine_ls_restr.type 
_refine_ls_restr.weight 
_refine_ls_restr.pdbx_restraint_function 
'X-RAY DIFFRACTION' ? 0.015  0.013  1009 ? r_bond_refined_d       ? ? 
'X-RAY DIFFRACTION' ? 0.038  0.018  835  ? r_bond_other_d         ? ? 
'X-RAY DIFFRACTION' ? 3.027  1.691  1383 ? r_angle_refined_deg    ? ? 
'X-RAY DIFFRACTION' ? 2.561  1.573  1927 ? r_angle_other_deg      ? ? 
'X-RAY DIFFRACTION' ? 7.616  5.000  129  ? r_dihedral_angle_1_deg ? ? 
'X-RAY DIFFRACTION' ? 28.941 22.000 50   ? r_dihedral_angle_2_deg ? ? 
'X-RAY DIFFRACTION' ? 14.486 15.000 134  ? r_dihedral_angle_3_deg ? ? 
'X-RAY DIFFRACTION' ? 19.401 15.000 6    ? r_dihedral_angle_4_deg ? ? 
'X-RAY DIFFRACTION' ? 0.093  0.200  134  ? r_chiral_restr         ? ? 
'X-RAY DIFFRACTION' ? 0.013  0.020  1155 ? r_gen_planes_refined   ? ? 
'X-RAY DIFFRACTION' ? 0.025  0.020  229  ? r_gen_planes_other     ? ? 
# 
_refine_ls_shell.pdbx_refine_id                   'X-RAY DIFFRACTION' 
_refine_ls_shell.d_res_high                       1.35 
_refine_ls_shell.d_res_low                        1.3820 
_refine_ls_shell.number_reflns_all                ? 
_refine_ls_shell.number_reflns_obs                ? 
_refine_ls_shell.number_reflns_R_free             125 
_refine_ls_shell.number_reflns_R_work             2387 
_refine_ls_shell.percent_reflns_obs               97.6700 
_refine_ls_shell.percent_reflns_R_free            ? 
_refine_ls_shell.R_factor_all                     ? 
_refine_ls_shell.R_factor_obs                     ? 
_refine_ls_shell.R_factor_R_free                  0.3690 
_refine_ls_shell.R_factor_R_free_error            0.0000 
_refine_ls_shell.R_factor_R_work                  0.3100 
_refine_ls_shell.redundancy_reflns_all            ? 
_refine_ls_shell.redundancy_reflns_obs            ? 
_refine_ls_shell.wR_factor_all                    ? 
_refine_ls_shell.wR_factor_obs                    ? 
_refine_ls_shell.wR_factor_R_free                 ? 
_refine_ls_shell.wR_factor_R_work                 ? 
_refine_ls_shell.pdbx_R_complete                  ? 
_refine_ls_shell.pdbx_total_number_of_bins_used   ? 
_refine_ls_shell.pdbx_phase_error                 ? 
_refine_ls_shell.pdbx_fsc_work                    ? 
_refine_ls_shell.pdbx_fsc_free                    ? 
# 
_struct.entry_id                     6UIU 
_struct.title                        'Artificial Iron Proteins: Modelling the Active Sites in Non-Heme Dioxygenases' 
_struct.pdbx_model_details           ? 
_struct.pdbx_formula_weight          ? 
_struct.pdbx_formula_weight_method   ? 
_struct.pdbx_model_type_details      ? 
_struct.pdbx_CASP_flag               N 
# 
_struct_keywords.entry_id        6UIU 
_struct_keywords.text            'Biotin binding artificial metalloprotein, METAL BINDING PROTEIN' 
_struct_keywords.pdbx_keywords   'METAL BINDING PROTEIN' 
# 
loop_
_struct_asym.id 
_struct_asym.pdbx_blank_PDB_chainid_flag 
_struct_asym.pdbx_modified 
_struct_asym.entity_id 
_struct_asym.details 
A N N 1 ? 
B N N 2 ? 
C N N 3 ? 
# 
loop_
_struct_conf.conf_type_id 
_struct_conf.id 
_struct_conf.pdbx_PDB_helix_id 
_struct_conf.beg_label_comp_id 
_struct_conf.beg_label_asym_id 
_struct_conf.beg_label_seq_id 
_struct_conf.pdbx_beg_PDB_ins_code 
_struct_conf.end_label_comp_id 
_struct_conf.end_label_asym_id 
_struct_conf.end_label_seq_id 
_struct_conf.pdbx_end_PDB_ins_code 
_struct_conf.beg_auth_comp_id 
_struct_conf.beg_auth_asym_id 
_struct_conf.beg_auth_seq_id 
_struct_conf.end_auth_comp_id 
_struct_conf.end_auth_asym_id 
_struct_conf.end_auth_seq_id 
_struct_conf.pdbx_PDB_helix_class 
_struct_conf.details 
_struct_conf.pdbx_PDB_helix_length 
HELX_P HELX_P1 AA1 ASP A 13  ? THR A 18  ? ASP A 13  THR A 18  1 ? 6 
HELX_P HELX_P2 AA2 THR A 115 ? ALA A 121 ? THR A 115 ALA A 121 5 ? 7 
# 
_struct_conf_type.id          HELX_P 
_struct_conf_type.criteria    ? 
_struct_conf_type.reference   ? 
# 
_struct_sheet.id               AA1 
_struct_sheet.type             ? 
_struct_sheet.number_strands   9 
_struct_sheet.details          ? 
# 
loop_
_struct_sheet_order.sheet_id 
_struct_sheet_order.range_id_1 
_struct_sheet_order.range_id_2 
_struct_sheet_order.offset 
_struct_sheet_order.sense 
AA1 1 2 ? anti-parallel 
AA1 2 3 ? anti-parallel 
AA1 3 4 ? anti-parallel 
AA1 4 5 ? anti-parallel 
AA1 5 6 ? anti-parallel 
AA1 6 7 ? anti-parallel 
AA1 7 8 ? anti-parallel 
AA1 8 9 ? anti-parallel 
# 
loop_
_struct_sheet_range.sheet_id 
_struct_sheet_range.id 
_struct_sheet_range.beg_label_comp_id 
_struct_sheet_range.beg_label_asym_id 
_struct_sheet_range.beg_label_seq_id 
_struct_sheet_range.pdbx_beg_PDB_ins_code 
_struct_sheet_range.end_label_comp_id 
_struct_sheet_range.end_label_asym_id 
_struct_sheet_range.end_label_seq_id 
_struct_sheet_range.pdbx_end_PDB_ins_code 
_struct_sheet_range.beg_auth_comp_id 
_struct_sheet_range.beg_auth_asym_id 
_struct_sheet_range.beg_auth_seq_id 
_struct_sheet_range.end_auth_comp_id 
_struct_sheet_range.end_auth_asym_id 
_struct_sheet_range.end_auth_seq_id 
AA1 1 GLY A 19  ? ASN A 23  ? GLY A 19  ASN A 23  
AA1 2 THR A 28  ? ALA A 33  ? THR A 28  ALA A 33  
AA1 3 ALA A 38  ? GLU A 44  ? ALA A 38  GLU A 44  
AA1 4 TYR A 54  ? TYR A 60  ? TYR A 54  TYR A 60  
AA1 5 THR A 71  ? LYS A 80  ? THR A 71  LYS A 80  
AA1 6 ASN A 85  ? VAL A 97  ? ASN A 85  VAL A 97  
AA1 7 ARG A 103 ? GLU A 112 ? ARG A 103 GLU A 112 
AA1 8 THR A 123 ? THR A 131 ? THR A 123 THR A 131 
AA1 9 GLY A 19  ? ASN A 23  ? GLY A 19  ASN A 23  
# 
loop_
_pdbx_struct_sheet_hbond.sheet_id 
_pdbx_struct_sheet_hbond.range_id_1 
_pdbx_struct_sheet_hbond.range_id_2 
_pdbx_struct_sheet_hbond.range_1_label_atom_id 
_pdbx_struct_sheet_hbond.range_1_label_comp_id 
_pdbx_struct_sheet_hbond.range_1_label_asym_id 
_pdbx_struct_sheet_hbond.range_1_label_seq_id 
_pdbx_struct_sheet_hbond.range_1_PDB_ins_code 
_pdbx_struct_sheet_hbond.range_1_auth_atom_id 
_pdbx_struct_sheet_hbond.range_1_auth_comp_id 
_pdbx_struct_sheet_hbond.range_1_auth_asym_id 
_pdbx_struct_sheet_hbond.range_1_auth_seq_id 
_pdbx_struct_sheet_hbond.range_2_label_atom_id 
_pdbx_struct_sheet_hbond.range_2_label_comp_id 
_pdbx_struct_sheet_hbond.range_2_label_asym_id 
_pdbx_struct_sheet_hbond.range_2_label_seq_id 
_pdbx_struct_sheet_hbond.range_2_PDB_ins_code 
_pdbx_struct_sheet_hbond.range_2_auth_atom_id 
_pdbx_struct_sheet_hbond.range_2_auth_comp_id 
_pdbx_struct_sheet_hbond.range_2_auth_asym_id 
_pdbx_struct_sheet_hbond.range_2_auth_seq_id 
AA1 1 2 N TRP A 21  ? N TRP A 21  O PHE A 29  ? O PHE A 29  
AA1 2 3 N ILE A 30  ? N ILE A 30  O THR A 42  ? O THR A 42  
AA1 3 4 N TYR A 43  ? N TYR A 43  O TYR A 54  ? O TYR A 54  
AA1 4 5 N THR A 57  ? N THR A 57  O THR A 76  ? O THR A 76  
AA1 5 6 N TRP A 79  ? N TRP A 79  O SER A 88  ? O SER A 88  
AA1 6 7 N SER A 93  ? N SER A 93  O GLN A 107 ? O GLN A 107 
AA1 7 8 N LEU A 110 ? N LEU A 110 O LEU A 124 ? O LEU A 124 
AA1 8 9 O THR A 131 ? O THR A 131 N TYR A 22  ? N TYR A 22  
# 
_struct_site.id                   AC1 
_struct_site.pdbx_evidence_code   Software 
_struct_site.pdbx_auth_asym_id    A 
_struct_site.pdbx_auth_comp_id    QG7 
_struct_site.pdbx_auth_seq_id     201 
_struct_site.pdbx_auth_ins_code   ? 
_struct_site.pdbx_num_residues    22 
_struct_site.details              'binding site for residue QG7 A 201' 
# 
loop_
_struct_site_gen.id 
_struct_site_gen.site_id 
_struct_site_gen.pdbx_num_res 
_struct_site_gen.label_comp_id 
_struct_site_gen.label_asym_id 
_struct_site_gen.label_seq_id 
_struct_site_gen.pdbx_auth_ins_code 
_struct_site_gen.auth_comp_id 
_struct_site_gen.auth_asym_id 
_struct_site_gen.auth_seq_id 
_struct_site_gen.label_atom_id 
_struct_site_gen.label_alt_id 
_struct_site_gen.symmetry 
_struct_site_gen.details 
1  AC1 22 ASN A 23  ? ASN A 23  . ? 1_555  ? 
2  AC1 22 LEU A 25  ? LEU A 25  . ? 1_555  ? 
3  AC1 22 SER A 27  ? SER A 27  . ? 1_555  ? 
4  AC1 22 TYR A 43  ? TYR A 43  . ? 1_555  ? 
5  AC1 22 SER A 45  ? SER A 45  . ? 1_555  ? 
6  AC1 22 VAL A 47  ? VAL A 47  . ? 1_555  ? 
7  AC1 22 GLY A 48  ? GLY A 48  . ? 1_555  ? 
8  AC1 22 ASN A 49  ? ASN A 49  . ? 1_555  ? 
9  AC1 22 TRP A 79  ? TRP A 79  . ? 1_555  ? 
10 AC1 22 SER A 88  ? SER A 88  . ? 1_555  ? 
11 AC1 22 THR A 90  ? THR A 90  . ? 1_555  ? 
12 AC1 22 TRP A 108 ? TRP A 108 . ? 1_555  ? 
13 AC1 22 LEU A 110 ? LEU A 110 . ? 1_555  ? 
14 AC1 22 GLU A 112 ? GLU A 112 . ? 1_555  ? 
15 AC1 22 TRP A 120 ? TRP A 120 . ? 10_665 ? 
16 AC1 22 ALA A 121 ? ALA A 121 . ? 10_665 ? 
17 AC1 22 ALA A 121 ? ALA A 121 . ? 1_555  ? 
18 AC1 22 SER A 122 ? SER A 122 . ? 1_555  ? 
19 AC1 22 ASP A 128 ? ASP A 128 . ? 1_555  ? 
20 AC1 22 HOH C .   ? HOH A 327 . ? 1_555  ? 
21 AC1 22 HOH C .   ? HOH A 358 . ? 1_555  ? 
22 AC1 22 HOH C .   ? HOH A 404 . ? 10_665 ? 
# 
_atom_sites.entry_id                    6UIU 
_atom_sites.Cartn_transf_matrix[1][1]   ? 
_atom_sites.Cartn_transf_matrix[1][2]   ? 
_atom_sites.Cartn_transf_matrix[1][3]   ? 
_atom_sites.Cartn_transf_matrix[2][1]   ? 
_atom_sites.Cartn_transf_matrix[2][2]   ? 
_atom_sites.Cartn_transf_matrix[2][3]   ? 
_atom_sites.Cartn_transf_matrix[3][1]   ? 
_atom_sites.Cartn_transf_matrix[3][2]   ? 
_atom_sites.Cartn_transf_matrix[3][3]   ? 
_atom_sites.Cartn_transf_vector[1]      ? 
_atom_sites.Cartn_transf_vector[2]      ? 
_atom_sites.Cartn_transf_vector[3]      ? 
_atom_sites.fract_transf_matrix[1][1]   0.00274322 
_atom_sites.fract_transf_matrix[1][2]   0.00409782 
_atom_sites.fract_transf_matrix[1][3]   0.01656143 
_atom_sites.fract_transf_matrix[2][1]   0.00400495 
_atom_sites.fract_transf_matrix[2][2]   0.01615076 
_atom_sites.fract_transf_matrix[2][3]   -0.00465959 
_atom_sites.fract_transf_matrix[3][1]   -0.00520750 
_atom_sites.fract_transf_matrix[3][2]   0.00143755 
_atom_sites.fract_transf_matrix[3][3]   0.00050687 
_atom_sites.fract_transf_vector[1]      0.240527 
_atom_sites.fract_transf_vector[2]      0.422663 
_atom_sites.fract_transf_vector[3]      -0.009400 
_atom_sites.solution_primary            ? 
_atom_sites.solution_secondary          ? 
_atom_sites.solution_hydrogens          ? 
_atom_sites.special_details             ? 
# 
loop_
_atom_type.symbol 
C 
N 
O 
S 
# 
loop_
_atom_site.group_PDB 
_atom_site.id 
_atom_site.type_symbol 
_atom_site.label_atom_id 
_atom_site.label_alt_id 
_atom_site.label_comp_id 
_atom_site.label_asym_id 
_atom_site.label_entity_id 
_atom_site.label_seq_id 
_atom_site.pdbx_PDB_ins_code 
_atom_site.Cartn_x 
_atom_site.Cartn_y 
_atom_site.Cartn_z 
_atom_site.occupancy 
_atom_site.B_iso_or_equiv 
_atom_site.pdbx_formal_charge 
_atom_site.auth_seq_id 
_atom_site.auth_comp_id 
_atom_site.auth_asym_id 
_atom_site.auth_atom_id 
_atom_site.pdbx_PDB_model_num 
ATOM   1    N N   . GLY A 1 11  ? -17.427 -4.417  -6.335  1.00 33.76 ? 11  GLY A N   1 
ATOM   2    C CA  . GLY A 1 11  ? -17.158 -3.218  -5.474  1.00 35.40 ? 11  GLY A CA  1 
ATOM   3    C C   . GLY A 1 11  ? -17.306 -1.949  -6.286  1.00 35.05 ? 11  GLY A C   1 
ATOM   4    O O   . GLY A 1 11  ? -16.957 -2.008  -7.488  1.00 30.03 ? 11  GLY A O   1 
ATOM   5    N N   . ARG A 1 12  ? -17.765 -0.843  -5.683  1.00 34.49 ? 12  ARG A N   1 
ATOM   6    C CA  . ARG A 1 12  ? -18.081 0.416   -6.429  1.00 37.91 ? 12  ARG A CA  1 
ATOM   7    C C   . ARG A 1 12  ? -16.830 0.875   -7.195  1.00 36.90 ? 12  ARG A C   1 
ATOM   8    O O   . ARG A 1 12  ? -16.931 1.274   -8.391  1.00 34.52 ? 12  ARG A O   1 
ATOM   9    C CB  . ARG A 1 12  ? -18.546 1.526   -5.476  1.00 45.80 ? 12  ARG A CB  1 
ATOM   10   C CG  . ARG A 1 12  ? -19.765 2.320   -5.937  1.00 56.81 ? 12  ARG A CG  1 
ATOM   11   C CD  . ARG A 1 12  ? -19.759 2.756   -7.395  1.00 64.76 ? 12  ARG A CD  1 
ATOM   12   N NE  . ARG A 1 12  ? -18.855 3.871   -7.666  1.00 71.74 ? 12  ARG A NE  1 
ATOM   13   C CZ  . ARG A 1 12  ? -19.174 4.988   -8.331  1.00 77.46 ? 12  ARG A CZ  1 
ATOM   14   N NH1 . ARG A 1 12  ? -20.389 5.168   -8.827  1.00 79.20 ? 12  ARG A NH1 1 
ATOM   15   N NH2 . ARG A 1 12  ? -18.258 5.924   -8.515  1.00 81.21 ? 12  ARG A NH2 1 
ATOM   16   N N   . ASP A 1 13  ? -15.683 0.847   -6.505  1.00 31.47 ? 13  ASP A N   1 
ATOM   17   C CA  . ASP A 1 13  ? -14.383 1.373   -6.989  1.00 27.76 ? 13  ASP A CA  1 
ATOM   18   C C   . ASP A 1 13  ? -13.459 0.216   -7.356  1.00 24.81 ? 13  ASP A C   1 
ATOM   19   O O   . ASP A 1 13  ? -12.243 0.452   -7.485  1.00 22.78 ? 13  ASP A O   1 
ATOM   20   C CB  . ASP A 1 13  ? -13.742 2.232   -5.905  1.00 27.17 ? 13  ASP A CB  1 
ATOM   21   C CG  . ASP A 1 13  ? -14.615 3.398   -5.491  1.00 28.90 ? 13  ASP A CG  1 
ATOM   22   O OD1 . ASP A 1 13  ? -14.940 4.254   -6.361  1.00 33.36 ? 13  ASP A OD1 1 
ATOM   23   O OD2 . ASP A 1 13  ? -15.009 3.426   -4.346  1.00 26.65 ? 13  ASP A OD2 1 
ATOM   24   N N   . GLU A 1 14  ? -13.983 -0.989  -7.554  1.00 23.87 ? 14  GLU A N   1 
ATOM   25   C CA  . GLU A 1 14  ? -13.155 -2.150  -7.983  1.00 25.29 ? 14  GLU A CA  1 
ATOM   26   C C   . GLU A 1 14  ? -12.323 -1.795  -9.233  1.00 25.95 ? 14  GLU A C   1 
ATOM   27   O O   . GLU A 1 14  ? -11.096 -2.054  -9.258  1.00 22.73 ? 14  GLU A O   1 
ATOM   28   C CB  . GLU A 1 14  ? -14.067 -3.349  -8.247  1.00 27.26 ? 14  GLU A CB  1 
ATOM   29   C CG  . GLU A 1 14  ? -13.311 -4.641  -8.399  1.00 28.91 ? 14  GLU A CG  1 
ATOM   30   C CD  . GLU A 1 14  ? -14.198 -5.857  -8.629  1.00 29.81 ? 14  GLU A CD  1 
ATOM   31   O OE1 . GLU A 1 14  ? -13.670 -6.887  -9.089  1.00 32.78 ? 14  GLU A OE1 1 
ATOM   32   O OE2 . GLU A 1 14  ? -15.402 -5.772  -8.326  1.00 30.78 ? 14  GLU A OE2 1 
ATOM   33   N N   . ALA A 1 15  ? -12.962 -1.273  -10.284 1.00 24.77 ? 15  ALA A N   1 
ATOM   34   C CA  . ALA A 1 15  ? -12.323 -0.953  -11.584 1.00 23.92 ? 15  ALA A CA  1 
ATOM   35   C C   . ALA A 1 15  ? -11.335 0.214   -11.423 1.00 21.10 ? 15  ALA A C   1 
ATOM   36   O O   . ALA A 1 15  ? -10.206 0.140   -11.966 1.00 24.26 ? 15  ALA A O   1 
ATOM   37   C CB  . ALA A 1 15  ? -13.434 -0.632  -12.559 1.00 25.93 ? 15  ALA A CB  1 
ATOM   38   N N   . GLY A 1 16  ? -11.694 1.217   -10.618 1.00 18.19 ? 16  GLY A N   1 
ATOM   39   C CA  . GLY A 1 16  ? -10.847 2.404   -10.399 1.00 16.87 ? 16  GLY A CA  1 
ATOM   40   C C   . GLY A 1 16  ? -9.560  2.031   -9.677  1.00 15.52 ? 16  GLY A C   1 
ATOM   41   O O   . GLY A 1 16  ? -8.499  2.565   -10.001 1.00 15.78 ? 16  GLY A O   1 
ATOM   42   N N   . ILE A 1 17  ? -9.627  1.130   -8.689  1.00 14.09 ? 17  ILE A N   1 
ATOM   43   C CA  . ILE A 1 17  ? -8.440  0.816   -7.849  1.00 13.91 ? 17  ILE A CA  1 
ATOM   44   C C   . ILE A 1 17  ? -7.529  -0.159  -8.610  1.00 15.09 ? 17  ILE A C   1 
ATOM   45   O O   . ILE A 1 17  ? -6.300  -0.073  -8.538  1.00 14.08 ? 17  ILE A O   1 
ATOM   46   C CB  . ILE A 1 17  ? -8.900  0.216   -6.500  1.00 14.62 ? 17  ILE A CB  1 
ATOM   47   C CG1 . ILE A 1 17  ? -9.601  1.279   -5.651  1.00 15.80 ? 17  ILE A CG1 1 
ATOM   48   C CG2 . ILE A 1 17  ? -7.732  -0.413  -5.773  1.00 15.16 ? 17  ILE A CG2 1 
ATOM   49   C CD1 . ILE A 1 17  ? -10.324 0.705   -4.431  1.00 17.47 ? 17  ILE A CD1 1 
ATOM   50   N N   . THR A 1 18  ? -8.117  -1.152  -9.236  1.00 13.54 ? 18  THR A N   1 
ATOM   51   C CA  . THR A 1 18  ? -7.343  -2.209  -9.913  1.00 13.87 ? 18  THR A CA  1 
ATOM   52   C C   . THR A 1 18  ? -6.392  -1.625  -10.939 1.00 14.60 ? 18  THR A C   1 
ATOM   53   O O   . THR A 1 18  ? -6.808  -0.810  -11.782 1.00 15.62 ? 18  THR A O   1 
ATOM   54   C CB  . THR A 1 18  ? -8.262  -3.215  -10.613 1.00 14.02 ? 18  THR A CB  1 
ATOM   55   O OG1 . THR A 1 18  ? -8.954  -3.951  -9.609  1.00 15.41 ? 18  THR A OG1 1 
ATOM   56   C CG2 . THR A 1 18  ? -7.454  -4.156  -11.462 1.00 15.41 ? 18  THR A CG2 1 
ATOM   57   N N   . GLY A 1 19  ? -5.137  -2.059  -10.892 1.00 14.98 ? 19  GLY A N   1 
ATOM   58   C CA  . GLY A 1 19  ? -4.133  -1.629  -11.885 1.00 13.23 ? 19  GLY A CA  1 
ATOM   59   C C   . GLY A 1 19  ? -2.824  -1.216  -11.251 1.00 13.50 ? 19  GLY A C   1 
ATOM   60   O O   . GLY A 1 19  ? -2.507  -1.627  -10.103 1.00 12.95 ? 19  GLY A O   1 
ATOM   61   N N   . THR A 1 20  ? -2.044  -0.453  -11.962 1.00 13.06 ? 20  THR A N   1 
ATOM   62   C CA  . THR A 1 20  ? -0.668  -0.101  -11.582 1.00 13.83 ? 20  THR A CA  1 
ATOM   63   C C   . THR A 1 20  ? -0.698  1.335   -11.072 1.00 14.78 ? 20  THR A C   1 
ATOM   64   O O   . THR A 1 20  ? -1.239  2.268   -11.759 1.00 16.09 ? 20  THR A O   1 
ATOM   65   C CB  . THR A 1 20  ? 0.295   -0.156  -12.778 1.00 15.24 ? 20  THR A CB  1 
ATOM   66   O OG1 . THR A 1 20  ? 0.227   -1.497  -13.260 1.00 16.14 ? 20  THR A OG1 1 
ATOM   67   C CG2 . THR A 1 20  ? 1.727   0.126   -12.414 1.00 15.52 ? 20  THR A CG2 1 
ATOM   68   N N   . TRP A 1 21  ? -0.009  1.573   -9.969  1.00 12.57 ? 21  TRP A N   1 
ATOM   69   C CA  . TRP A 1 21  ? 0.069   2.884   -9.303  1.00 10.99 ? 21  TRP A CA  1 
ATOM   70   C C   . TRP A 1 21  ? 1.511   3.185   -9.006  1.00 11.16 ? 21  TRP A C   1 
ATOM   71   O O   . TRP A 1 21  ? 2.308   2.271   -8.817  1.00 12.06 ? 21  TRP A O   1 
ATOM   72   C CB  . TRP A 1 21  ? -0.734  2.875   -8.004  1.00 11.44 ? 21  TRP A CB  1 
ATOM   73   C CG  . TRP A 1 21  ? -2.202  2.693   -8.159  1.00 12.08 ? 21  TRP A CG  1 
ATOM   74   C CD1 . TRP A 1 21  ? -2.898  1.518   -8.241  1.00 13.33 ? 21  TRP A CD1 1 
ATOM   75   C CD2 . TRP A 1 21  ? -3.161  3.744   -8.246  1.00 11.28 ? 21  TRP A CD2 1 
ATOM   76   N NE1 . TRP A 1 21  ? -4.234  1.770   -8.373  1.00 13.63 ? 21  TRP A NE1 1 
ATOM   77   C CE2 . TRP A 1 21  ? -4.424  3.149   -8.346  1.00 12.73 ? 21  TRP A CE2 1 
ATOM   78   C CE3 . TRP A 1 21  ? -3.096  5.146   -8.210  1.00 10.81 ? 21  TRP A CE3 1 
ATOM   79   C CZ2 . TRP A 1 21  ? -5.598  3.905   -8.425  1.00 12.23 ? 21  TRP A CZ2 1 
ATOM   80   C CZ3 . TRP A 1 21  ? -4.260  5.876   -8.241  1.00 11.76 ? 21  TRP A CZ3 1 
ATOM   81   C CH2 . TRP A 1 21  ? -5.487  5.270   -8.379  1.00 12.14 ? 21  TRP A CH2 1 
ATOM   82   N N   . TYR A 1 22  ? 1.822   4.462   -8.979  1.00 11.15 ? 22  TYR A N   1 
ATOM   83   C CA  . TYR A 1 22  ? 3.193   4.936   -8.728  1.00 12.84 ? 22  TYR A CA  1 
ATOM   84   C C   . TYR A 1 22  ? 3.185   6.003   -7.635  1.00 12.64 ? 22  TYR A C   1 
ATOM   85   O O   . TYR A 1 22  ? 2.297   6.820   -7.655  1.00 12.71 ? 22  TYR A O   1 
ATOM   86   C CB  . TYR A 1 22  ? 3.778   5.535   -10.026 1.00 14.56 ? 22  TYR A CB  1 
ATOM   87   C CG  . TYR A 1 22  ? 3.679   4.662   -11.257 1.00 15.49 ? 22  TYR A CG  1 
ATOM   88   C CD1 . TYR A 1 22  ? 4.581   3.637   -11.501 1.00 18.38 ? 22  TYR A CD1 1 
ATOM   89   C CD2 . TYR A 1 22  ? 2.591   4.805   -12.106 1.00 18.41 ? 22  TYR A CD2 1 
ATOM   90   C CE1 . TYR A 1 22  ? 4.460   2.834   -12.641 1.00 17.29 ? 22  TYR A CE1 1 
ATOM   91   C CE2 . TYR A 1 22  ? 2.423   3.983   -13.202 1.00 19.37 ? 22  TYR A CE2 1 
ATOM   92   C CZ  . TYR A 1 22  ? 3.374   3.023   -13.481 1.00 18.50 ? 22  TYR A CZ  1 
ATOM   93   O OH  . TYR A 1 22  ? 3.211   2.233   -14.604 1.00 18.26 ? 22  TYR A OH  1 
ATOM   94   N N   . ASN A 1 23  ? 4.151   5.991   -6.722  1.00 12.49 ? 23  ASN A N   1 
ATOM   95   C CA  . ASN A 1 23  ? 4.212   7.078   -5.724  1.00 11.40 ? 23  ASN A CA  1 
ATOM   96   C C   . ASN A 1 23  ? 5.320   8.053   -6.022  1.00 12.61 ? 23  ASN A C   1 
ATOM   97   O O   . ASN A 1 23  ? 6.031   7.926   -7.058  1.00 12.65 ? 23  ASN A O   1 
ATOM   98   C CB  . ASN A 1 23  ? 4.254   6.556   -4.280  1.00 10.38 ? 23  ASN A CB  1 
ATOM   99   C CG  . ASN A 1 23  ? 5.567   5.917   -3.893  1.00 11.52 ? 23  ASN A CG  1 
ATOM   100  O OD1 . ASN A 1 23  ? 6.579   6.024   -4.583  1.00 11.11 ? 23  ASN A OD1 1 
ATOM   101  N ND2 . ASN A 1 23  ? 5.529   5.205   -2.753  1.00 11.09 ? 23  ASN A ND2 1 
ATOM   102  N N   . GLN A 1 24  ? 5.447   9.015   -5.109  1.00 11.45 ? 24  GLN A N   1 
ATOM   103  C CA  . GLN A 1 24  ? 6.351   10.182  -5.306  1.00 14.03 ? 24  GLN A CA  1 
ATOM   104  C C   . GLN A 1 24  ? 7.814   9.742   -5.211  1.00 15.85 ? 24  GLN A C   1 
ATOM   105  O O   . GLN A 1 24  ? 8.689   10.520  -5.598  1.00 17.32 ? 24  GLN A O   1 
ATOM   106  C CB  . GLN A 1 24  ? 5.990   11.272  -4.298  1.00 14.54 ? 24  GLN A CB  1 
ATOM   107  C CG  . GLN A 1 24  ? 6.405   11.033  -2.844  1.00 13.79 ? 24  GLN A CG  1 
ATOM   108  C CD  . GLN A 1 24  ? 5.677   9.920   -2.102  1.00 13.82 ? 24  GLN A CD  1 
ATOM   109  O OE1 . GLN A 1 24  ? 4.596   9.478   -2.532  1.00 13.69 ? 24  GLN A OE1 1 
ATOM   110  N NE2 . GLN A 1 24  ? 6.243   9.477   -0.960  1.00 15.23 ? 24  GLN A NE2 1 
ATOM   111  N N   . LEU A 1 25  ? 8.083   8.528   -4.727  1.00 14.05 ? 25  LEU A N   1 
ATOM   112  C CA  . LEU A 1 25  ? 9.453   8.002   -4.571  1.00 14.85 ? 25  LEU A CA  1 
ATOM   113  C C   . LEU A 1 25  ? 9.821   7.250   -5.836  1.00 14.89 ? 25  LEU A C   1 
ATOM   114  O O   . LEU A 1 25  ? 10.991  6.859   -5.904  1.00 18.16 ? 25  LEU A O   1 
ATOM   115  C CB  . LEU A 1 25  ? 9.536   7.086   -3.357  1.00 14.95 ? 25  LEU A CB  1 
ATOM   116  C CG  . LEU A 1 25  ? 9.282   7.729   -2.004  1.00 16.22 ? 25  LEU A CG  1 
ATOM   117  C CD1 . LEU A 1 25  ? 9.214   6.640   -0.944  1.00 16.95 ? 25  LEU A CD1 1 
ATOM   118  C CD2 . LEU A 1 25  ? 10.349  8.751   -1.678  1.00 20.26 ? 25  LEU A CD2 1 
ATOM   119  N N   . GLY A 1 26  ? 8.882   6.987   -6.740  1.00 15.46 ? 26  GLY A N   1 
ATOM   120  C CA  . GLY A 1 26  ? 9.145   6.124   -7.904  1.00 15.68 ? 26  GLY A CA  1 
ATOM   121  C C   . GLY A 1 26  ? 8.858   4.656   -7.599  1.00 14.77 ? 26  GLY A C   1 
ATOM   122  O O   . GLY A 1 26  ? 9.240   3.813   -8.387  1.00 17.49 ? 26  GLY A O   1 
ATOM   123  N N   . SER A 1 27  ? 8.205   4.318   -6.475  1.00 11.39 ? 27  SER A N   1 
ATOM   124  C CA  . SER A 1 27  ? 7.801   2.933   -6.209  1.00 10.25 ? 27  SER A CA  1 
ATOM   125  C C   . SER A 1 27  ? 6.588   2.563   -7.060  1.00 11.03 ? 27  SER A C   1 
ATOM   126  O O   . SER A 1 27  ? 5.794   3.403   -7.386  1.00 13.55 ? 27  SER A O   1 
ATOM   127  C CB  . SER A 1 27  ? 7.508   2.759   -4.723  1.00 11.07 ? 27  SER A CB  1 
ATOM   128  O OG  . SER A 1 27  ? 8.644   3.020   -3.944  1.00 11.51 ? 27  SER A OG  1 
ATOM   129  N N   . THR A 1 28  ? 6.395   1.288   -7.288  1.00 12.99 ? 28  THR A N   1 
ATOM   130  C CA  . THR A 1 28  ? 5.303   0.744   -8.107  1.00 13.58 ? 28  THR A CA  1 
ATOM   131  C C   . THR A 1 28  ? 4.459   -0.208  -7.265  1.00 13.77 ? 28  THR A C   1 
ATOM   132  O O   . THR A 1 28  ? 4.980   -1.159  -6.702  1.00 13.46 ? 28  THR A O   1 
ATOM   133  C CB  . THR A 1 28  ? 5.824   -0.114  -9.277  1.00 15.52 ? 28  THR A CB  1 
ATOM   134  O OG1 . THR A 1 28  ? 6.819   0.556   -10.026 1.00 20.09 ? 28  THR A OG1 1 
ATOM   135  C CG2 . THR A 1 28  ? 4.741   -0.517  -10.253 1.00 18.68 ? 28  THR A CG2 1 
ATOM   136  N N   . PHE A 1 29  ? 3.154   -0.005  -7.293  1.00 12.86 ? 29  PHE A N   1 
ATOM   137  C CA  . PHE A 1 29  ? 2.111   -0.711  -6.529  1.00 14.32 ? 29  PHE A CA  1 
ATOM   138  C C   . PHE A 1 29  ? 1.189   -1.321  -7.602  1.00 14.71 ? 29  PHE A C   1 
ATOM   139  O O   . PHE A 1 29  ? 0.566   -0.472  -8.314  1.00 15.29 ? 29  PHE A O   1 
ATOM   140  C CB  . PHE A 1 29  ? 1.515   0.302   -5.533  1.00 13.90 ? 29  PHE A CB  1 
ATOM   141  C CG  . PHE A 1 29  ? 0.219   -0.062  -4.891  1.00 14.55 ? 29  PHE A CG  1 
ATOM   142  C CD1 . PHE A 1 29  ? 0.023   -1.310  -4.319  1.00 16.16 ? 29  PHE A CD1 1 
ATOM   143  C CD2 . PHE A 1 29  ? -0.809  0.872   -4.783  1.00 14.52 ? 29  PHE A CD2 1 
ATOM   144  C CE1 . PHE A 1 29  ? -1.153  -1.627  -3.648  1.00 14.79 ? 29  PHE A CE1 1 
ATOM   145  C CE2 . PHE A 1 29  ? -2.007  0.538   -4.184  1.00 14.96 ? 29  PHE A CE2 1 
ATOM   146  C CZ  . PHE A 1 29  ? -2.198  -0.728  -3.634  1.00 15.45 ? 29  PHE A CZ  1 
ATOM   147  N N   . ILE A 1 30  ? 1.158   -2.642  -7.735  1.00 13.52 ? 30  ILE A N   1 
ATOM   148  C CA  . ILE A 1 30  ? 0.297   -3.370  -8.693  1.00 15.21 ? 30  ILE A CA  1 
ATOM   149  C C   . ILE A 1 30  ? -0.762  -4.107  -7.877  1.00 13.84 ? 30  ILE A C   1 
ATOM   150  O O   . ILE A 1 30  ? -0.401  -4.844  -6.985  1.00 14.72 ? 30  ILE A O   1 
ATOM   151  C CB  . ILE A 1 30  ? 1.168   -4.305  -9.536  1.00 20.15 ? 30  ILE A CB  1 
ATOM   152  C CG1 . ILE A 1 30  ? 2.061   -3.490  -10.474 1.00 21.47 ? 30  ILE A CG1 1 
ATOM   153  C CG2 . ILE A 1 30  ? 0.296   -5.275  -10.299 1.00 20.62 ? 30  ILE A CG2 1 
ATOM   154  C CD1 . ILE A 1 30  ? 3.139   -4.276  -11.182 1.00 22.22 ? 30  ILE A CD1 1 
ATOM   155  N N   . VAL A 1 31  ? -2.030  -3.813  -8.090  1.00 13.17 ? 31  VAL A N   1 
ATOM   156  C CA  . VAL A 1 31  ? -3.108  -4.320  -7.223  1.00 14.21 ? 31  VAL A CA  1 
ATOM   157  C C   . VAL A 1 31  ? -4.315  -4.746  -8.037  1.00 15.03 ? 31  VAL A C   1 
ATOM   158  O O   . VAL A 1 31  ? -4.652  -4.094  -9.051  1.00 15.03 ? 31  VAL A O   1 
ATOM   159  C CB  . VAL A 1 31  ? -3.462  -3.258  -6.183  1.00 13.96 ? 31  VAL A CB  1 
ATOM   160  C CG1 . VAL A 1 31  ? -4.113  -2.021  -6.807  1.00 15.39 ? 31  VAL A CG1 1 
ATOM   161  C CG2 . VAL A 1 31  ? -4.314  -3.798  -5.057  1.00 14.99 ? 31  VAL A CG2 1 
ATOM   162  N N   . THR A 1 32  ? -4.951  -5.805  -7.553  1.00 14.96 ? 32  THR A N   1 
ATOM   163  C CA  . THR A 1 32  ? -6.284  -6.241  -8.025  1.00 17.42 ? 32  THR A CA  1 
ATOM   164  C C   . THR A 1 32  ? -7.258  -6.087  -6.859  1.00 16.15 ? 32  THR A C   1 
ATOM   165  O O   . THR A 1 32  ? -6.978  -6.626  -5.771  1.00 14.12 ? 32  THR A O   1 
ATOM   166  C CB  . THR A 1 32  ? -6.236  -7.659  -8.597  1.00 20.08 ? 32  THR A CB  1 
ATOM   167  O OG1 . THR A 1 32  ? -5.401  -7.598  -9.767  1.00 23.23 ? 32  THR A OG1 1 
ATOM   168  C CG2 . THR A 1 32  ? -7.606  -8.205  -8.969  1.00 21.63 ? 32  THR A CG2 1 
ATOM   169  N N   . ALA A 1 33  ? -8.331  -5.337  -7.074  1.00 15.44 ? 33  ALA A N   1 
ATOM   170  C CA  . ALA A 1 33  ? -9.427  -5.174  -6.100  1.00 16.51 ? 33  ALA A CA  1 
ATOM   171  C C   . ALA A 1 33  ? -10.488 -6.224  -6.408  1.00 19.78 ? 33  ALA A C   1 
ATOM   172  O O   . ALA A 1 33  ? -10.870 -6.329  -7.565  1.00 19.22 ? 33  ALA A O   1 
ATOM   173  C CB  . ALA A 1 33  ? -9.958  -3.772  -6.123  1.00 16.91 ? 33  ALA A CB  1 
ATOM   174  N N   . GLY A 1 34  ? -10.869 -7.019  -5.423  1.00 16.64 ? 34  GLY A N   1 
ATOM   175  C CA  . GLY A 1 34  ? -11.898 -8.068  -5.540  1.00 17.56 ? 34  GLY A CA  1 
ATOM   176  C C   . GLY A 1 34  ? -13.275 -7.538  -5.183  1.00 19.06 ? 34  GLY A C   1 
ATOM   177  O O   . GLY A 1 34  ? -13.419 -6.499  -4.487  1.00 18.94 ? 34  GLY A O   1 
ATOM   178  N N   . ALA A 1 35  ? -14.317 -8.220  -5.668  1.00 20.28 ? 35  ALA A N   1 
ATOM   179  C CA  . ALA A 1 35  ? -15.719 -7.846  -5.404  1.00 22.79 ? 35  ALA A CA  1 
ATOM   180  C C   . ALA A 1 35  ? -16.021 -7.888  -3.903  1.00 23.43 ? 35  ALA A C   1 
ATOM   181  O O   . ALA A 1 35  ? -16.911 -7.132  -3.497  1.00 29.41 ? 35  ALA A O   1 
ATOM   182  C CB  . ALA A 1 35  ? -16.655 -8.771  -6.140  1.00 24.43 ? 35  ALA A CB  1 
ATOM   183  N N   . ASP A 1 36  ? -15.345 -8.721  -3.109  1.00 25.11 ? 36  ASP A N   1 
ATOM   184  C CA  . ASP A 1 36  ? -15.698 -8.817  -1.672  1.00 28.49 ? 36  ASP A CA  1 
ATOM   185  C C   . ASP A 1 36  ? -14.718 -8.007  -0.789  1.00 23.41 ? 36  ASP A C   1 
ATOM   186  O O   . ASP A 1 36  ? -14.699 -8.260  0.417   1.00 23.62 ? 36  ASP A O   1 
ATOM   187  C CB  . ASP A 1 36  ? -15.791 -10.276 -1.205  1.00 36.44 ? 36  ASP A CB  1 
ATOM   188  C CG  . ASP A 1 36  ? -16.602 -10.420 0.087   1.00 49.85 ? 36  ASP A CG  1 
ATOM   189  O OD1 . ASP A 1 36  ? -17.819 -10.050 0.065   1.00 56.42 ? 36  ASP A OD1 1 
ATOM   190  O OD2 . ASP A 1 36  ? -16.015 -10.867 1.131   1.00 61.13 ? 36  ASP A OD2 1 
ATOM   191  N N   . GLY A 1 37  ? -13.994 -7.025  -1.331  1.00 17.52 ? 37  GLY A N   1 
ATOM   192  C CA  . GLY A 1 37  ? -13.165 -6.101  -0.515  1.00 15.16 ? 37  GLY A CA  1 
ATOM   193  C C   . GLY A 1 37  ? -11.703 -6.466  -0.455  1.00 13.00 ? 37  GLY A C   1 
ATOM   194  O O   . GLY A 1 37  ? -10.956 -5.755  0.247   1.00 13.09 ? 37  GLY A O   1 
ATOM   195  N N   . ALA A 1 38  ? -11.270 -7.516  -1.124  1.00 13.18 ? 38  ALA A N   1 
ATOM   196  C CA  . ALA A 1 38  ? -9.850  -7.919  -1.100  1.00 12.24 ? 38  ALA A CA  1 
ATOM   197  C C   . ALA A 1 38  ? -8.990  -7.037  -2.004  1.00 12.54 ? 38  ALA A C   1 
ATOM   198  O O   . ALA A 1 38  ? -9.428  -6.637  -3.101  1.00 13.88 ? 38  ALA A O   1 
ATOM   199  C CB  . ALA A 1 38  ? -9.730  -9.367  -1.499  1.00 15.46 ? 38  ALA A CB  1 
ATOM   200  N N   . LEU A 1 39  ? -7.754  -6.829  -1.572  1.00 12.07 ? 39  LEU A N   1 
ATOM   201  C CA  . LEU A 1 39  ? -6.652  -6.264  -2.392  1.00 11.39 ? 39  LEU A CA  1 
ATOM   202  C C   . LEU A 1 39  ? -5.526  -7.261  -2.389  1.00 11.30 ? 39  LEU A C   1 
ATOM   203  O O   . LEU A 1 39  ? -5.126  -7.783  -1.351  1.00 11.56 ? 39  LEU A O   1 
ATOM   204  C CB  . LEU A 1 39  ? -6.105  -4.958  -1.824  1.00 12.11 ? 39  LEU A CB  1 
ATOM   205  C CG  . LEU A 1 39  ? -7.086  -3.802  -1.651  1.00 13.02 ? 39  LEU A CG  1 
ATOM   206  C CD1 . LEU A 1 39  ? -6.389  -2.692  -0.936  1.00 12.49 ? 39  LEU A CD1 1 
ATOM   207  C CD2 . LEU A 1 39  ? -7.630  -3.335  -2.992  1.00 12.35 ? 39  LEU A CD2 1 
ATOM   208  N N   . THR A 1 40  ? -5.090  -7.643  -3.594  1.00 12.63 ? 40  THR A N   1 
ATOM   209  C CA  A THR A 1 40  ? -3.934  -8.549  -3.761  0.50 12.78 ? 40  THR A CA  1 
ATOM   210  C CA  B THR A 1 40  ? -3.982  -8.593  -3.809  0.50 12.82 ? 40  THR A CA  1 
ATOM   211  C C   . THR A 1 40  ? -3.026  -7.997  -4.852  1.00 12.89 ? 40  THR A C   1 
ATOM   212  O O   . THR A 1 40  ? -3.503  -7.332  -5.791  1.00 16.32 ? 40  THR A O   1 
ATOM   213  C CB  A THR A 1 40  ? -4.321  -9.970  -4.187  0.50 14.17 ? 40  THR A CB  1 
ATOM   214  C CB  B THR A 1 40  ? -4.524  -9.957  -4.267  0.50 13.92 ? 40  THR A CB  1 
ATOM   215  O OG1 A THR A 1 40  ? -5.137  -9.811  -5.339  0.50 15.81 ? 40  THR A OG1 1 
ATOM   216  O OG1 B THR A 1 40  ? -5.634  -10.343 -3.442  0.50 14.78 ? 40  THR A OG1 1 
ATOM   217  C CG2 A THR A 1 40  ? -5.017  -10.775 -3.110  0.50 13.98 ? 40  THR A CG2 1 
ATOM   218  C CG2 B THR A 1 40  ? -3.440  -11.017 -4.210  0.50 14.64 ? 40  THR A CG2 1 
ATOM   219  N N   . GLY A 1 41  ? -1.726  -8.212  -4.721  1.00 12.16 ? 41  GLY A N   1 
ATOM   220  C CA  . GLY A 1 41  ? -0.800  -7.783  -5.792  1.00 11.57 ? 41  GLY A CA  1 
ATOM   221  C C   . GLY A 1 41  ? 0.624   -7.766  -5.309  1.00 11.16 ? 41  GLY A C   1 
ATOM   222  O O   . GLY A 1 41  ? 1.025   -8.628  -4.487  1.00 11.54 ? 41  GLY A O   1 
ATOM   223  N N   . THR A 1 42  ? 1.397   -6.819  -5.813  1.00 11.30 ? 42  THR A N   1 
ATOM   224  C CA  . THR A 1 42  ? 2.858   -6.776  -5.583  1.00 12.04 ? 42  THR A CA  1 
ATOM   225  C C   . THR A 1 42  ? 3.282   -5.329  -5.437  1.00 11.66 ? 42  THR A C   1 
ATOM   226  O O   . THR A 1 42  ? 2.644   -4.384  -6.046  1.00 12.03 ? 42  THR A O   1 
ATOM   227  C CB  . THR A 1 42  ? 3.664   -7.489  -6.694  1.00 13.24 ? 42  THR A CB  1 
ATOM   228  O OG1 . THR A 1 42  ? 3.490   -6.763  -7.908  1.00 16.67 ? 42  THR A OG1 1 
ATOM   229  C CG2 . THR A 1 42  ? 3.305   -8.957  -6.849  1.00 13.54 ? 42  THR A CG2 1 
ATOM   230  N N   . TYR A 1 43  ? 4.339   -5.131  -4.687  1.00 10.44 ? 43  TYR A N   1 
ATOM   231  C CA  . TYR A 1 43  ? 4.912   -3.807  -4.405  1.00 9.25  ? 43  TYR A CA  1 
ATOM   232  C C   . TYR A 1 43  ? 6.397   -3.850  -4.729  1.00 9.72  ? 43  TYR A C   1 
ATOM   233  O O   . TYR A 1 43  ? 7.083   -4.769  -4.358  1.00 11.64 ? 43  TYR A O   1 
ATOM   234  C CB  . TYR A 1 43  ? 4.689   -3.385  -2.950  1.00 9.58  ? 43  TYR A CB  1 
ATOM   235  C CG  . TYR A 1 43  ? 4.795   -1.908  -2.712  1.00 9.30  ? 43  TYR A CG  1 
ATOM   236  C CD1 . TYR A 1 43  ? 6.010   -1.279  -2.562  1.00 8.89  ? 43  TYR A CD1 1 
ATOM   237  C CD2 . TYR A 1 43  ? 3.661   -1.122  -2.646  1.00 9.38  ? 43  TYR A CD2 1 
ATOM   238  C CE1 . TYR A 1 43  ? 6.105   0.087   -2.317  1.00 9.17  ? 43  TYR A CE1 1 
ATOM   239  C CE2 . TYR A 1 43  ? 3.733   0.252   -2.486  1.00 9.66  ? 43  TYR A CE2 1 
ATOM   240  C CZ  . TYR A 1 43  ? 4.956   0.849   -2.278  1.00 8.85  ? 43  TYR A CZ  1 
ATOM   241  O OH  . TYR A 1 43  ? 5.008   2.192   -2.023  1.00 9.85  ? 43  TYR A OH  1 
ATOM   242  N N   . GLU A 1 44  ? 6.899   -2.799  -5.359  1.00 10.74 ? 44  GLU A N   1 
ATOM   243  C CA  . GLU A 1 44  ? 8.349   -2.683  -5.621  1.00 11.22 ? 44  GLU A CA  1 
ATOM   244  C C   . GLU A 1 44  ? 8.737   -1.292  -5.138  1.00 10.51 ? 44  GLU A C   1 
ATOM   245  O O   . GLU A 1 44  ? 8.219   -0.289  -5.657  1.00 11.26 ? 44  GLU A O   1 
ATOM   246  C CB  . GLU A 1 44  ? 8.583   -2.846  -7.114  1.00 14.92 ? 44  GLU A CB  1 
ATOM   247  C CG  . GLU A 1 44  ? 9.991   -2.519  -7.521  1.00 17.82 ? 44  GLU A CG  1 
ATOM   248  C CD  . GLU A 1 44  ? 10.329  -2.942  -8.961  1.00 22.14 ? 44  GLU A CD  1 
ATOM   249  O OE1 . GLU A 1 44  ? 11.533  -2.868  -9.281  1.00 27.90 ? 44  GLU A OE1 1 
ATOM   250  O OE2 . GLU A 1 44  ? 9.429   -3.403  -9.737  1.00 25.48 ? 44  GLU A OE2 1 
ATOM   251  N N   . SER A 1 45  ? 9.548   -1.221  -4.093  1.00 10.86 ? 45  SER A N   1 
ATOM   252  C CA  . SER A 1 45  ? 10.047  0.034   -3.544  1.00 12.34 ? 45  SER A CA  1 
ATOM   253  C C   . SER A 1 45  ? 11.230  0.513   -4.336  1.00 11.75 ? 45  SER A C   1 
ATOM   254  O O   . SER A 1 45  ? 12.207  -0.254  -4.482  1.00 14.01 ? 45  SER A O   1 
ATOM   255  C CB  . SER A 1 45  ? 10.407  -0.151  -2.120  1.00 11.95 ? 45  SER A CB  1 
ATOM   256  O OG  . SER A 1 45  ? 10.779  1.097   -1.610  1.00 11.45 ? 45  SER A OG  1 
ATOM   257  N N   . ALA A 1 46  ? 11.236  1.802   -4.643  1.00 12.01 ? 46  ALA A N   1 
ATOM   258  C CA  . ALA A 1 46  ? 12.413  2.499   -5.223  1.00 13.82 ? 46  ALA A CA  1 
ATOM   259  C C   . ALA A 1 46  ? 13.472  2.813   -4.167  1.00 14.04 ? 46  ALA A C   1 
ATOM   260  O O   . ALA A 1 46  ? 14.588  3.180   -4.543  1.00 14.65 ? 46  ALA A O   1 
ATOM   261  C CB  . ALA A 1 46  ? 12.002  3.746   -5.912  1.00 16.06 ? 46  ALA A CB  1 
ATOM   262  N N   . VAL A 1 47  ? 13.190  2.694   -2.878  1.00 12.96 ? 47  VAL A N   1 
ATOM   263  C CA  . VAL A 1 47  ? 14.126  3.059   -1.779  1.00 12.33 ? 47  VAL A CA  1 
ATOM   264  C C   . VAL A 1 47  ? 14.188  1.938   -0.733  1.00 11.78 ? 47  VAL A C   1 
ATOM   265  O O   . VAL A 1 47  ? 13.302  1.085   -0.604  1.00 11.76 ? 47  VAL A O   1 
ATOM   266  C CB  . VAL A 1 47  ? 13.728  4.403   -1.139  1.00 11.48 ? 47  VAL A CB  1 
ATOM   267  C CG1 . VAL A 1 47  ? 13.729  5.568   -2.130  1.00 12.18 ? 47  VAL A CG1 1 
ATOM   268  C CG2 . VAL A 1 47  ? 12.378  4.329   -0.455  1.00 12.09 ? 47  VAL A CG2 1 
ATOM   269  N N   . GLY A 1 48  ? 15.186  2.064   0.101   1.00 12.61 ? 48  GLY A N   1 
ATOM   270  C CA  . GLY A 1 48  ? 15.343  1.190   1.255   1.00 12.77 ? 48  GLY A CA  1 
ATOM   271  C C   . GLY A 1 48  ? 15.942  -0.152  0.913   1.00 12.18 ? 48  GLY A C   1 
ATOM   272  O O   . GLY A 1 48  ? 16.512  -0.349  -0.185  1.00 12.64 ? 48  GLY A O   1 
ATOM   273  N N   . ASN A 1 49  ? 15.827  -1.067  1.877   1.00 11.33 ? 49  ASN A N   1 
ATOM   274  C CA  . ASN A 1 49  ? 16.460  -2.393  1.853   1.00 12.08 ? 49  ASN A CA  1 
ATOM   275  C C   . ASN A 1 49  ? 15.470  -3.322  1.147   1.00 11.96 ? 49  ASN A C   1 
ATOM   276  O O   . ASN A 1 49  ? 14.798  -4.136  1.798   1.00 12.93 ? 49  ASN A O   1 
ATOM   277  C CB  . ASN A 1 49  ? 16.854  -2.817  3.243   1.00 13.44 ? 49  ASN A CB  1 
ATOM   278  C CG  . ASN A 1 49  ? 17.608  -4.117  3.211   1.00 15.21 ? 49  ASN A CG  1 
ATOM   279  O OD1 . ASN A 1 49  ? 17.997  -4.590  2.133   1.00 18.56 ? 49  ASN A OD1 1 
ATOM   280  N ND2 . ASN A 1 49  ? 17.805  -4.672  4.382   1.00 16.95 ? 49  ASN A ND2 1 
ATOM   281  N N   . ALA A 1 50  ? 15.401  -3.185  -0.160  1.00 13.08 ? 50  ALA A N   1 
ATOM   282  C CA  . ALA A 1 50  ? 14.371  -3.804  -1.004  1.00 13.39 ? 50  ALA A CA  1 
ATOM   283  C C   . ALA A 1 50  ? 14.881  -3.930  -2.424  1.00 12.74 ? 50  ALA A C   1 
ATOM   284  O O   . ALA A 1 50  ? 15.589  -2.995  -2.901  1.00 15.01 ? 50  ALA A O   1 
ATOM   285  C CB  . ALA A 1 50  ? 13.092  -3.005  -0.915  1.00 13.05 ? 50  ALA A CB  1 
ATOM   286  N N   . GLU A 1 51  ? 14.550  -5.045  -3.057  1.00 13.81 ? 51  GLU A N   1 
ATOM   287  C CA  . GLU A 1 51  ? 14.771  -5.182  -4.499  1.00 14.69 ? 51  GLU A CA  1 
ATOM   288  C C   . GLU A 1 51  ? 13.650  -6.066  -5.038  1.00 12.77 ? 51  GLU A C   1 
ATOM   289  O O   . GLU A 1 51  ? 13.221  -7.040  -4.364  1.00 13.59 ? 51  GLU A O   1 
ATOM   290  C CB  . GLU A 1 51  ? 16.195  -5.683  -4.790  1.00 19.04 ? 51  GLU A CB  1 
ATOM   291  C CG  . GLU A 1 51  ? 16.345  -7.162  -4.707  1.00 23.75 ? 51  GLU A CG  1 
ATOM   292  C CD  . GLU A 1 51  ? 17.731  -7.699  -5.011  1.00 27.63 ? 51  GLU A CD  1 
ATOM   293  O OE1 . GLU A 1 51  ? 17.913  -8.200  -6.147  1.00 31.70 ? 51  GLU A OE1 1 
ATOM   294  O OE2 . GLU A 1 51  ? 18.599  -7.659  -4.109  1.00 29.46 ? 51  GLU A OE2 1 
ATOM   295  N N   . SER A 1 52  ? 13.246  -5.735  -6.240  1.00 13.54 ? 52  SER A N   1 
ATOM   296  C CA  . SER A 1 52  ? 12.242  -6.473  -7.013  1.00 13.75 ? 52  SER A CA  1 
ATOM   297  C C   . SER A 1 52  ? 10.889  -6.397  -6.281  1.00 13.88 ? 52  SER A C   1 
ATOM   298  O O   . SER A 1 52  ? 10.654  -5.475  -5.492  1.00 14.49 ? 52  SER A O   1 
ATOM   299  C CB  . SER A 1 52  ? 12.705  -7.902  -7.241  1.00 16.95 ? 52  SER A CB  1 
ATOM   300  O OG  . SER A 1 52  ? 11.824  -8.585  -8.124  1.00 21.88 ? 52  SER A OG  1 
ATOM   301  N N   . ARG A 1 53  ? 10.043  -7.381  -6.528  1.00 12.62 ? 53  ARG A N   1 
ATOM   302  C CA  . ARG A 1 53  ? 8.644   -7.294  -6.073  1.00 13.39 ? 53  ARG A CA  1 
ATOM   303  C C   . ARG A 1 53  ? 8.478   -8.057  -4.751  1.00 11.55 ? 53  ARG A C   1 
ATOM   304  O O   . ARG A 1 53  ? 9.076   -9.110  -4.565  1.00 12.48 ? 53  ARG A O   1 
ATOM   305  C CB  . ARG A 1 53  ? 7.713   -7.859  -7.155  1.00 15.77 ? 53  ARG A CB  1 
ATOM   306  C CG  . ARG A 1 53  ? 7.650   -7.016  -8.424  1.00 21.60 ? 53  ARG A CG  1 
ATOM   307  C CD  . ARG A 1 53  ? 6.735   -7.705  -9.411  1.00 29.19 ? 53  ARG A CD  1 
ATOM   308  N NE  A ARG A 1 53  ? 6.726   -6.986  -10.684 0.50 33.49 ? 53  ARG A NE  1 
ATOM   309  N NE  B ARG A 1 53  ? 6.864   -7.156  -10.755 0.50 36.77 ? 53  ARG A NE  1 
ATOM   310  C CZ  A ARG A 1 53  ? 5.912   -7.222  -11.714 0.50 30.90 ? 53  ARG A CZ  1 
ATOM   311  C CZ  B ARG A 1 53  ? 7.868   -7.469  -11.591 0.50 36.73 ? 53  ARG A CZ  1 
ATOM   312  N NH1 A ARG A 1 53  ? 5.984   -6.445  -12.779 0.50 31.59 ? 53  ARG A NH1 1 
ATOM   313  N NH1 B ARG A 1 53  ? 7.916   -6.936  -12.798 0.50 39.42 ? 53  ARG A NH1 1 
ATOM   314  N NH2 A ARG A 1 53  ? 5.049   -8.219  -11.694 0.50 33.55 ? 53  ARG A NH2 1 
ATOM   315  N NH2 B ARG A 1 53  ? 8.832   -8.296  -11.218 0.50 36.05 ? 53  ARG A NH2 1 
ATOM   316  N N   . TYR A 1 54  ? 7.510   -7.592  -3.956  1.00 10.16 ? 54  TYR A N   1 
ATOM   317  C CA  . TYR A 1 54  ? 7.050   -8.198  -2.696  1.00 11.12 ? 54  TYR A CA  1 
ATOM   318  C C   . TYR A 1 54  ? 5.544   -8.393  -2.781  1.00 10.64 ? 54  TYR A C   1 
ATOM   319  O O   . TYR A 1 54  ? 4.858   -7.529  -3.337  1.00 10.66 ? 54  TYR A O   1 
ATOM   320  C CB  . TYR A 1 54  ? 7.470   -7.330  -1.514  1.00 10.34 ? 54  TYR A CB  1 
ATOM   321  C CG  . TYR A 1 54  ? 8.961   -7.176  -1.391  1.00 10.11 ? 54  TYR A CG  1 
ATOM   322  C CD1 . TYR A 1 54  ? 9.646   -6.245  -2.170  1.00 9.77  ? 54  TYR A CD1 1 
ATOM   323  C CD2 . TYR A 1 54  ? 9.696   -7.879  -0.419  1.00 10.93 ? 54  TYR A CD2 1 
ATOM   324  C CE1 . TYR A 1 54  ? 11.010  -6.110  -2.063  1.00 10.44 ? 54  TYR A CE1 1 
ATOM   325  C CE2 . TYR A 1 54  ? 11.075  -7.780  -0.340  1.00 10.84 ? 54  TYR A CE2 1 
ATOM   326  C CZ  . TYR A 1 54  ? 11.709  -6.838  -1.122  1.00 10.54 ? 54  TYR A CZ  1 
ATOM   327  O OH  . TYR A 1 54  ? 13.056  -6.748  -1.104  1.00 10.80 ? 54  TYR A OH  1 
ATOM   328  N N   . VAL A 1 55  ? 5.069   -9.466  -2.177  1.00 11.27 ? 55  VAL A N   1 
ATOM   329  C CA  . VAL A 1 55  ? 3.635   -9.752  -2.083  1.00 12.49 ? 55  VAL A CA  1 
ATOM   330  C C   . VAL A 1 55  ? 2.985   -8.665  -1.227  1.00 11.65 ? 55  VAL A C   1 
ATOM   331  O O   . VAL A 1 55  ? 3.523   -8.281  -0.192  1.00 11.40 ? 55  VAL A O   1 
ATOM   332  C CB  . VAL A 1 55  ? 3.403   -11.128 -1.455  1.00 13.42 ? 55  VAL A CB  1 
ATOM   333  C CG1 . VAL A 1 55  ? 1.931   -11.386 -1.137  1.00 14.60 ? 55  VAL A CG1 1 
ATOM   334  C CG2 . VAL A 1 55  ? 3.988   -12.181 -2.386  1.00 13.58 ? 55  VAL A CG2 1 
ATOM   335  N N   . LEU A 1 56  ? 1.830   -8.219  -1.643  1.00 12.00 ? 56  LEU A N   1 
ATOM   336  C CA  . LEU A 1 56  ? 0.978   -7.417  -0.734  1.00 12.88 ? 56  LEU A CA  1 
ATOM   337  C C   . LEU A 1 56  ? -0.422  -8.009  -0.667  1.00 12.84 ? 56  LEU A C   1 
ATOM   338  O O   . LEU A 1 56  ? -0.939  -8.583  -1.677  1.00 11.98 ? 56  LEU A O   1 
ATOM   339  C CB  . LEU A 1 56  ? 0.917   -5.959  -1.153  1.00 14.47 ? 56  LEU A CB  1 
ATOM   340  C CG  . LEU A 1 56  ? 0.181   -5.682  -2.448  1.00 14.01 ? 56  LEU A CG  1 
ATOM   341  C CD1 . LEU A 1 56  ? -1.328  -5.384  -2.249  1.00 13.10 ? 56  LEU A CD1 1 
ATOM   342  C CD2 . LEU A 1 56  ? 0.829   -4.517  -3.201  1.00 15.15 ? 56  LEU A CD2 1 
ATOM   343  N N   . THR A 1 57  ? -1.072  -7.745  0.464   1.00 11.58 ? 57  THR A N   1 
ATOM   344  C CA  A THR A 1 57  ? -2.494  -8.070  0.640   0.50 10.51 ? 57  THR A CA  1 
ATOM   345  C CA  B THR A 1 57  ? -2.504  -8.085  0.654   0.50 12.02 ? 57  THR A CA  1 
ATOM   346  C C   . THR A 1 57  ? -3.150  -6.953  1.418   1.00 10.58 ? 57  THR A C   1 
ATOM   347  O O   . THR A 1 57  ? -2.468  -6.334  2.229   1.00 10.38 ? 57  THR A O   1 
ATOM   348  C CB  A THR A 1 57  ? -2.608  -9.421  1.335   0.50 9.73  ? 57  THR A CB  1 
ATOM   349  C CB  B THR A 1 57  ? -2.741  -9.417  1.385   0.50 13.31 ? 57  THR A CB  1 
ATOM   350  O OG1 A THR A 1 57  ? -4.004  -9.667  1.446   0.50 9.02  ? 57  THR A OG1 1 
ATOM   351  O OG1 B THR A 1 57  ? -2.467  -9.352  2.784   0.50 13.92 ? 57  THR A OG1 1 
ATOM   352  C CG2 A THR A 1 57  ? -1.913  -9.461  2.676   0.50 9.45  ? 57  THR A CG2 1 
ATOM   353  C CG2 B THR A 1 57  ? -1.903  -10.546 0.838   0.50 15.86 ? 57  THR A CG2 1 
ATOM   354  N N   . GLY A 1 58  ? -4.418  -6.741  1.194   1.00 9.77  ? 58  GLY A N   1 
ATOM   355  C CA  . GLY A 1 58  ? -5.141  -5.779  2.023   1.00 10.17 ? 58  GLY A CA  1 
ATOM   356  C C   . GLY A 1 58  ? -6.616  -5.796  1.769   1.00 9.54  ? 58  GLY A C   1 
ATOM   357  O O   . GLY A 1 58  ? -7.128  -6.800  1.258   1.00 10.50 ? 58  GLY A O   1 
ATOM   358  N N   . ARG A 1 59  ? -7.277  -4.724  2.173   1.00 9.59  ? 59  ARG A N   1 
ATOM   359  C CA  . ARG A 1 59  ? -8.751  -4.638  2.170   1.00 9.32  ? 59  ARG A CA  1 
ATOM   360  C C   . ARG A 1 59  ? -9.143  -3.227  1.750   1.00 9.71  ? 59  ARG A C   1 
ATOM   361  O O   . ARG A 1 59  ? -8.438  -2.257  2.038   1.00 10.68 ? 59  ARG A O   1 
ATOM   362  C CB  . ARG A 1 59  ? -9.340  -4.917  3.548   1.00 9.92  ? 59  ARG A CB  1 
ATOM   363  C CG  . ARG A 1 59  ? -9.020  -6.261  4.140   1.00 10.60 ? 59  ARG A CG  1 
ATOM   364  C CD  . ARG A 1 59  ? -9.650  -7.456  3.473   1.00 11.11 ? 59  ARG A CD  1 
ATOM   365  N NE  . ARG A 1 59  ? -11.078 -7.366  3.596   1.00 10.93 ? 59  ARG A NE  1 
ATOM   366  C CZ  . ARG A 1 59  ? -11.938 -8.078  2.865   1.00 12.37 ? 59  ARG A CZ  1 
ATOM   367  N NH1 . ARG A 1 59  ? -11.478 -8.987  2.027   1.00 14.51 ? 59  ARG A NH1 1 
ATOM   368  N NH2 . ARG A 1 59  ? -13.230 -7.873  3.005   1.00 13.01 ? 59  ARG A NH2 1 
ATOM   369  N N   . TYR A 1 60  ? -10.329 -3.097  1.152   1.00 10.11 ? 60  TYR A N   1 
ATOM   370  C CA  . TYR A 1 60  ? -10.912 -1.776  0.824   1.00 10.18 ? 60  TYR A CA  1 
ATOM   371  C C   . TYR A 1 60  ? -12.411 -1.846  1.147   1.00 10.41 ? 60  TYR A C   1 
ATOM   372  O O   . TYR A 1 60  ? -12.986 -2.924  1.182   1.00 10.89 ? 60  TYR A O   1 
ATOM   373  C CB  . TYR A 1 60  ? -10.608 -1.393  -0.632  1.00 10.38 ? 60  TYR A CB  1 
ATOM   374  C CG  . TYR A 1 60  ? -11.428 -2.060  -1.726  1.00 11.73 ? 60  TYR A CG  1 
ATOM   375  C CD1 . TYR A 1 60  ? -11.226 -3.399  -2.014  1.00 12.23 ? 60  TYR A CD1 1 
ATOM   376  C CD2 . TYR A 1 60  ? -12.448 -1.394  -2.393  1.00 12.10 ? 60  TYR A CD2 1 
ATOM   377  C CE1 . TYR A 1 60  ? -11.940 -4.041  -3.016  1.00 12.81 ? 60  TYR A CE1 1 
ATOM   378  C CE2 . TYR A 1 60  ? -13.205 -2.050  -3.358  1.00 12.63 ? 60  TYR A CE2 1 
ATOM   379  C CZ  . TYR A 1 60  ? -12.961 -3.373  -3.655  1.00 13.43 ? 60  TYR A CZ  1 
ATOM   380  O OH  . TYR A 1 60  ? -13.710 -3.983  -4.642  1.00 16.44 ? 60  TYR A OH  1 
ATOM   381  N N   . ASP A 1 61  ? -12.997 -0.677  1.265   1.00 11.62 ? 61  ASP A N   1 
ATOM   382  C CA  . ASP A 1 61  ? -14.480 -0.513  1.414   1.00 12.62 ? 61  ASP A CA  1 
ATOM   383  C C   . ASP A 1 61  ? -15.117 -0.745  0.053   1.00 12.09 ? 61  ASP A C   1 
ATOM   384  O O   . ASP A 1 61  ? -15.001 0.178   -0.768  1.00 13.46 ? 61  ASP A O   1 
ATOM   385  C CB  . ASP A 1 61  ? -14.794 0.867   2.012   1.00 12.90 ? 61  ASP A CB  1 
ATOM   386  C CG  . ASP A 1 61  ? -16.299 1.117   2.193   1.00 13.21 ? 61  ASP A CG  1 
ATOM   387  O OD1 . ASP A 1 61  ? -17.102 0.130   1.902   1.00 14.08 ? 61  ASP A OD1 1 
ATOM   388  O OD2 . ASP A 1 61  ? -16.603 2.213   2.597   1.00 13.77 ? 61  ASP A OD2 1 
ATOM   389  N N   . SER A 1 62  ? -15.795 -1.886  -0.140  1.00 13.17 ? 62  SER A N   1 
ATOM   390  C CA  . SER A 1 62  ? -16.418 -2.190  -1.452  1.00 14.95 ? 62  SER A CA  1 
ATOM   391  C C   . SER A 1 62  ? -17.790 -1.504  -1.623  1.00 16.87 ? 62  SER A C   1 
ATOM   392  O O   . SER A 1 62  ? -18.363 -1.606  -2.767  1.00 20.86 ? 62  SER A O   1 
ATOM   393  C CB  . SER A 1 62  ? -16.483 -3.698  -1.637  1.00 16.01 ? 62  SER A CB  1 
ATOM   394  O OG  . SER A 1 62  ? -17.169 -4.320  -0.574  1.00 21.10 ? 62  SER A OG  1 
ATOM   395  N N   . ALA A 1 63  ? -18.297 -0.788  -0.609  1.00 15.99 ? 63  ALA A N   1 
ATOM   396  C CA  . ALA A 1 63  ? -19.596 -0.066  -0.678  1.00 17.37 ? 63  ALA A CA  1 
ATOM   397  C C   . ALA A 1 63  ? -19.434 1.294   -0.023  1.00 18.49 ? 63  ALA A C   1 
ATOM   398  O O   . ALA A 1 63  ? -19.947 1.530   1.058   1.00 19.15 ? 63  ALA A O   1 
ATOM   399  C CB  . ALA A 1 63  ? -20.699 -0.829  0.013   1.00 18.28 ? 63  ALA A CB  1 
ATOM   400  N N   . PRO A 1 64  ? -18.639 2.196   -0.611  1.00 17.02 ? 64  PRO A N   1 
ATOM   401  C CA  . PRO A 1 64  ? -18.360 3.500   0.002   1.00 19.69 ? 64  PRO A CA  1 
ATOM   402  C C   . PRO A 1 64  ? -19.579 4.426   0.029   1.00 21.33 ? 64  PRO A C   1 
ATOM   403  O O   . PRO A 1 64  ? -20.576 4.151   -0.617  1.00 22.81 ? 64  PRO A O   1 
ATOM   404  C CB  . PRO A 1 64  ? -17.220 4.083   -0.852  1.00 21.98 ? 64  PRO A CB  1 
ATOM   405  C CG  . PRO A 1 64  ? -17.342 3.368   -2.156  1.00 21.45 ? 64  PRO A CG  1 
ATOM   406  C CD  . PRO A 1 64  ? -17.893 1.998   -1.852  1.00 20.32 ? 64  PRO A CD  1 
ATOM   407  N N   . ALA A 1 65  ? -19.471 5.497   0.786   1.00 20.66 ? 65  ALA A N   1 
ATOM   408  C CA  . ALA A 1 65  ? -20.524 6.525   0.863   1.00 24.75 ? 65  ALA A CA  1 
ATOM   409  C C   . ALA A 1 65  ? -20.706 7.110   -0.542  1.00 26.88 ? 65  ALA A C   1 
ATOM   410  O O   . ALA A 1 65  ? -19.773 7.097   -1.339  1.00 27.35 ? 65  ALA A O   1 
ATOM   411  C CB  . ALA A 1 65  ? -20.171 7.540   1.931   1.00 22.99 ? 65  ALA A CB  1 
ATOM   412  N N   . THR A 1 66  ? -21.903 7.572   -0.873  1.00 32.23 ? 66  THR A N   1 
ATOM   413  C CA  . THR A 1 66  ? -22.204 8.178   -2.198  1.00 36.00 ? 66  THR A CA  1 
ATOM   414  C C   . THR A 1 66  ? -22.225 9.708   -2.085  1.00 38.00 ? 66  THR A C   1 
ATOM   415  O O   . THR A 1 66  ? -22.840 10.326  -2.941  1.00 41.15 ? 66  THR A O   1 
ATOM   416  C CB  . THR A 1 66  ? -23.523 7.623   -2.741  1.00 39.12 ? 66  THR A CB  1 
ATOM   417  O OG1 . THR A 1 66  ? -24.474 7.754   -1.687  1.00 39.19 ? 66  THR A OG1 1 
ATOM   418  C CG2 . THR A 1 66  ? -23.418 6.179   -3.165  1.00 41.33 ? 66  THR A CG2 1 
ATOM   419  N N   . ASP A 1 67  ? -21.563 10.289  -1.079  1.00 32.61 ? 67  ASP A N   1 
ATOM   420  C CA  . ASP A 1 67  ? -21.652 11.734  -0.760  1.00 31.65 ? 67  ASP A CA  1 
ATOM   421  C C   . ASP A 1 67  ? -20.391 12.479  -1.213  1.00 29.90 ? 67  ASP A C   1 
ATOM   422  O O   . ASP A 1 67  ? -20.153 13.561  -0.661  1.00 34.04 ? 67  ASP A O   1 
ATOM   423  C CB  . ASP A 1 67  ? -21.842 11.928  0.748   1.00 31.67 ? 67  ASP A CB  1 
ATOM   424  C CG  . ASP A 1 67  ? -20.723 11.359  1.607   1.00 33.54 ? 67  ASP A CG  1 
ATOM   425  O OD1 . ASP A 1 67  ? -19.768 10.772  1.049   1.00 30.66 ? 67  ASP A OD1 1 
ATOM   426  O OD2 . ASP A 1 67  ? -20.804 11.525  2.821   1.00 38.30 ? 67  ASP A OD2 1 
ATOM   427  N N   . GLY A 1 68  ? -19.580 11.916  -2.115  1.00 30.06 ? 68  GLY A N   1 
ATOM   428  C CA  . GLY A 1 68  ? -18.317 12.548  -2.549  1.00 29.13 ? 68  GLY A CA  1 
ATOM   429  C C   . GLY A 1 68  ? -17.104 12.187  -1.680  1.00 25.90 ? 68  GLY A C   1 
ATOM   430  O O   . GLY A 1 68  ? -16.004 12.691  -1.964  1.00 27.22 ? 68  GLY A O   1 
ATOM   431  N N   . SER A 1 69  ? -17.273 11.390  -0.627  1.00 21.90 ? 69  SER A N   1 
ATOM   432  C CA  . SER A 1 69  ? -16.138 10.918  0.204   1.00 19.49 ? 69  SER A CA  1 
ATOM   433  C C   . SER A 1 69  ? -15.264 9.953   -0.591  1.00 17.68 ? 69  SER A C   1 
ATOM   434  O O   . SER A 1 69  ? -15.764 9.224   -1.452  1.00 18.07 ? 69  SER A O   1 
ATOM   435  C CB  . SER A 1 69  ? -16.618 10.244  1.434   1.00 20.98 ? 69  SER A CB  1 
ATOM   436  O OG  . SER A 1 69  ? -17.283 11.164  2.276   1.00 24.46 ? 69  SER A OG  1 
ATOM   437  N N   . GLY A 1 70  ? -14.005 9.826   -0.179  1.00 14.23 ? 70  GLY A N   1 
ATOM   438  C CA  . GLY A 1 70  ? -13.087 8.806   -0.678  1.00 14.15 ? 70  GLY A CA  1 
ATOM   439  C C   . GLY A 1 70  ? -13.455 7.409   -0.196  1.00 12.66 ? 70  GLY A C   1 
ATOM   440  O O   . GLY A 1 70  ? -14.312 7.240   0.664   1.00 13.49 ? 70  GLY A O   1 
ATOM   441  N N   . THR A 1 71  ? -12.715 6.441   -0.694  1.00 11.76 ? 71  THR A N   1 
ATOM   442  C CA  . THR A 1 71  ? -12.895 5.009   -0.417  1.00 11.50 ? 71  THR A CA  1 
ATOM   443  C C   . THR A 1 71  ? -11.735 4.572   0.459   1.00 10.63 ? 71  THR A C   1 
ATOM   444  O O   . THR A 1 71  ? -10.604 4.472   -0.015  1.00 11.19 ? 71  THR A O   1 
ATOM   445  C CB  . THR A 1 71  ? -12.931 4.198   -1.716  1.00 13.05 ? 71  THR A CB  1 
ATOM   446  O OG1 . THR A 1 71  ? -14.051 4.647   -2.485  1.00 15.57 ? 71  THR A OG1 1 
ATOM   447  C CG2 . THR A 1 71  ? -13.077 2.722   -1.458  1.00 14.01 ? 71  THR A CG2 1 
ATOM   448  N N   . ALA A 1 72  ? -12.037 4.153   1.675   1.00 10.12 ? 72  ALA A N   1 
ATOM   449  C CA  . ALA A 1 72  ? -10.997 3.752   2.640   1.00 9.84  ? 72  ALA A CA  1 
ATOM   450  C C   . ALA A 1 72  ? -10.419 2.395   2.270   1.00 10.12 ? 72  ALA A C   1 
ATOM   451  O O   . ALA A 1 72  ? -11.124 1.511   1.720   1.00 11.07 ? 72  ALA A O   1 
ATOM   452  C CB  . ALA A 1 72  ? -11.585 3.782   4.006   1.00 10.54 ? 72  ALA A CB  1 
ATOM   453  N N   . LEU A 1 73  ? -9.089  2.278   2.448   1.00 10.34 ? 73  LEU A N   1 
ATOM   454  C CA  . LEU A 1 73  ? -8.368  1.038   2.098   1.00 10.58 ? 73  LEU A CA  1 
ATOM   455  C C   . LEU A 1 73  ? -7.056  0.962   2.887   1.00 11.45 ? 73  LEU A C   1 
ATOM   456  O O   . LEU A 1 73  ? -6.627  1.945   3.507   1.00 11.95 ? 73  LEU A O   1 
ATOM   457  C CB  . LEU A 1 73  ? -8.176  0.930   0.593   1.00 11.26 ? 73  LEU A CB  1 
ATOM   458  C CG  . LEU A 1 73  ? -7.081  1.750   -0.054  1.00 16.07 ? 73  LEU A CG  1 
ATOM   459  C CD1 . LEU A 1 73  ? -7.057  1.422   -1.537  1.00 18.41 ? 73  LEU A CD1 1 
ATOM   460  C CD2 . LEU A 1 73  ? -7.307  3.224   0.040   1.00 17.72 ? 73  LEU A CD2 1 
ATOM   461  N N   . GLY A 1 74  ? -6.487  -0.232  2.926   1.00 9.59  ? 74  GLY A N   1 
ATOM   462  C CA  . GLY A 1 74  ? -5.148  -0.423  3.447   1.00 8.72  ? 74  GLY A CA  1 
ATOM   463  C C   . GLY A 1 74  ? -4.556  -1.671  2.954   1.00 9.23  ? 74  GLY A C   1 
ATOM   464  O O   . GLY A 1 74  ? -5.260  -2.517  2.428   1.00 9.10  ? 74  GLY A O   1 
ATOM   465  N N   . TRP A 1 75  ? -3.238  -1.741  3.049   1.00 9.05  ? 75  TRP A N   1 
ATOM   466  C CA  . TRP A 1 75  ? -2.511  -2.956  2.659   1.00 8.62  ? 75  TRP A CA  1 
ATOM   467  C C   . TRP A 1 75  ? -1.212  -3.081  3.445   1.00 8.12  ? 75  TRP A C   1 
ATOM   468  O O   . TRP A 1 75  ? -0.720  -2.135  4.015   1.00 8.73  ? 75  TRP A O   1 
ATOM   469  C CB  . TRP A 1 75  ? -2.312  -3.083  1.114   1.00 8.68  ? 75  TRP A CB  1 
ATOM   470  C CG  . TRP A 1 75  ? -1.362  -2.063  0.549   1.00 8.68  ? 75  TRP A CG  1 
ATOM   471  C CD1 . TRP A 1 75  ? -0.030  -2.257  0.330   1.00 8.46  ? 75  TRP A CD1 1 
ATOM   472  C CD2 . TRP A 1 75  ? -1.648  -0.745  0.044   1.00 8.84  ? 75  TRP A CD2 1 
ATOM   473  N NE1 . TRP A 1 75  ? 0.541   -1.118  -0.211  1.00 10.36 ? 75  TRP A NE1 1 
ATOM   474  C CE2 . TRP A 1 75  ? -0.423  -0.183  -0.340  1.00 8.90  ? 75  TRP A CE2 1 
ATOM   475  C CE3 . TRP A 1 75  ? -2.805  0.025   -0.052  1.00 8.95  ? 75  TRP A CE3 1 
ATOM   476  C CZ2 . TRP A 1 75  ? -0.333  1.124   -0.824  1.00 9.58  ? 75  TRP A CZ2 1 
ATOM   477  C CZ3 . TRP A 1 75  ? -2.711  1.312   -0.541  1.00 11.17 ? 75  TRP A CZ3 1 
ATOM   478  C CH2 . TRP A 1 75  ? -1.488  1.818   -0.942  1.00 10.41 ? 75  TRP A CH2 1 
ATOM   479  N N   . THR A 1 76  ? -0.659  -4.286  3.419   1.00 8.99  ? 76  THR A N   1 
ATOM   480  C CA  . THR A 1 76  ? 0.570   -4.666  4.072   1.00 8.06  ? 76  THR A CA  1 
ATOM   481  C C   . THR A 1 76  ? 1.538   -5.290  3.074   1.00 8.76  ? 76  THR A C   1 
ATOM   482  O O   . THR A 1 76  ? 1.135   -6.168  2.261   1.00 10.77 ? 76  THR A O   1 
ATOM   483  C CB  . THR A 1 76  ? 0.349   -5.723  5.144   1.00 8.31  ? 76  THR A CB  1 
ATOM   484  O OG1 . THR A 1 76  ? -0.580  -5.218  6.102   1.00 10.07 ? 76  THR A OG1 1 
ATOM   485  C CG2 . THR A 1 76  ? 1.632   -5.979  5.877   1.00 9.62  ? 76  THR A CG2 1 
ATOM   486  N N   . VAL A 1 77  ? 2.825   -5.015  3.235   1.00 9.16  ? 77  VAL A N   1 
ATOM   487  C CA  . VAL A 1 77  ? 3.983   -5.685  2.594   1.00 8.48  ? 77  VAL A CA  1 
ATOM   488  C C   . VAL A 1 77  ? 4.925   -6.075  3.720   1.00 8.65  ? 77  VAL A C   1 
ATOM   489  O O   . VAL A 1 77  ? 5.293   -5.245  4.577   1.00 9.82  ? 77  VAL A O   1 
ATOM   490  C CB  . VAL A 1 77  ? 4.719   -4.745  1.619   1.00 9.72  ? 77  VAL A CB  1 
ATOM   491  C CG1 . VAL A 1 77  ? 6.046   -5.322  1.156   1.00 10.82 ? 77  VAL A CG1 1 
ATOM   492  C CG2 . VAL A 1 77  ? 3.872   -4.444  0.437   1.00 10.07 ? 77  VAL A CG2 1 
ATOM   493  N N   . ALA A 1 78  ? 5.288   -7.349  3.794   1.00 9.07  ? 78  ALA A N   1 
ATOM   494  C CA  . ALA A 1 78  ? 6.430   -7.806  4.611   1.00 8.75  ? 78  ALA A CA  1 
ATOM   495  C C   . ALA A 1 78  ? 7.636   -7.896  3.684   1.00 9.56  ? 78  ALA A C   1 
ATOM   496  O O   . ALA A 1 78  ? 7.535   -8.489  2.583   1.00 9.65  ? 78  ALA A O   1 
ATOM   497  C CB  . ALA A 1 78  ? 6.168   -9.153  5.203   1.00 9.26  ? 78  ALA A CB  1 
ATOM   498  N N   . TRP A 1 79  ? 8.720   -7.263  4.050   1.00 9.86  ? 79  TRP A N   1 
ATOM   499  C CA  . TRP A 1 79  ? 9.863   -7.034  3.145   1.00 9.30  ? 79  TRP A CA  1 
ATOM   500  C C   . TRP A 1 79  ? 10.816  -8.241  3.111   1.00 10.19 ? 79  TRP A C   1 
ATOM   501  O O   . TRP A 1 79  ? 12.034  -8.111  3.245   1.00 10.42 ? 79  TRP A O   1 
ATOM   502  C CB  . TRP A 1 79  ? 10.579  -5.769  3.553   1.00 9.73  ? 79  TRP A CB  1 
ATOM   503  C CG  . TRP A 1 79  ? 9.684   -4.601  3.450   1.00 9.04  ? 79  TRP A CG  1 
ATOM   504  C CD1 . TRP A 1 79  ? 9.136   -3.889  4.478   1.00 10.57 ? 79  TRP A CD1 1 
ATOM   505  C CD2 . TRP A 1 79  ? 9.313   -3.927  2.252   1.00 8.63  ? 79  TRP A CD2 1 
ATOM   506  N NE1 . TRP A 1 79  ? 8.386   -2.855  3.995   1.00 9.29  ? 79  TRP A NE1 1 
ATOM   507  C CE2 . TRP A 1 79  ? 8.431   -2.891  2.630   1.00 8.99  ? 79  TRP A CE2 1 
ATOM   508  C CE3 . TRP A 1 79  ? 9.563   -4.132  0.883   1.00 9.19  ? 79  TRP A CE3 1 
ATOM   509  C CZ2 . TRP A 1 79  ? 7.909   -1.989  1.722   1.00 8.72  ? 79  TRP A CZ2 1 
ATOM   510  C CZ3 . TRP A 1 79  ? 9.002   -3.272  -0.013  1.00 10.23 ? 79  TRP A CZ3 1 
ATOM   511  C CH2 . TRP A 1 79  ? 8.161   -2.225  0.391   1.00 9.69  ? 79  TRP A CH2 1 
ATOM   512  N N   . LYS A 1 80  ? 10.237  -9.366  2.785   1.00 10.32 ? 80  LYS A N   1 
ATOM   513  C CA  . LYS A 1 80  ? 10.941  -10.617 2.482   1.00 11.16 ? 80  LYS A CA  1 
ATOM   514  C C   . LYS A 1 80  ? 10.478  -11.111 1.124   1.00 11.05 ? 80  LYS A C   1 
ATOM   515  O O   . LYS A 1 80  ? 9.257   -11.255 0.910   1.00 11.16 ? 80  LYS A O   1 
ATOM   516  C CB  . LYS A 1 80  ? 10.635  -11.667 3.558   1.00 12.15 ? 80  LYS A CB  1 
ATOM   517  C CG  . LYS A 1 80  ? 11.282  -13.026 3.282   1.00 14.28 ? 80  LYS A CG  1 
ATOM   518  C CD  . LYS A 1 80  ? 10.861  -14.096 4.272   1.00 17.90 ? 80  LYS A CD  1 
ATOM   519  C CE  . LYS A 1 80  ? 11.371  -15.494 3.957   1.00 20.49 ? 80  LYS A CE  1 
ATOM   520  N NZ  . LYS A 1 80  ? 10.965  -15.928 2.597   1.00 27.59 ? 80  LYS A NZ  1 
ATOM   521  N N   . ASN A 1 81  ? 11.443  -11.394 0.241   1.00 10.74 ? 81  ASN A N   1 
ATOM   522  C CA  . ASN A 1 81  ? 11.148  -12.112 -1.027  1.00 11.20 ? 81  ASN A CA  1 
ATOM   523  C C   . ASN A 1 81  ? 12.322  -13.069 -1.275  1.00 11.39 ? 81  ASN A C   1 
ATOM   524  O O   . ASN A 1 81  ? 13.074  -13.358 -0.337  1.00 14.30 ? 81  ASN A O   1 
ATOM   525  C CB  . ASN A 1 81  ? 10.844  -11.130 -2.163  1.00 11.64 ? 81  ASN A CB  1 
ATOM   526  C CG  . ASN A 1 81  ? 12.004  -10.238 -2.547  1.00 10.31 ? 81  ASN A CG  1 
ATOM   527  O OD1 . ASN A 1 81  ? 13.134  -10.477 -2.083  1.00 10.92 ? 81  ASN A OD1 1 
ATOM   528  N ND2 . ASN A 1 81  ? 11.759  -9.227  -3.410  1.00 9.92  ? 81  ASN A ND2 1 
ATOM   529  N N   . ASN A 1 82  ? 12.433  -13.585 -2.493  1.00 14.60 ? 82  ASN A N   1 
ATOM   530  C CA  . ASN A 1 82  ? 13.508  -14.573 -2.783  1.00 18.09 ? 82  ASN A CA  1 
ATOM   531  C C   . ASN A 1 82  ? 14.896  -13.935 -2.764  1.00 16.57 ? 82  ASN A C   1 
ATOM   532  O O   . ASN A 1 82  ? 15.886  -14.668 -2.677  1.00 18.81 ? 82  ASN A O   1 
ATOM   533  C CB  . ASN A 1 82  ? 13.242  -15.291 -4.104  1.00 20.85 ? 82  ASN A CB  1 
ATOM   534  C CG  . ASN A 1 82  ? 12.101  -16.280 -3.992  1.00 26.01 ? 82  ASN A CG  1 
ATOM   535  O OD1 . ASN A 1 82  ? 11.858  -16.824 -2.914  1.00 35.12 ? 82  ASN A OD1 1 
ATOM   536  N ND2 . ASN A 1 82  ? 11.397  -16.502 -5.092  1.00 31.63 ? 82  ASN A ND2 1 
ATOM   537  N N   . TYR A 1 83  ? 15.009  -12.621 -2.799  1.00 14.24 ? 83  TYR A N   1 
ATOM   538  C CA  . TYR A 1 83  ? 16.287  -11.884 -2.937  1.00 14.77 ? 83  TYR A CA  1 
ATOM   539  C C   . TYR A 1 83  ? 16.799  -11.331 -1.618  1.00 15.00 ? 83  TYR A C   1 
ATOM   540  O O   . TYR A 1 83  ? 18.015  -11.313 -1.372  1.00 15.78 ? 83  TYR A O   1 
ATOM   541  C CB  . TYR A 1 83  ? 16.122  -10.758 -3.925  1.00 17.91 ? 83  TYR A CB  1 
ATOM   542  C CG  . TYR A 1 83  ? 15.657  -11.242 -5.273  1.00 20.46 ? 83  TYR A CG  1 
ATOM   543  C CD1 . TYR A 1 83  ? 16.561  -11.832 -6.148  1.00 23.51 ? 83  TYR A CD1 1 
ATOM   544  C CD2 . TYR A 1 83  ? 14.339  -11.141 -5.669  1.00 22.29 ? 83  TYR A CD2 1 
ATOM   545  C CE1 . TYR A 1 83  ? 16.167  -12.246 -7.414  1.00 27.46 ? 83  TYR A CE1 1 
ATOM   546  C CE2 . TYR A 1 83  ? 13.927  -11.563 -6.919  1.00 25.67 ? 83  TYR A CE2 1 
ATOM   547  C CZ  . TYR A 1 83  ? 14.846  -12.102 -7.801  1.00 29.58 ? 83  TYR A CZ  1 
ATOM   548  O OH  . TYR A 1 83  ? 14.423  -12.490 -9.042  1.00 30.94 ? 83  TYR A OH  1 
ATOM   549  N N   . ARG A 1 84  ? 15.901  -10.864 -0.769  1.00 13.50 ? 84  ARG A N   1 
ATOM   550  C CA  . ARG A 1 84  ? 16.292  -10.080 0.419   1.00 14.77 ? 84  ARG A CA  1 
ATOM   551  C C   . ARG A 1 84  ? 15.240  -10.219 1.481   1.00 13.43 ? 84  ARG A C   1 
ATOM   552  O O   . ARG A 1 84  ? 14.103  -10.507 1.168   1.00 12.69 ? 84  ARG A O   1 
ATOM   553  C CB  . ARG A 1 84  ? 16.267  -8.587  0.144   1.00 18.13 ? 84  ARG A CB  1 
ATOM   554  C CG  . ARG A 1 84  ? 17.188  -8.192  -0.984  1.00 23.96 ? 84  ARG A CG  1 
ATOM   555  C CD  . ARG A 1 84  ? 17.719  -6.865  -0.599  1.00 27.16 ? 84  ARG A CD  1 
ATOM   556  N NE  . ARG A 1 84  ? 18.419  -6.303  -1.717  1.00 25.60 ? 84  ARG A NE  1 
ATOM   557  C CZ  . ARG A 1 84  ? 18.839  -5.090  -1.726  1.00 21.81 ? 84  ARG A CZ  1 
ATOM   558  N NH1 . ARG A 1 84  ? 19.458  -4.609  -2.782  1.00 26.16 ? 84  ARG A NH1 1 
ATOM   559  N NH2 . ARG A 1 84  ? 18.635  -4.321  -0.667  1.00 20.37 ? 84  ARG A NH2 1 
ATOM   560  N N   . ASN A 1 85  ? 15.683  -9.989  2.677   1.00 11.10 ? 85  ASN A N   1 
ATOM   561  C CA  . ASN A 1 85  ? 14.799  -9.921  3.861   1.00 12.21 ? 85  ASN A CA  1 
ATOM   562  C C   . ASN A 1 85  ? 15.255  -8.810  4.774   1.00 12.23 ? 85  ASN A C   1 
ATOM   563  O O   . ASN A 1 85  ? 16.267  -8.973  5.446   1.00 13.36 ? 85  ASN A O   1 
ATOM   564  C CB  . ASN A 1 85  ? 14.781  -11.258 4.605   1.00 12.69 ? 85  ASN A CB  1 
ATOM   565  C CG  . ASN A 1 85  ? 13.709  -11.287 5.671   1.00 12.19 ? 85  ASN A CG  1 
ATOM   566  O OD1 . ASN A 1 85  ? 13.068  -10.257 5.897   1.00 13.08 ? 85  ASN A OD1 1 
ATOM   567  N ND2 . ASN A 1 85  ? 13.420  -12.482 6.178   1.00 13.20 ? 85  ASN A ND2 1 
ATOM   568  N N   . ALA A 1 86  ? 14.425  -7.772  4.845   1.00 11.37 ? 86  ALA A N   1 
ATOM   569  C CA  . ALA A 1 86  ? 14.692  -6.563  5.637   1.00 11.32 ? 86  ALA A CA  1 
ATOM   570  C C   . ALA A 1 86  ? 14.077  -6.683  7.047   1.00 11.21 ? 86  ALA A C   1 
ATOM   571  O O   . ALA A 1 86  ? 14.046  -5.693  7.784   1.00 12.67 ? 86  ALA A O   1 
ATOM   572  C CB  . ALA A 1 86  ? 14.193  -5.389  4.878   1.00 11.83 ? 86  ALA A CB  1 
ATOM   573  N N   . HIS A 1 87  ? 13.528  -7.831  7.365   1.00 11.41 ? 87  HIS A N   1 
ATOM   574  C CA  . HIS A 1 87  ? 12.949  -8.111  8.718   1.00 12.20 ? 87  HIS A CA  1 
ATOM   575  C C   . HIS A 1 87  ? 12.039  -6.954  9.166   1.00 11.00 ? 87  HIS A C   1 
ATOM   576  O O   . HIS A 1 87  ? 12.213  -6.418  10.265  1.00 10.90 ? 87  HIS A O   1 
ATOM   577  C CB  . HIS A 1 87  ? 14.034  -8.393  9.772   1.00 13.41 ? 87  HIS A CB  1 
ATOM   578  C CG  . HIS A 1 87  ? 14.939  -9.505  9.392   1.00 14.63 ? 87  HIS A CG  1 
ATOM   579  N ND1 . HIS A 1 87  ? 14.430  -10.728 9.044   1.00 13.65 ? 87  HIS A ND1 1 
ATOM   580  C CD2 . HIS A 1 87  ? 16.277  -9.572  9.208   1.00 14.93 ? 87  HIS A CD2 1 
ATOM   581  C CE1 . HIS A 1 87  ? 15.425  -11.555 8.769   1.00 14.59 ? 87  HIS A CE1 1 
ATOM   582  N NE2 . HIS A 1 87  ? 16.535  -10.874 8.851   1.00 15.44 ? 87  HIS A NE2 1 
ATOM   583  N N   . SER A 1 88  ? 11.114  -6.591  8.292   1.00 10.10 ? 88  SER A N   1 
ATOM   584  C CA  . SER A 1 88  ? 10.267  -5.388  8.474   1.00 10.43 ? 88  SER A CA  1 
ATOM   585  C C   . SER A 1 88  ? 9.004   -5.522  7.654   1.00 9.88  ? 88  SER A C   1 
ATOM   586  O O   . SER A 1 88  ? 8.916   -6.411  6.794   1.00 9.47  ? 88  SER A O   1 
ATOM   587  C CB  . SER A 1 88  ? 10.988  -4.099  8.215   1.00 10.96 ? 88  SER A CB  1 
ATOM   588  O OG  . SER A 1 88  ? 11.579  -4.100  6.934   1.00 11.53 ? 88  SER A OG  1 
ATOM   589  N N   . ALA A 1 89  ? 7.989   -4.762  8.030   1.00 9.12  ? 89  ALA A N   1 
ATOM   590  C CA  . ALA A 1 89  ? 6.692   -4.740  7.348   1.00 8.95  ? 89  ALA A CA  1 
ATOM   591  C C   . ALA A 1 89  ? 6.218   -3.298  7.325   1.00 8.52  ? 89  ALA A C   1 
ATOM   592  O O   . ALA A 1 89  ? 6.337   -2.612  8.395   1.00 10.63 ? 89  ALA A O   1 
ATOM   593  C CB  . ALA A 1 89  ? 5.755   -5.706  8.040   1.00 10.07 ? 89  ALA A CB  1 
ATOM   594  N N   . THR A 1 90  ? 5.591   -2.966  6.210   1.00 8.42  ? 90  THR A N   1 
ATOM   595  C CA  . THR A 1 90  ? 4.934   -1.649  6.103   1.00 8.89  ? 90  THR A CA  1 
ATOM   596  C C   . THR A 1 90  ? 3.445   -1.853  5.907   1.00 9.06  ? 90  THR A C   1 
ATOM   597  O O   . THR A 1 90  ? 3.058   -2.751  5.129   1.00 8.66  ? 90  THR A O   1 
ATOM   598  C CB  . THR A 1 90  ? 5.504   -0.826  4.953   1.00 8.96  ? 90  THR A CB  1 
ATOM   599  O OG1 . THR A 1 90  ? 6.903   -0.676  5.138   1.00 8.36  ? 90  THR A OG1 1 
ATOM   600  C CG2 . THR A 1 90  ? 4.862   0.535   4.826   1.00 9.91  ? 90  THR A CG2 1 
ATOM   601  N N   . THR A 1 91  ? 2.634   -1.054  6.583   1.00 8.02  ? 91  THR A N   1 
ATOM   602  C CA  . THR A 1 91  ? 1.198   -0.921  6.317   1.00 8.43  ? 91  THR A CA  1 
ATOM   603  C C   . THR A 1 91  ? 0.901   0.488   5.810   1.00 8.40  ? 91  THR A C   1 
ATOM   604  O O   . THR A 1 91  ? 1.345   1.389   6.405   1.00 9.84  ? 91  THR A O   1 
ATOM   605  C CB  . THR A 1 91  ? 0.310   -1.376  7.489   1.00 9.68  ? 91  THR A CB  1 
ATOM   606  O OG1 . THR A 1 91  ? 0.552   -0.446  8.547   1.00 10.62 ? 91  THR A OG1 1 
ATOM   607  C CG2 . THR A 1 91  ? 0.611   -2.785  7.919   1.00 10.97 ? 91  THR A CG2 1 
ATOM   608  N N   . TRP A 1 92  ? 0.096   0.544   4.778   1.00 8.02  ? 92  TRP A N   1 
ATOM   609  C CA  . TRP A 1 92  ? -0.431  1.812   4.231   1.00 7.65  ? 92  TRP A CA  1 
ATOM   610  C C   . TRP A 1 92  ? -1.904  1.851   4.571   1.00 8.91  ? 92  TRP A C   1 
ATOM   611  O O   . TRP A 1 92  ? -2.619  0.883   4.276   1.00 8.97  ? 92  TRP A O   1 
ATOM   612  C CB  . TRP A 1 92  ? -0.286  1.858   2.713   1.00 7.49  ? 92  TRP A CB  1 
ATOM   613  C CG  . TRP A 1 92  ? 1.110   2.004   2.209   1.00 7.12  ? 92  TRP A CG  1 
ATOM   614  C CD1 . TRP A 1 92  ? 1.638   3.175   1.749   1.00 7.39  ? 92  TRP A CD1 1 
ATOM   615  C CD2 . TRP A 1 92  ? 2.148   1.040   2.076   1.00 7.61  ? 92  TRP A CD2 1 
ATOM   616  N NE1 . TRP A 1 92  ? 2.925   2.987   1.320   1.00 8.39  ? 92  TRP A NE1 1 
ATOM   617  C CE2 . TRP A 1 92  ? 3.240   1.666   1.426   1.00 7.39  ? 92  TRP A CE2 1 
ATOM   618  C CE3 . TRP A 1 92  ? 2.148   -0.354  2.274   1.00 7.73  ? 92  TRP A CE3 1 
ATOM   619  C CZ2 . TRP A 1 92  ? 4.410   0.954   1.127   1.00 8.59  ? 92  TRP A CZ2 1 
ATOM   620  C CZ3 . TRP A 1 92  ? 3.295   -1.049  1.961   1.00 8.52  ? 92  TRP A CZ3 1 
ATOM   621  C CH2 . TRP A 1 92  ? 4.375   -0.401  1.363   1.00 10.13 ? 92  TRP A CH2 1 
ATOM   622  N N   . SER A 1 93  ? -2.370  2.955   5.120   1.00 7.35  ? 93  SER A N   1 
ATOM   623  C CA  . SER A 1 93  ? -3.774  3.274   5.417   1.00 7.49  ? 93  SER A CA  1 
ATOM   624  C C   . SER A 1 93  ? -4.153  4.587   4.716   1.00 8.13  ? 93  SER A C   1 
ATOM   625  O O   . SER A 1 93  ? -3.431  5.573   4.770   1.00 9.88  ? 93  SER A O   1 
ATOM   626  C CB  . SER A 1 93  ? -3.868  3.476   6.923   1.00 7.91  ? 93  SER A CB  1 
ATOM   627  O OG  . SER A 1 93  ? -5.213  3.675   7.292   1.00 11.82 ? 93  SER A OG  1 
ATOM   628  N N   . GLY A 1 94  ? -5.255  4.568   3.954   1.00 8.85  ? 94  GLY A N   1 
ATOM   629  C CA  . GLY A 1 94  ? -5.598  5.784   3.230   1.00 9.67  ? 94  GLY A CA  1 
ATOM   630  C C   . GLY A 1 94  ? -6.903  5.642   2.482   1.00 10.16 ? 94  GLY A C   1 
ATOM   631  O O   . GLY A 1 94  ? -7.771  4.901   2.890   1.00 9.98  ? 94  GLY A O   1 
ATOM   632  N N   . GLN A 1 95  ? -7.045  6.508   1.508   1.00 10.06 ? 95  GLN A N   1 
ATOM   633  C CA  . GLN A 1 95  ? -8.291  6.527   0.752   1.00 11.14 ? 95  GLN A CA  1 
ATOM   634  C C   . GLN A 1 95  ? -7.966  6.730   -0.722  1.00 11.44 ? 95  GLN A C   1 
ATOM   635  O O   . GLN A 1 95  ? -7.067  7.478   -1.097  1.00 11.59 ? 95  GLN A O   1 
ATOM   636  C CB  . GLN A 1 95  ? -9.296  7.528   1.310   1.00 13.01 ? 95  GLN A CB  1 
ATOM   637  C CG  . GLN A 1 95  ? -8.827  8.961   1.291   1.00 12.69 ? 95  GLN A CG  1 
ATOM   638  C CD  . GLN A 1 95  ? -9.893  9.829   1.944   1.00 13.61 ? 95  GLN A CD  1 
ATOM   639  O OE1 . GLN A 1 95  ? -11.099 9.698   1.692   1.00 13.31 ? 95  GLN A OE1 1 
ATOM   640  N NE2 . GLN A 1 95  ? -9.492  10.723  2.849   1.00 14.90 ? 95  GLN A NE2 1 
ATOM   641  N N   . TYR A 1 96  ? -8.744  6.057   -1.555  1.00 11.30 ? 96  TYR A N   1 
ATOM   642  C CA  . TYR A 1 96  ? -8.829  6.244   -3.017  1.00 12.16 ? 96  TYR A CA  1 
ATOM   643  C C   . TYR A 1 96  ? -9.800  7.370   -3.297  1.00 11.55 ? 96  TYR A C   1 
ATOM   644  O O   . TYR A 1 96  ? -10.950 7.355   -2.836  1.00 12.54 ? 96  TYR A O   1 
ATOM   645  C CB  . TYR A 1 96  ? -9.255  4.927   -3.666  1.00 11.92 ? 96  TYR A CB  1 
ATOM   646  C CG  . TYR A 1 96  ? -9.769  5.044   -5.069  1.00 13.75 ? 96  TYR A CG  1 
ATOM   647  C CD1 . TYR A 1 96  ? -8.895  5.061   -6.124  1.00 13.92 ? 96  TYR A CD1 1 
ATOM   648  C CD2 . TYR A 1 96  ? -11.123 5.113   -5.315  1.00 15.27 ? 96  TYR A CD2 1 
ATOM   649  C CE1 . TYR A 1 96  ? -9.367  5.131   -7.419  1.00 15.68 ? 96  TYR A CE1 1 
ATOM   650  C CE2 . TYR A 1 96  ? -11.609 5.203   -6.603  1.00 17.09 ? 96  TYR A CE2 1 
ATOM   651  C CZ  . TYR A 1 96  ? -10.720 5.194   -7.639  1.00 15.77 ? 96  TYR A CZ  1 
ATOM   652  O OH  . TYR A 1 96  ? -11.185 5.289   -8.918  1.00 20.73 ? 96  TYR A OH  1 
ATOM   653  N N   . VAL A 1 97  ? -9.380  8.262   -4.172  1.00 12.98 ? 97  VAL A N   1 
ATOM   654  C CA  . VAL A 1 97  ? -10.143 9.432   -4.660  1.00 16.72 ? 97  VAL A CA  1 
ATOM   655  C C   . VAL A 1 97  ? -10.178 9.297   -6.182  1.00 17.52 ? 97  VAL A C   1 
ATOM   656  O O   . VAL A 1 97  ? -9.111  9.481   -6.846  1.00 16.71 ? 97  VAL A O   1 
ATOM   657  C CB  . VAL A 1 97  ? -9.456  10.729  -4.235  1.00 17.73 ? 97  VAL A CB  1 
ATOM   658  C CG1 . VAL A 1 97  ? -10.323 11.914  -4.646  1.00 20.95 ? 97  VAL A CG1 1 
ATOM   659  C CG2 . VAL A 1 97  ? -9.156  10.809  -2.742  1.00 20.64 ? 97  VAL A CG2 1 
ATOM   660  N N   . GLY A 1 98  ? -11.332 8.926   -6.734  1.00 21.43 ? 98  GLY A N   1 
ATOM   661  C CA  . GLY A 1 98  ? -11.445 8.608   -8.169  1.00 22.26 ? 98  GLY A CA  1 
ATOM   662  C C   . GLY A 1 98  ? -11.502 9.861   -9.039  1.00 26.45 ? 98  GLY A C   1 
ATOM   663  O O   . GLY A 1 98  ? -11.560 10.969  -8.493  1.00 27.49 ? 98  GLY A O   1 
ATOM   664  N N   . GLY A 1 99  ? -11.484 9.677   -10.360 1.00 31.31 ? 99  GLY A N   1 
ATOM   665  C CA  . GLY A 1 99  ? -11.661 10.760  -11.349 1.00 33.63 ? 99  GLY A CA  1 
ATOM   666  C C   . GLY A 1 99  ? -10.452 10.915  -12.250 1.00 33.67 ? 99  GLY A C   1 
ATOM   667  O O   . GLY A 1 99  ? -9.576  10.012  -12.229 1.00 35.60 ? 99  GLY A O   1 
ATOM   668  N N   . ALA A 1 100 ? -10.417 11.992  -13.050 1.00 33.44 ? 100 ALA A N   1 
ATOM   669  C CA  . ALA A 1 100 ? -9.474  12.179  -14.180 1.00 35.05 ? 100 ALA A CA  1 
ATOM   670  C C   . ALA A 1 100 ? -8.032  12.051  -13.680 1.00 37.20 ? 100 ALA A C   1 
ATOM   671  O O   . ALA A 1 100 ? -7.182  11.463  -14.413 1.00 40.00 ? 100 ALA A O   1 
ATOM   672  C CB  . ALA A 1 100 ? -9.714  13.526  -14.828 1.00 38.90 ? 100 ALA A CB  1 
ATOM   673  N N   . GLN A 1 101 ? -7.771  12.600  -12.488 1.00 29.59 ? 101 GLN A N   1 
ATOM   674  C CA  . GLN A 1 101 ? -6.457  12.561  -11.800 1.00 30.31 ? 101 GLN A CA  1 
ATOM   675  C C   . GLN A 1 101 ? -6.630  11.743  -10.515 1.00 25.58 ? 101 GLN A C   1 
ATOM   676  O O   . GLN A 1 101 ? -6.450  12.287  -9.422  1.00 25.05 ? 101 GLN A O   1 
ATOM   677  C CB  . GLN A 1 101 ? -5.974  13.985  -11.535 1.00 36.30 ? 101 GLN A CB  1 
ATOM   678  C CG  . GLN A 1 101 ? -6.451  14.968  -12.602 1.00 46.52 ? 101 GLN A CG  1 
ATOM   679  C CD  . GLN A 1 101 ? -5.400  15.995  -12.917 1.00 49.13 ? 101 GLN A CD  1 
ATOM   680  O OE1 . GLN A 1 101 ? -5.522  17.156  -12.540 1.00 65.98 ? 101 GLN A OE1 1 
ATOM   681  N NE2 . GLN A 1 101 ? -4.349  15.557  -13.591 1.00 50.93 ? 101 GLN A NE2 1 
ATOM   682  N N   . ALA A 1 102 ? -7.018  10.485  -10.659 1.00 20.00 ? 102 ALA A N   1 
ATOM   683  C CA  . ALA A 1 102 ? -7.210  9.576   -9.510  1.00 17.53 ? 102 ALA A CA  1 
ATOM   684  C C   . ALA A 1 102 ? -5.949  9.537   -8.653  1.00 16.29 ? 102 ALA A C   1 
ATOM   685  O O   . ALA A 1 102 ? -4.819  9.588   -9.138  1.00 16.33 ? 102 ALA A O   1 
ATOM   686  C CB  . ALA A 1 102 ? -7.581  8.185   -9.977  1.00 18.79 ? 102 ALA A CB  1 
ATOM   687  N N   . ARG A 1 103 ? -6.186  9.323   -7.366  1.00 14.69 ? 103 ARG A N   1 
ATOM   688  C CA  . ARG A 1 103 ? -5.114  9.241   -6.373  1.00 14.65 ? 103 ARG A CA  1 
ATOM   689  C C   . ARG A 1 103 ? -5.485  8.196   -5.339  1.00 12.45 ? 103 ARG A C   1 
ATOM   690  O O   . ARG A 1 103 ? -6.653  8.065   -5.004  1.00 13.60 ? 103 ARG A O   1 
ATOM   691  C CB  . ARG A 1 103 ? -4.991  10.628  -5.731  1.00 16.93 ? 103 ARG A CB  1 
ATOM   692  C CG  . ARG A 1 103 ? -4.501  11.741  -6.644  0.50 20.50 ? 103 ARG A CG  1 
ATOM   693  C CD  . ARG A 1 103 ? -3.026  11.969  -6.437  0.50 22.76 ? 103 ARG A CD  1 
ATOM   694  N NE  . ARG A 1 103 ? -2.478  13.094  -7.178  0.50 25.42 ? 103 ARG A NE  1 
ATOM   695  C CZ  . ARG A 1 103 ? -2.242  14.281  -6.656  0.50 30.80 ? 103 ARG A CZ  1 
ATOM   696  N NH1 . ARG A 1 103 ? -2.531  14.518  -5.388  0.50 32.93 ? 103 ARG A NH1 1 
ATOM   697  N NH2 . ARG A 1 103 ? -1.729  15.241  -7.401  0.50 32.79 ? 103 ARG A NH2 1 
ATOM   698  N N   . ILE A 1 104 ? -4.456  7.602   -4.763  1.00 11.31 ? 104 ILE A N   1 
ATOM   699  C CA  . ILE A 1 104 ? -4.555  6.968   -3.417  1.00 11.16 ? 104 ILE A CA  1 
ATOM   700  C C   . ILE A 1 104 ? -3.685  7.790   -2.458  1.00 10.67 ? 104 ILE A C   1 
ATOM   701  O O   . ILE A 1 104 ? -2.457  7.787   -2.644  1.00 12.06 ? 104 ILE A O   1 
ATOM   702  C CB  . ILE A 1 104 ? -4.200  5.493   -3.522  1.00 11.77 ? 104 ILE A CB  1 
ATOM   703  C CG1 . ILE A 1 104 ? -5.085  4.778   -4.538  1.00 12.63 ? 104 ILE A CG1 1 
ATOM   704  C CG2 . ILE A 1 104 ? -4.338  4.883   -2.121  1.00 13.14 ? 104 ILE A CG2 1 
ATOM   705  C CD1 . ILE A 1 104 ? -4.724  3.383   -4.802  1.00 13.70 ? 104 ILE A CD1 1 
ATOM   706  N N   . ASN A 1 105 ? -4.287  8.435   -1.463  1.00 11.32 ? 105 ASN A N   1 
ATOM   707  C CA  . ASN A 1 105 ? -3.557  9.240   -0.456  1.00 11.85 ? 105 ASN A CA  1 
ATOM   708  C C   . ASN A 1 105 ? -3.387  8.389   0.779   1.00 12.46 ? 105 ASN A C   1 
ATOM   709  O O   . ASN A 1 105 ? -4.401  7.838   1.274   1.00 11.10 ? 105 ASN A O   1 
ATOM   710  C CB  . ASN A 1 105 ? -4.257  10.555  -0.109  1.00 13.07 ? 105 ASN A CB  1 
ATOM   711  C CG  . ASN A 1 105 ? -4.365  11.420  -1.352  1.00 15.42 ? 105 ASN A CG  1 
ATOM   712  O OD1 . ASN A 1 105 ? -3.403  11.484  -2.116  1.00 19.67 ? 105 ASN A OD1 1 
ATOM   713  N ND2 . ASN A 1 105 ? -5.553  11.900  -1.636  1.00 17.51 ? 105 ASN A ND2 1 
ATOM   714  N N   . THR A 1 106 ? -2.161  8.153   1.191   1.00 11.49 ? 106 THR A N   1 
ATOM   715  C CA  . THR A 1 106 ? -1.880  7.210   2.308   1.00 9.81  ? 106 THR A CA  1 
ATOM   716  C C   . THR A 1 106 ? -0.967  7.795   3.363   1.00 10.43 ? 106 THR A C   1 
ATOM   717  O O   . THR A 1 106 ? -0.171  8.687   3.120   1.00 9.34  ? 106 THR A O   1 
ATOM   718  C CB  . THR A 1 106 ? -1.264  5.892   1.848   1.00 10.16 ? 106 THR A CB  1 
ATOM   719  O OG1 . THR A 1 106 ? 0.084   6.117   1.453   1.00 11.37 ? 106 THR A OG1 1 
ATOM   720  C CG2 . THR A 1 106 ? -2.076  5.218   0.770   1.00 11.29 ? 106 THR A CG2 1 
ATOM   721  N N   . GLN A 1 107 ? -1.067  7.219   4.535   1.00 9.11  ? 107 GLN A N   1 
ATOM   722  C CA  . GLN A 1 107 ? -0.037  7.314   5.574   1.00 9.46  ? 107 GLN A CA  1 
ATOM   723  C C   . GLN A 1 107 ? 0.402   5.870   5.816   1.00 8.30  ? 107 GLN A C   1 
ATOM   724  O O   . GLN A 1 107 ? -0.366  4.890   5.612   1.00 9.56  ? 107 GLN A O   1 
ATOM   725  C CB  . GLN A 1 107 ? -0.548  8.027   6.816   1.00 10.94 ? 107 GLN A CB  1 
ATOM   726  C CG  A GLN A 1 107 ? -0.853  9.486   6.449   0.50 11.56 ? 107 GLN A CG  1 
ATOM   727  C CG  B GLN A 1 107 ? -0.783  9.489   6.484   0.50 15.51 ? 107 GLN A CG  1 
ATOM   728  C CD  A GLN A 1 107 ? -1.211  10.351  7.627   0.50 9.73  ? 107 GLN A CD  1 
ATOM   729  C CD  B GLN A 1 107 ? 0.024   10.367  7.400   0.50 17.87 ? 107 GLN A CD  1 
ATOM   730  O OE1 A GLN A 1 107 ? -0.352  10.708  8.432   0.50 11.48 ? 107 GLN A OE1 1 
ATOM   731  O OE1 B GLN A 1 107 ? 1.256   10.292  7.508   0.50 23.51 ? 107 GLN A OE1 1 
ATOM   732  N NE2 A GLN A 1 107 ? -2.501  10.635  7.783   0.50 9.52  ? 107 GLN A NE2 1 
ATOM   733  N NE2 B GLN A 1 107 ? -0.694  11.271  8.017   0.50 20.50 ? 107 GLN A NE2 1 
ATOM   734  N N   . TRP A 1 108 ? 1.615   5.666   6.296   1.00 7.88  ? 108 TRP A N   1 
ATOM   735  C CA  . TRP A 1 108 ? 2.184   4.317   6.474   1.00 7.86  ? 108 TRP A CA  1 
ATOM   736  C C   . TRP A 1 108 ? 2.951   4.207   7.775   1.00 7.52  ? 108 TRP A C   1 
ATOM   737  O O   . TRP A 1 108 ? 3.462   5.220   8.308   1.00 8.56  ? 108 TRP A O   1 
ATOM   738  C CB  . TRP A 1 108 ? 3.000   3.890   5.254   1.00 7.74  ? 108 TRP A CB  1 
ATOM   739  C CG  . TRP A 1 108 ? 4.085   4.807   4.797   1.00 7.41  ? 108 TRP A CG  1 
ATOM   740  C CD1 . TRP A 1 108 ? 4.091   5.559   3.649   1.00 7.94  ? 108 TRP A CD1 1 
ATOM   741  C CD2 . TRP A 1 108 ? 5.400   4.925   5.338   1.00 7.29  ? 108 TRP A CD2 1 
ATOM   742  N NE1 . TRP A 1 108 ? 5.296   6.172   3.489   1.00 8.35  ? 108 TRP A NE1 1 
ATOM   743  C CE2 . TRP A 1 108 ? 6.100   5.877   4.567   1.00 8.34  ? 108 TRP A CE2 1 
ATOM   744  C CE3 . TRP A 1 108 ? 6.048   4.421   6.490   1.00 7.18  ? 108 TRP A CE3 1 
ATOM   745  C CZ2 . TRP A 1 108 ? 7.420   6.211   4.856   1.00 9.05  ? 108 TRP A CZ2 1 
ATOM   746  C CZ3 . TRP A 1 108 ? 7.352   4.770   6.754   1.00 8.14  ? 108 TRP A CZ3 1 
ATOM   747  C CH2 . TRP A 1 108 ? 8.012   5.723   6.017   1.00 9.19  ? 108 TRP A CH2 1 
ATOM   748  N N   . LEU A 1 109 ? 3.055   2.967   8.216   1.00 7.58  ? 109 LEU A N   1 
ATOM   749  C CA  . LEU A 1 109 ? 3.815   2.551   9.386   1.00 8.22  ? 109 LEU A CA  1 
ATOM   750  C C   . LEU A 1 109 ? 4.732   1.403   8.976   1.00 8.25  ? 109 LEU A C   1 
ATOM   751  O O   . LEU A 1 109 ? 4.255   0.430   8.464   1.00 11.09 ? 109 LEU A O   1 
ATOM   752  C CB  . LEU A 1 109 ? 2.948   2.052   10.547  1.00 7.83  ? 109 LEU A CB  1 
ATOM   753  C CG  . LEU A 1 109 ? 1.974   3.060   11.119  1.00 9.96  ? 109 LEU A CG  1 
ATOM   754  C CD1 . LEU A 1 109 ? 1.018   2.366   12.074  1.00 10.81 ? 109 LEU A CD1 1 
ATOM   755  C CD2 . LEU A 1 109 ? 2.710   4.170   11.816  1.00 10.86 ? 109 LEU A CD2 1 
ATOM   756  N N   . LEU A 1 110 ? 6.026   1.589   9.184   1.00 8.02  ? 110 LEU A N   1 
ATOM   757  C CA  A LEU A 1 110 ? 7.053   0.580   8.823   0.50 8.42  ? 110 LEU A CA  1 
ATOM   758  C CA  B LEU A 1 110 ? 7.081   0.611   8.814   0.50 8.46  ? 110 LEU A CA  1 
ATOM   759  C C   . LEU A 1 110 ? 7.719   0.137   10.117  1.00 8.24  ? 110 LEU A C   1 
ATOM   760  O O   . LEU A 1 110 ? 8.394   0.912   10.794  1.00 9.20  ? 110 LEU A O   1 
ATOM   761  C CB  A LEU A 1 110 ? 8.088   1.170   7.861   0.50 8.72  ? 110 LEU A CB  1 
ATOM   762  C CB  B LEU A 1 110 ? 8.066   1.339   7.888   0.50 8.70  ? 110 LEU A CB  1 
ATOM   763  C CG  A LEU A 1 110 ? 9.175   0.202   7.377   0.50 9.29  ? 110 LEU A CG  1 
ATOM   764  C CG  B LEU A 1 110 ? 9.468   0.759   7.665   0.50 9.23  ? 110 LEU A CG  1 
ATOM   765  C CD1 A LEU A 1 110 ? 9.958   0.825   6.242   0.50 9.94  ? 110 LEU A CD1 1 
ATOM   766  C CD1 B LEU A 1 110 ? 9.413   -0.726  7.360   0.50 10.27 ? 110 LEU A CD1 1 
ATOM   767  C CD2 A LEU A 1 110 ? 10.071  -0.278  8.513   0.50 9.34  ? 110 LEU A CD2 1 
ATOM   768  C CD2 B LEU A 1 110 ? 10.170  1.536   6.547   0.50 9.47  ? 110 LEU A CD2 1 
ATOM   769  N N   . THR A 1 111 ? 7.434   -1.073  10.509  1.00 8.53  ? 111 THR A N   1 
ATOM   770  C CA  . THR A 1 111 ? 7.992   -1.680  11.756  1.00 9.50  ? 111 THR A CA  1 
ATOM   771  C C   . THR A 1 111 ? 9.071   -2.674  11.410  1.00 10.44 ? 111 THR A C   1 
ATOM   772  O O   . THR A 1 111 ? 8.828   -3.528  10.563  1.00 10.19 ? 111 THR A O   1 
ATOM   773  C CB  . THR A 1 111 ? 6.948   -2.358  12.630  1.00 10.24 ? 111 THR A CB  1 
ATOM   774  O OG1 . THR A 1 111 ? 5.920   -1.424  12.971  1.00 11.19 ? 111 THR A OG1 1 
ATOM   775  C CG2 . THR A 1 111 ? 7.491   -2.971  13.908  1.00 12.06 ? 111 THR A CG2 1 
ATOM   776  N N   . GLU A 1 112 ? 10.219  -2.557  12.055  1.00 10.17 ? 112 GLU A N   1 
ATOM   777  C CA  . GLU A 1 112 ? 11.225  -3.618  11.976  1.00 12.22 ? 112 GLU A CA  1 
ATOM   778  C C   . GLU A 1 112 ? 11.213  -4.435  13.254  1.00 11.58 ? 112 GLU A C   1 
ATOM   779  O O   . GLU A 1 112 ? 10.920  -3.935  14.339  1.00 12.01 ? 112 GLU A O   1 
ATOM   780  C CB  . GLU A 1 112 ? 12.619  -3.097  11.629  1.00 14.08 ? 112 GLU A CB  1 
ATOM   781  C CG  . GLU A 1 112 ? 13.302  -2.288  12.703  1.00 17.15 ? 112 GLU A CG  1 
ATOM   782  C CD  . GLU A 1 112 ? 14.778  -1.997  12.391  1.00 21.38 ? 112 GLU A CD  1 
ATOM   783  O OE1 . GLU A 1 112 ? 15.320  -2.508  11.336  1.00 24.26 ? 112 GLU A OE1 1 
ATOM   784  O OE2 . GLU A 1 112 ? 15.402  -1.287  13.217  1.00 25.24 ? 112 GLU A OE2 1 
ATOM   785  N N   . GLY A 1 113 ? 11.614  -5.684  13.129  1.00 12.29 ? 113 GLY A N   1 
ATOM   786  C CA  . GLY A 1 113 ? 11.903  -6.534  14.297  1.00 13.09 ? 113 GLY A CA  1 
ATOM   787  C C   . GLY A 1 113 ? 13.036  -5.939  15.124  1.00 12.34 ? 113 GLY A C   1 
ATOM   788  O O   . GLY A 1 113 ? 14.075  -5.620  14.560  1.00 15.21 ? 113 GLY A O   1 
ATOM   789  N N   . THR A 1 114 ? 12.869  -5.846  16.439  1.00 12.63 ? 114 THR A N   1 
ATOM   790  C CA  . THR A 1 114 ? 13.901  -5.243  17.332  1.00 13.74 ? 114 THR A CA  1 
ATOM   791  C C   . THR A 1 114 ? 14.005  -6.139  18.558  1.00 14.29 ? 114 THR A C   1 
ATOM   792  O O   . THR A 1 114 ? 13.076  -6.933  18.839  1.00 13.81 ? 114 THR A O   1 
ATOM   793  C CB  . THR A 1 114 ? 13.637  -3.800  17.784  1.00 13.34 ? 114 THR A CB  1 
ATOM   794  O OG1 . THR A 1 114 ? 12.493  -3.860  18.626  1.00 14.86 ? 114 THR A OG1 1 
ATOM   795  C CG2 . THR A 1 114 ? 13.392  -2.829  16.638  1.00 14.85 ? 114 THR A CG2 1 
ATOM   796  N N   . THR A 1 115 ? 15.071  -5.913  19.314  1.00 16.36 ? 115 THR A N   1 
ATOM   797  C CA  . THR A 1 115 ? 15.109  -6.430  20.695  1.00 18.48 ? 115 THR A CA  1 
ATOM   798  C C   . THR A 1 115 ? 14.108  -5.634  21.536  1.00 17.67 ? 115 THR A C   1 
ATOM   799  O O   . THR A 1 115 ? 13.701  -4.483  21.150  1.00 15.31 ? 115 THR A O   1 
ATOM   800  C CB  . THR A 1 115 ? 16.532  -6.371  21.260  1.00 20.41 ? 115 THR A CB  1 
ATOM   801  O OG1 . THR A 1 115 ? 16.848  -4.981  21.357  1.00 21.58 ? 115 THR A OG1 1 
ATOM   802  C CG2 . THR A 1 115 ? 17.508  -7.137  20.383  1.00 22.67 ? 115 THR A CG2 1 
ATOM   803  N N   . GLU A 1 116 ? 13.799  -6.113  22.734  1.00 18.74 ? 116 GLU A N   1 
ATOM   804  C CA  . GLU A 1 116 ? 12.885  -5.391  23.630  1.00 19.62 ? 116 GLU A CA  1 
ATOM   805  C C   . GLU A 1 116 ? 13.528  -4.036  23.966  1.00 17.60 ? 116 GLU A C   1 
ATOM   806  O O   . GLU A 1 116 ? 12.770  -3.076  24.023  1.00 18.85 ? 116 GLU A O   1 
ATOM   807  C CB  . GLU A 1 116 ? 12.503  -6.268  24.840  1.00 22.69 ? 116 GLU A CB  1 
ATOM   808  C CG  . GLU A 1 116 ? 11.724  -7.525  24.426  0.50 24.70 ? 116 GLU A CG  1 
ATOM   809  C CD  . GLU A 1 116 ? 11.125  -8.379  25.543  0.50 28.04 ? 116 GLU A CD  1 
ATOM   810  O OE1 . GLU A 1 116 ? 10.811  -9.556  25.288  0.50 30.25 ? 116 GLU A OE1 1 
ATOM   811  O OE2 . GLU A 1 116 ? 10.981  -7.869  26.671  0.50 35.20 ? 116 GLU A OE2 1 
ATOM   812  N N   . ALA A 1 117 ? 14.829  -3.956  24.194  1.00 17.80 ? 117 ALA A N   1 
ATOM   813  C CA  . ALA A 1 117 ? 15.473  -2.719  24.663  1.00 19.61 ? 117 ALA A CA  1 
ATOM   814  C C   . ALA A 1 117 ? 15.330  -1.637  23.581  1.00 19.42 ? 117 ALA A C   1 
ATOM   815  O O   . ALA A 1 117 ? 15.299  -0.445  23.920  1.00 19.74 ? 117 ALA A O   1 
ATOM   816  C CB  . ALA A 1 117 ? 16.919  -2.975  24.994  1.00 22.13 ? 117 ALA A CB  1 
ATOM   817  N N   . ASN A 1 118 ? 15.255  -2.028  22.309  1.00 16.87 ? 118 ASN A N   1 
ATOM   818  C CA  . ASN A 1 118 ? 15.258  -1.079  21.151  1.00 17.11 ? 118 ASN A CA  1 
ATOM   819  C C   . ASN A 1 118 ? 13.846  -0.917  20.550  1.00 13.02 ? 118 ASN A C   1 
ATOM   820  O O   . ASN A 1 118 ? 13.713  -0.218  19.536  1.00 13.01 ? 118 ASN A O   1 
ATOM   821  C CB  . ASN A 1 118 ? 16.250  -1.539  20.084  1.00 18.44 ? 118 ASN A CB  1 
ATOM   822  C CG  . ASN A 1 118 ? 17.677  -1.550  20.612  1.00 22.74 ? 118 ASN A CG  1 
ATOM   823  O OD1 . ASN A 1 118 ? 18.086  -0.617  21.310  1.00 23.58 ? 118 ASN A OD1 1 
ATOM   824  N ND2 . ASN A 1 118 ? 18.376  -2.648  20.374  1.00 23.76 ? 118 ASN A ND2 1 
ATOM   825  N N   . ALA A 1 119 ? 12.829  -1.493  21.141  1.00 12.35 ? 119 ALA A N   1 
ATOM   826  C CA  . ALA A 1 119 ? 11.467  -1.510  20.560  1.00 12.69 ? 119 ALA A CA  1 
ATOM   827  C C   . ALA A 1 119 ? 10.910  -0.084  20.489  1.00 10.81 ? 119 ALA A C   1 
ATOM   828  O O   . ALA A 1 119 ? 10.032  0.135   19.726  1.00 12.89 ? 119 ALA A O   1 
ATOM   829  C CB  . ALA A 1 119 ? 10.587  -2.446  21.381  1.00 13.99 ? 119 ALA A CB  1 
ATOM   830  N N   . TRP A 1 120 ? 11.324  0.830   21.345  1.00 11.28 ? 120 TRP A N   1 
ATOM   831  C CA  . TRP A 1 120 ? 10.855  2.238   21.275  1.00 10.44 ? 120 TRP A CA  1 
ATOM   832  C C   . TRP A 1 120 ? 11.118  2.788   19.872  1.00 11.95 ? 120 TRP A C   1 
ATOM   833  O O   . TRP A 1 120 ? 10.407  3.699   19.463  1.00 13.06 ? 120 TRP A O   1 
ATOM   834  C CB  . TRP A 1 120 ? 11.490  3.109   22.355  1.00 11.57 ? 120 TRP A CB  1 
ATOM   835  C CG  . TRP A 1 120 ? 12.953  3.217   22.214  1.00 12.12 ? 120 TRP A CG  1 
ATOM   836  C CD1 . TRP A 1 120 ? 13.892  2.411   22.781  1.00 12.68 ? 120 TRP A CD1 1 
ATOM   837  C CD2 . TRP A 1 120 ? 13.665  4.253   21.517  1.00 12.23 ? 120 TRP A CD2 1 
ATOM   838  N NE1 . TRP A 1 120 ? 15.127  2.839   22.433  1.00 14.23 ? 120 TRP A NE1 1 
ATOM   839  C CE2 . TRP A 1 120 ? 15.031  3.987   21.690  1.00 13.54 ? 120 TRP A CE2 1 
ATOM   840  C CE3 . TRP A 1 120 ? 13.288  5.410   20.808  1.00 12.92 ? 120 TRP A CE3 1 
ATOM   841  C CZ2 . TRP A 1 120 ? 16.012  4.774   21.103  1.00 15.40 ? 120 TRP A CZ2 1 
ATOM   842  C CZ3 . TRP A 1 120 ? 14.270  6.192   20.237  1.00 14.95 ? 120 TRP A CZ3 1 
ATOM   843  C CH2 . TRP A 1 120 ? 15.612  5.879   20.398  1.00 15.88 ? 120 TRP A CH2 1 
ATOM   844  N N   . ALA A 1 121 ? 12.141  2.303   19.218  1.00 11.12 ? 121 ALA A N   1 
ATOM   845  C CA  . ALA A 1 121 ? 12.646  2.825   17.923  1.00 11.94 ? 121 ALA A CA  1 
ATOM   846  C C   . ALA A 1 121 ? 12.270  1.872   16.770  1.00 10.64 ? 121 ALA A C   1 
ATOM   847  O O   . ALA A 1 121 ? 12.898  1.942   15.687  1.00 13.34 ? 121 ALA A O   1 
ATOM   848  C CB  . ALA A 1 121 ? 14.136  3.048   18.027  1.00 13.19 ? 121 ALA A CB  1 
ATOM   849  N N   . SER A 1 122 ? 11.247  1.064   16.941  1.00 10.26 ? 122 SER A N   1 
ATOM   850  C CA  . SER A 1 122 ? 10.886  0.016   15.967  1.00 11.13 ? 122 SER A CA  1 
ATOM   851  C C   . SER A 1 122 ? 10.164  0.562   14.719  1.00 10.91 ? 122 SER A C   1 
ATOM   852  O O   . SER A 1 122 ? 10.154  -0.155  13.706  1.00 10.36 ? 122 SER A O   1 
ATOM   853  C CB  . SER A 1 122 ? 10.024  -1.018  16.640  1.00 11.13 ? 122 SER A CB  1 
ATOM   854  O OG  . SER A 1 122 ? 8.740   -0.518  16.958  1.00 12.58 ? 122 SER A OG  1 
ATOM   855  N N   . THR A 1 123 ? 9.549   1.757   14.769  1.00 9.64  ? 123 THR A N   1 
ATOM   856  C CA  . THR A 1 123 ? 8.500   2.081   13.817  1.00 9.26  ? 123 THR A CA  1 
ATOM   857  C C   . THR A 1 123 ? 8.683   3.459   13.177  1.00 9.10  ? 123 THR A C   1 
ATOM   858  O O   . THR A 1 123 ? 8.628   4.462   13.875  1.00 10.93 ? 123 THR A O   1 
ATOM   859  C CB  . THR A 1 123 ? 7.104   1.978   14.439  1.00 8.77  ? 123 THR A CB  1 
ATOM   860  O OG1 . THR A 1 123 ? 6.946   0.668   14.992  1.00 11.59 ? 123 THR A OG1 1 
ATOM   861  C CG2 . THR A 1 123 ? 6.010   2.128   13.398  1.00 9.28  ? 123 THR A CG2 1 
ATOM   862  N N   . LEU A 1 124 ? 8.848   3.476   11.864  1.00 8.29  ? 124 LEU A N   1 
ATOM   863  C CA  . LEU A 1 124 ? 8.821   4.712   11.085  1.00 9.39  ? 124 LEU A CA  1 
ATOM   864  C C   . LEU A 1 124 ? 7.398   5.024   10.647  1.00 9.51  ? 124 LEU A C   1 
ATOM   865  O O   . LEU A 1 124 ? 6.587   4.074   10.437  1.00 9.24  ? 124 LEU A O   1 
ATOM   866  C CB  . LEU A 1 124 ? 9.718   4.564   9.850   1.00 9.93  ? 124 LEU A CB  1 
ATOM   867  C CG  . LEU A 1 124 ? 11.214  4.488   10.153  1.00 11.73 ? 124 LEU A CG  1 
ATOM   868  C CD1 . LEU A 1 124 ? 11.973  3.953   8.963   1.00 13.10 ? 124 LEU A CD1 1 
ATOM   869  C CD2 . LEU A 1 124 ? 11.797  5.835   10.534  1.00 12.90 ? 124 LEU A CD2 1 
ATOM   870  N N   . VAL A 1 125 ? 7.150   6.327   10.461  1.00 8.78  ? 125 VAL A N   1 
ATOM   871  C CA  . VAL A 1 125 ? 5.880   6.820   9.917   1.00 9.59  ? 125 VAL A CA  1 
ATOM   872  C C   . VAL A 1 125 ? 6.173   7.746   8.756   1.00 8.46  ? 125 VAL A C   1 
ATOM   873  O O   . VAL A 1 125 ? 7.103   8.527   8.763   1.00 9.89  ? 125 VAL A O   1 
ATOM   874  C CB  . VAL A 1 125 ? 5.000   7.507   10.969  1.00 10.26 ? 125 VAL A CB  1 
ATOM   875  C CG1 . VAL A 1 125 ? 5.703   8.727   11.590  1.00 10.55 ? 125 VAL A CG1 1 
ATOM   876  C CG2 . VAL A 1 125 ? 3.628   7.891   10.364  1.00 9.84  ? 125 VAL A CG2 1 
ATOM   877  N N   . GLY A 1 126 ? 5.295   7.686   7.782   1.00 8.27  ? 126 GLY A N   1 
ATOM   878  C CA  . GLY A 1 126 ? 5.402   8.569   6.638   1.00 9.74  ? 126 GLY A CA  1 
ATOM   879  C C   . GLY A 1 126 ? 4.124   8.566   5.832   1.00 9.62  ? 126 GLY A C   1 
ATOM   880  O O   . GLY A 1 126 ? 3.082   8.171   6.288   1.00 9.20  ? 126 GLY A O   1 
ATOM   881  N N   . HIS A 1 127 ? 4.189   9.164   4.660   1.00 9.93  ? 127 HIS A N   1 
ATOM   882  C CA  . HIS A 1 127 ? 3.005   9.374   3.837   1.00 9.40  ? 127 HIS A CA  1 
ATOM   883  C C   . HIS A 1 127 ? 3.422   9.210   2.385   1.00 10.91 ? 127 HIS A C   1 
ATOM   884  O O   . HIS A 1 127 ? 4.450   9.808   2.007   1.00 11.92 ? 127 HIS A O   1 
ATOM   885  C CB  . HIS A 1 127 ? 2.363   10.743  4.083   1.00 11.09 ? 127 HIS A CB  1 
ATOM   886  C CG  . HIS A 1 127 ? 3.297   11.885  4.067   1.00 13.46 ? 127 HIS A CG  1 
ATOM   887  N ND1 . HIS A 1 127 ? 3.488   12.656  2.969   1.00 17.19 ? 127 HIS A ND1 1 
ATOM   888  C CD2 . HIS A 1 127 ? 4.100   12.383  5.028   1.00 14.33 ? 127 HIS A CD2 1 
ATOM   889  C CE1 . HIS A 1 127 ? 4.381   13.594  3.259   1.00 16.38 ? 127 HIS A CE1 1 
ATOM   890  N NE2 . HIS A 1 127 ? 4.751   13.482  4.507   1.00 16.37 ? 127 HIS A NE2 1 
ATOM   891  N N   . ASP A 1 128 ? 2.602   8.563   1.572   1.00 9.50  ? 128 ASP A N   1 
ATOM   892  C CA  . ASP A 1 128 ? 2.800   8.266   0.127   1.00 9.99  ? 128 ASP A CA  1 
ATOM   893  C C   . ASP A 1 128 ? 1.542   8.712   -0.588  1.00 10.30 ? 128 ASP A C   1 
ATOM   894  O O   . ASP A 1 128 ? 0.439   8.391   -0.176  1.00 11.42 ? 128 ASP A O   1 
ATOM   895  C CB  . ASP A 1 128 ? 3.126   6.805   -0.144  1.00 10.79 ? 128 ASP A CB  1 
ATOM   896  C CG  . ASP A 1 128 ? 4.504   6.310   0.236   1.00 10.25 ? 128 ASP A CG  1 
ATOM   897  O OD1 . ASP A 1 128 ? 5.375   7.164   0.596   1.00 12.79 ? 128 ASP A OD1 1 
ATOM   898  O OD2 . ASP A 1 128 ? 4.661   5.120   0.211   1.00 10.84 ? 128 ASP A OD2 1 
ATOM   899  N N   . THR A 1 129 ? 1.707   9.355   -1.739  1.00 10.64 ? 129 THR A N   1 
ATOM   900  C CA  . THR A 1 129 ? 0.596   9.652   -2.653  1.00 11.33 ? 129 THR A CA  1 
ATOM   901  C C   . THR A 1 129 ? 0.845   8.874   -3.947  1.00 11.97 ? 129 THR A C   1 
ATOM   902  O O   . THR A 1 129 ? 1.932   8.964   -4.518  1.00 11.69 ? 129 THR A O   1 
ATOM   903  C CB  . THR A 1 129 ? 0.468   11.138  -2.940  1.00 14.32 ? 129 THR A CB  1 
ATOM   904  O OG1 . THR A 1 129 ? 0.351   11.827  -1.702  1.00 21.13 ? 129 THR A OG1 1 
ATOM   905  C CG2 . THR A 1 129 ? -0.753  11.377  -3.808  1.00 14.48 ? 129 THR A CG2 1 
ATOM   906  N N   . PHE A 1 130 ? -0.101  8.046   -4.313  1.00 11.12 ? 130 PHE A N   1 
ATOM   907  C CA  . PHE A 1 130 ? -0.056  7.190   -5.541  1.00 10.71 ? 130 PHE A CA  1 
ATOM   908  C C   . PHE A 1 130 ? -0.951  7.799   -6.610  1.00 10.94 ? 130 PHE A C   1 
ATOM   909  O O   . PHE A 1 130 ? -2.078  8.230   -6.326  1.00 10.96 ? 130 PHE A O   1 
ATOM   910  C CB  . PHE A 1 130 ? -0.540  5.796   -5.227  1.00 10.34 ? 130 PHE A CB  1 
ATOM   911  C CG  . PHE A 1 130 ? 0.367   5.092   -4.235  1.00 10.17 ? 130 PHE A CG  1 
ATOM   912  C CD1 . PHE A 1 130 ? 0.121   5.215   -2.885  1.00 10.69 ? 130 PHE A CD1 1 
ATOM   913  C CD2 . PHE A 1 130 ? 1.419   4.285   -4.644  1.00 10.13 ? 130 PHE A CD2 1 
ATOM   914  C CE1 . PHE A 1 130 ? 0.926   4.613   -1.948  1.00 9.80  ? 130 PHE A CE1 1 
ATOM   915  C CE2 . PHE A 1 130 ? 2.212   3.648   -3.691  1.00 10.93 ? 130 PHE A CE2 1 
ATOM   916  C CZ  . PHE A 1 130 ? 1.974   3.841   -2.348  1.00 11.38 ? 130 PHE A CZ  1 
ATOM   917  N N   . THR A 1 131 ? -0.432  7.777   -7.834  1.00 12.08 ? 131 THR A N   1 
ATOM   918  C CA  . THR A 1 131 ? -1.163  8.214   -9.058  1.00 13.36 ? 131 THR A CA  1 
ATOM   919  C C   . THR A 1 131 ? -1.024  7.120   -10.105 1.00 14.32 ? 131 THR A C   1 
ATOM   920  O O   . THR A 1 131 ? -0.143  6.298   -9.981  1.00 13.81 ? 131 THR A O   1 
ATOM   921  C CB  . THR A 1 131 ? -0.654  9.550   -9.607  1.00 16.44 ? 131 THR A CB  1 
ATOM   922  O OG1 . THR A 1 131 ? 0.663   9.369   -10.073 1.00 21.17 ? 131 THR A OG1 1 
ATOM   923  C CG2 . THR A 1 131 ? -0.631  10.652  -8.575  1.00 21.54 ? 131 THR A CG2 1 
ATOM   924  N N   . LYS A 1 132 ? -1.840  7.184   -11.159 1.00 17.00 ? 132 LYS A N   1 
ATOM   925  C CA  . LYS A 1 132 ? -1.875  6.170   -12.236 1.00 19.84 ? 132 LYS A CA  1 
ATOM   926  C C   . LYS A 1 132 ? -0.827  6.537   -13.278 1.00 24.50 ? 132 LYS A C   1 
ATOM   927  O O   . LYS A 1 132 ? -0.624  5.696   -14.164 1.00 20.72 ? 132 LYS A O   1 
ATOM   928  C CB  . LYS A 1 132 ? -3.312  6.031   -12.769 1.00 22.31 ? 132 LYS A CB  1 
ATOM   929  C CG  . LYS A 1 132 ? -4.241  5.217   -11.861 1.00 26.79 ? 132 LYS A CG  1 
ATOM   930  C CD  . LYS A 1 132 ? -4.662  3.808   -12.329 1.00 32.38 ? 132 LYS A CD  1 
ATOM   931  C CE  . LYS A 1 132 ? -5.865  3.277   -11.550 1.00 35.69 ? 132 LYS A CE  1 
ATOM   932  N NZ  . LYS A 1 132 ? -6.605  2.110   -12.138 1.00 34.30 ? 132 LYS A NZ  1 
ATOM   933  N N   . VAL A 1 133 ? -0.177  7.710   -13.204 1.00 25.83 ? 133 VAL A N   1 
ATOM   934  C CA  . VAL A 1 133 ? 0.940   8.068   -14.131 1.00 33.56 ? 133 VAL A CA  1 
ATOM   935  C C   . VAL A 1 133 ? 2.200   8.372   -13.307 1.00 37.54 ? 133 VAL A C   1 
ATOM   936  O O   . VAL A 1 133 ? 2.044   8.806   -12.156 1.00 41.18 ? 133 VAL A O   1 
ATOM   937  C CB  . VAL A 1 133 ? 0.554   9.246   -15.050 1.00 39.81 ? 133 VAL A CB  1 
ATOM   938  C CG1 . VAL A 1 133 ? -0.947  9.280   -15.317 1.00 42.50 ? 133 VAL A CG1 1 
ATOM   939  C CG2 . VAL A 1 133 ? 1.029   10.596  -14.516 1.00 39.94 ? 133 VAL A CG2 1 
ATOM   940  N N   . LYS A 1 134 ? 3.389   8.142   -13.886 1.00 46.68 ? 134 LYS A N   1 
ATOM   941  C CA  . LYS A 1 134 ? 4.740   8.583   -13.407 1.00 54.22 ? 134 LYS A CA  1 
ATOM   942  C C   . LYS A 1 134 ? 5.373   7.464   -12.576 1.00 56.68 ? 134 LYS A C   1 
ATOM   943  O O   . LYS A 1 134 ? 5.993   6.554   -13.136 1.00 59.41 ? 134 LYS A O   1 
ATOM   944  C CB  . LYS A 1 134 ? 4.676   9.897   -12.621 1.00 60.21 ? 134 LYS A CB  1 
ATOM   945  C CG  . LYS A 1 134 ? 5.910   10.237  -11.794 1.00 63.88 ? 134 LYS A CG  1 
ATOM   946  C CD  . LYS A 1 134 ? 5.935   9.574   -10.420 1.00 66.81 ? 134 LYS A CD  1 
ATOM   947  C CE  . LYS A 1 134 ? 6.285   10.512  -9.284  1.00 70.40 ? 134 LYS A CE  1 
ATOM   948  N NZ  . LYS A 1 134 ? 7.430   11.398  -9.612  1.00 72.78 ? 134 LYS A NZ  1 
HETATM 949  C C10 . QG7 B 2 .   ? 9.301   3.330   1.475   1.00 9.22  ? 201 QG7 A C10 1 
HETATM 950  C C15 . QG7 B 2 .   ? 12.522  1.683   12.181  1.00 16.08 ? 201 QG7 A C15 1 
HETATM 951  C C17 . QG7 B 2 .   ? 15.341  2.036   7.829   1.00 19.54 ? 201 QG7 A C17 1 
HETATM 952  C C11 . QG7 B 2 .   ? 15.198  0.058   9.150   1.00 19.69 ? 201 QG7 A C11 1 
HETATM 953  C C12 . QG7 B 2 .   ? 14.204  0.663   10.168  1.00 16.10 ? 201 QG7 A C12 1 
HETATM 954  C C14 . QG7 B 2 .   ? 11.988  0.781   11.232  1.00 16.15 ? 201 QG7 A C14 1 
HETATM 955  O O2  . QG7 B 2 .   ? 7.508   3.239   -1.550  1.00 10.18 ? 201 QG7 A O2  1 
HETATM 956  C C9  . QG7 B 2 .   ? 7.891   3.349   -0.398  1.00 9.03  ? 201 QG7 A C9  1 
HETATM 957  N N1  . QG7 B 2 .   ? 7.185   3.961   0.545   1.00 10.34 ? 201 QG7 A N1  1 
HETATM 958  N N2  . QG7 B 2 .   ? 9.117   2.952   0.020   1.00 9.88  ? 201 QG7 A N2  1 
HETATM 959  C C8  . QG7 B 2 .   ? 7.950   4.043   1.841   1.00 8.64  ? 201 QG7 A C8  1 
HETATM 960  C C7  . QG7 B 2 .   ? 7.263   3.142   2.901   1.00 9.24  ? 201 QG7 A C7  1 
HETATM 961  S S1  . QG7 B 2 .   ? 7.787   1.451   2.658   1.00 10.48 ? 201 QG7 A S1  1 
HETATM 962  C C6  . QG7 B 2 .   ? 9.458   2.084   2.318   1.00 9.45  ? 201 QG7 A C6  1 
HETATM 963  C C5  . QG7 B 2 .   ? 10.500  1.063   1.853   1.00 10.48 ? 201 QG7 A C5  1 
HETATM 964  C C4  . QG7 B 2 .   ? 10.848  0.050   2.928   1.00 9.69  ? 201 QG7 A C4  1 
HETATM 965  C C3  . QG7 B 2 .   ? 11.717  -1.069  2.331   1.00 10.32 ? 201 QG7 A C3  1 
HETATM 966  C C2  . QG7 B 2 .   ? 12.261  -2.034  3.369   1.00 11.19 ? 201 QG7 A C2  1 
HETATM 967  C C1  . QG7 B 2 .   ? 13.213  -1.399  4.406   1.00 11.22 ? 201 QG7 A C1  1 
HETATM 968  C C24 . QG7 B 2 .   ? 14.088  -1.285  6.615   1.00 12.78 ? 201 QG7 A C24 1 
HETATM 969  O O1  . QG7 B 2 .   ? 14.111  -0.624  4.045   1.00 11.31 ? 201 QG7 A O1  1 
HETATM 970  N N6  . QG7 B 2 .   ? 12.984  -1.734  5.736   1.00 11.51 ? 201 QG7 A N6  1 
HETATM 971  C C23 . QG7 B 2 .   ? 13.885  0.153   7.058   1.00 13.57 ? 201 QG7 A C23 1 
HETATM 972  N N3  . QG7 B 2 .   ? 15.094  0.599   7.794   1.00 16.74 ? 201 QG7 A N3  1 
HETATM 973  N N4  . QG7 B 2 .   ? 14.657  1.549   11.086  1.00 17.78 ? 201 QG7 A N4  1 
HETATM 974  C C16 . QG7 B 2 .   ? 13.848  2.048   12.085  1.00 16.61 ? 201 QG7 A C16 1 
HETATM 975  C C13 . QG7 B 2 .   ? 12.884  0.265   10.239  1.00 18.29 ? 201 QG7 A C13 1 
HETATM 976  N N5  . QG7 B 2 .   ? 16.401  1.716   5.545   1.00 24.27 ? 201 QG7 A N5  1 
HETATM 977  C C18 . QG7 B 2 .   ? 16.042  2.573   6.597   1.00 23.14 ? 201 QG7 A C18 1 
HETATM 978  C C22 . QG7 B 2 .   ? 17.043  2.234   4.445   1.00 24.68 ? 201 QG7 A C22 1 
HETATM 979  C C21 . QG7 B 2 .   ? 17.336  3.637   4.415   1.00 24.29 ? 201 QG7 A C21 1 
HETATM 980  C C20 . QG7 B 2 .   ? 16.992  4.495   5.496   1.00 25.65 ? 201 QG7 A C20 1 
HETATM 981  C C19 . QG7 B 2 .   ? 16.327  3.940   6.637   1.00 20.99 ? 201 QG7 A C19 1 
HETATM 982  O O   . HOH C 3 .   ? 7.715   -0.011  19.391  1.00 27.21 ? 301 HOH A O   1 
HETATM 983  O O   . HOH C 3 .   ? 20.318  -9.246  -3.907  1.00 30.39 ? 302 HOH A O   1 
HETATM 984  O O   . HOH C 3 .   ? 16.058  -13.310 -10.650 1.00 35.94 ? 303 HOH A O   1 
HETATM 985  O O   . HOH C 3 .   ? 6.446   -4.044  -12.431 1.00 34.92 ? 304 HOH A O   1 
HETATM 986  O O   . HOH C 3 .   ? 15.191  -3.456  9.040   1.00 30.69 ? 305 HOH A O   1 
HETATM 987  O O   . HOH C 3 .   ? -3.038  14.374  -2.940  1.00 43.34 ? 306 HOH A O   1 
HETATM 988  O O   . HOH C 3 .   ? -9.060  -0.993  -13.902 1.00 37.67 ? 307 HOH A O   1 
HETATM 989  O O   . HOH C 3 .   ? 15.116  0.355   15.131  1.00 24.57 ? 308 HOH A O   1 
HETATM 990  O O   . HOH C 3 .   ? -1.251  3.178   -14.133 1.00 19.80 ? 309 HOH A O   1 
HETATM 991  O O   . HOH C 3 .   ? 2.992   -7.926  -10.116 1.00 32.99 ? 310 HOH A O   1 
HETATM 992  O O   . HOH C 3 .   ? 16.308  -4.329  14.350  1.00 31.11 ? 311 HOH A O   1 
HETATM 993  O O   . HOH C 3 .   ? 0.758   5.041   -16.266 1.00 28.34 ? 312 HOH A O   1 
HETATM 994  O O   . HOH C 3 .   ? -10.675 6.657   -11.071 1.00 35.78 ? 313 HOH A O   1 
HETATM 995  O O   . HOH C 3 .   ? -0.843  11.009  2.112   1.00 36.66 ? 314 HOH A O   1 
HETATM 996  O O   . HOH C 3 .   ? -15.288 6.920   -2.950  1.00 31.86 ? 315 HOH A O   1 
HETATM 997  O O   . HOH C 3 .   ? 10.027  -10.439 -8.634  1.00 40.44 ? 316 HOH A O   1 
HETATM 998  O O   . HOH C 3 .   ? 13.841  -6.585  1.529   1.00 12.24 ? 317 HOH A O   1 
HETATM 999  O O   . HOH C 3 .   ? 19.880  -11.956 -3.134  1.00 16.15 ? 318 HOH A O   1 
HETATM 1000 O O   . HOH C 3 .   ? 6.809   -3.719  -9.951  1.00 20.77 ? 319 HOH A O   1 
HETATM 1001 O O   . HOH C 3 .   ? 15.744  2.428   -6.814  1.00 40.20 ? 320 HOH A O   1 
HETATM 1002 O O   . HOH C 3 .   ? 17.478  0.006   12.179  1.00 41.19 ? 321 HOH A O   1 
HETATM 1003 O O   . HOH C 3 .   ? 9.142   3.437   17.134  1.00 17.55 ? 322 HOH A O   1 
HETATM 1004 O O   . HOH C 3 .   ? 19.243  -4.562  22.453  1.00 33.72 ? 323 HOH A O   1 
HETATM 1005 O O   . HOH C 3 .   ? -5.190  -10.776 -0.681  1.00 33.08 ? 324 HOH A O   1 
HETATM 1006 O O   . HOH C 3 .   ? 4.652   -0.542  15.664  1.00 15.94 ? 325 HOH A O   1 
HETATM 1007 O O   . HOH C 3 .   ? 16.078  -17.250 -1.983  1.00 40.90 ? 326 HOH A O   1 
HETATM 1008 O O   . HOH C 3 .   ? 17.105  2.667   11.095  1.00 44.52 ? 327 HOH A O   1 
HETATM 1009 O O   . HOH C 3 .   ? -8.453  12.359  -7.609  1.00 35.17 ? 328 HOH A O   1 
HETATM 1010 O O   . HOH C 3 .   ? 4.852   -9.536  1.804   1.00 11.81 ? 329 HOH A O   1 
HETATM 1011 O O   . HOH C 3 .   ? -3.727  9.301   -11.599 1.00 19.22 ? 330 HOH A O   1 
HETATM 1012 O O   . HOH C 3 .   ? 11.561  -3.358  -4.037  1.00 11.80 ? 331 HOH A O   1 
HETATM 1013 O O   . HOH C 3 .   ? -15.235 -4.228  1.990   1.00 14.34 ? 332 HOH A O   1 
HETATM 1014 O O   . HOH C 3 .   ? -14.800 4.266   2.495   1.00 13.46 ? 333 HOH A O   1 
HETATM 1015 O O   . HOH C 3 .   ? -6.659  11.726  -17.094 1.00 30.68 ? 334 HOH A O   1 
HETATM 1016 O O   . HOH C 3 .   ? 14.288  0.330   26.354  1.00 35.03 ? 335 HOH A O   1 
HETATM 1017 O O   . HOH C 3 .   ? -18.390 9.300   -2.259  1.00 34.76 ? 336 HOH A O   1 
HETATM 1018 O O   . HOH C 3 .   ? -7.851  -9.102  -4.955  1.00 22.76 ? 337 HOH A O   1 
HETATM 1019 O O   . HOH C 3 .   ? 0.660   -11.305 -5.021  1.00 24.93 ? 338 HOH A O   1 
HETATM 1020 O O   . HOH C 3 .   ? 2.670   10.113  -6.917  1.00 32.19 ? 339 HOH A O   1 
HETATM 1021 O O   . HOH C 3 .   ? 10.319  -10.845 -6.328  1.00 21.03 ? 340 HOH A O   1 
HETATM 1022 O O   . HOH C 3 .   ? -2.986  -6.033  4.978   0.50 10.89 ? 341 HOH A O   1 
HETATM 1023 O O   . HOH C 3 .   ? -13.955 4.660   -8.944  1.00 33.54 ? 342 HOH A O   1 
HETATM 1024 O O   . HOH C 3 .   ? -6.211  9.042   -13.410 1.00 24.32 ? 343 HOH A O   1 
HETATM 1025 O O   . HOH C 3 .   ? 15.012  -0.357  -3.640  1.00 25.82 ? 344 HOH A O   1 
HETATM 1026 O O   . HOH C 3 .   ? -15.396 0.589   -3.517  1.00 22.87 ? 345 HOH A O   1 
HETATM 1027 O O   . HOH C 3 .   ? 7.527   8.230   2.052   1.00 17.15 ? 346 HOH A O   1 
HETATM 1028 O O   . HOH C 3 .   ? 16.189  -9.224  -8.117  1.00 47.39 ? 347 HOH A O   1 
HETATM 1029 O O   . HOH C 3 .   ? 2.056   12.195  0.587   1.00 25.91 ? 348 HOH A O   1 
HETATM 1030 O O   . HOH C 3 .   ? -7.531  12.004  0.374   1.00 29.33 ? 349 HOH A O   1 
HETATM 1031 O O   . HOH C 3 .   ? 9.358   0.985   -8.869  1.00 22.27 ? 350 HOH A O   1 
HETATM 1032 O O   . HOH C 3 .   ? -9.061  -10.440 1.849   1.00 23.08 ? 351 HOH A O   1 
HETATM 1033 O O   . HOH C 3 .   ? 10.603  -8.974  6.437   1.00 14.17 ? 352 HOH A O   1 
HETATM 1034 O O   . HOH C 3 .   ? -1.455  -11.369 -1.649  1.00 33.70 ? 353 HOH A O   1 
HETATM 1035 O O   . HOH C 3 .   ? 7.446   -0.108  -12.710 1.00 33.64 ? 354 HOH A O   1 
HETATM 1036 O O   . HOH C 3 .   ? 19.248  -11.366 8.184   1.00 35.54 ? 355 HOH A O   1 
HETATM 1037 O O   . HOH C 3 .   ? 6.938   -11.841 2.468   1.00 20.35 ? 356 HOH A O   1 
HETATM 1038 O O   . HOH C 3 .   ? 17.325  3.949   -0.105  1.00 26.22 ? 357 HOH A O   1 
HETATM 1039 O O   . HOH C 3 .   ? 17.593  -0.696  7.278   1.00 28.66 ? 358 HOH A O   1 
HETATM 1040 O O   . HOH C 3 .   ? -16.706 6.318   1.936   1.00 15.71 ? 359 HOH A O   1 
HETATM 1041 O O   . HOH C 3 .   ? -13.323 7.786   -4.383  1.00 34.18 ? 360 HOH A O   1 
HETATM 1042 O O   . HOH C 3 .   ? -14.646 1.881   -10.016 1.00 46.56 ? 361 HOH A O   1 
HETATM 1043 O O   . HOH C 3 .   ? 13.856  -3.210  -7.631  1.00 26.59 ? 362 HOH A O   1 
HETATM 1044 O O   . HOH C 3 .   ? -13.782 -10.370 -7.517  1.00 32.43 ? 363 HOH A O   1 
HETATM 1045 O O   . HOH C 3 .   ? 7.500   -2.463  18.699  1.00 27.01 ? 364 HOH A O   1 
HETATM 1046 O O   . HOH C 3 .   ? -6.496  13.451  -3.884  1.00 36.66 ? 365 HOH A O   1 
HETATM 1047 O O   . HOH C 3 .   ? 7.233   -11.318 -1.154  1.00 14.99 ? 366 HOH A O   1 
HETATM 1048 O O   . HOH C 3 .   ? 16.974  -3.531  6.908   1.00 24.88 ? 367 HOH A O   1 
HETATM 1049 O O   . HOH C 3 .   ? 15.212  -13.573 1.617   1.00 30.13 ? 368 HOH A O   1 
HETATM 1050 O O   . HOH C 3 .   ? 8.498   10.404  0.628   1.00 22.01 ? 369 HOH A O   1 
HETATM 1051 O O   . HOH C 3 .   ? 10.712  -13.214 -4.810  1.00 24.87 ? 370 HOH A O   1 
HETATM 1052 O O   . HOH C 3 .   ? -2.610  -7.856  -8.961  1.00 30.04 ? 371 HOH A O   1 
HETATM 1053 O O   . HOH C 3 .   ? 14.950  -8.667  23.567  1.00 37.05 ? 372 HOH A O   1 
HETATM 1054 O O   . HOH C 3 .   ? 13.141  8.313   -4.553  1.00 36.85 ? 373 HOH A O   1 
HETATM 1055 O O   . HOH C 3 .   ? 10.101  -15.576 -0.188  1.00 47.15 ? 374 HOH A O   1 
HETATM 1056 O O   . HOH C 3 .   ? -3.212  -5.198  -11.367 1.00 34.88 ? 375 HOH A O   1 
HETATM 1057 O O   . HOH C 3 .   ? 17.574  1.445   23.350  1.00 24.86 ? 376 HOH A O   1 
HETATM 1058 O O   . HOH C 3 .   ? -4.427  9.606   3.638   1.00 29.53 ? 377 HOH A O   1 
HETATM 1059 O O   . HOH C 3 .   ? 12.071  -0.125  24.039  1.00 24.74 ? 378 HOH A O   1 
HETATM 1060 O O   . HOH C 3 .   ? 6.958   10.089  4.110   1.00 16.96 ? 379 HOH A O   1 
HETATM 1061 O O   . HOH C 3 .   ? -13.034 12.776  -2.104  1.00 32.66 ? 380 HOH A O   1 
HETATM 1062 O O   . HOH C 3 .   ? 17.168  -4.204  18.074  1.00 23.83 ? 381 HOH A O   1 
HETATM 1063 O O   . HOH C 3 .   ? -5.928  -10.167 -11.204 1.00 45.34 ? 382 HOH A O   1 
HETATM 1064 O O   . HOH C 3 .   ? 6.438   12.011  1.583   1.00 32.66 ? 383 HOH A O   1 
HETATM 1065 O O   . HOH C 3 .   ? -16.005 -0.950  -10.210 1.00 34.40 ? 384 HOH A O   1 
HETATM 1066 O O   . HOH C 3 .   ? -16.703 -6.438  1.759   1.00 40.61 ? 385 HOH A O   1 
HETATM 1067 O O   . HOH C 3 .   ? 15.084  -14.723 4.994   1.00 33.12 ? 386 HOH A O   1 
HETATM 1068 O O   . HOH C 3 .   ? -6.901  -9.767  0.523   1.00 31.90 ? 387 HOH A O   1 
HETATM 1069 O O   . HOH C 3 .   ? 16.358  -6.469  24.972  1.00 28.85 ? 388 HOH A O   1 
HETATM 1070 O O   . HOH C 3 .   ? 7.698   2.323   19.153  1.00 29.41 ? 389 HOH A O   1 
HETATM 1071 O O   . HOH C 3 .   ? -16.973 5.947   -4.812  1.00 32.00 ? 390 HOH A O   1 
HETATM 1072 O O   . HOH C 3 .   ? -8.799  5.361   -11.260 1.00 32.75 ? 391 HOH A O   1 
HETATM 1073 O O   . HOH C 3 .   ? 12.247  -14.474 -8.096  1.00 43.14 ? 392 HOH A O   1 
HETATM 1074 O O   . HOH C 3 .   ? 5.078   -4.110  -7.998  1.00 19.31 ? 393 HOH A O   1 
HETATM 1075 O O   . HOH C 3 .   ? -3.172  -10.258 -7.700  1.00 41.66 ? 394 HOH A O   1 
HETATM 1076 O O   . HOH C 3 .   ? 15.211  -8.008  12.927  1.00 23.86 ? 395 HOH A O   1 
HETATM 1077 O O   . HOH C 3 .   ? 17.299  4.397   -3.393  1.00 42.64 ? 396 HOH A O   1 
HETATM 1078 O O   . HOH C 3 .   ? 12.882  -17.215 0.369   1.00 48.71 ? 397 HOH A O   1 
HETATM 1079 O O   . HOH C 3 .   ? 18.485  -11.341 5.537   1.00 26.01 ? 398 HOH A O   1 
HETATM 1080 O O   . HOH C 3 .   ? 7.378   15.050  3.361   1.00 41.13 ? 399 HOH A O   1 
HETATM 1081 O O   . HOH C 3 .   ? 19.367  -13.950 0.208   1.00 37.40 ? 400 HOH A O   1 
HETATM 1082 O O   . HOH C 3 .   ? -3.431  1.506   -14.328 0.50 31.60 ? 401 HOH A O   1 
HETATM 1083 O O   . HOH C 3 .   ? 17.947  0.882   25.816  1.00 35.42 ? 402 HOH A O   1 
HETATM 1084 O O   . HOH C 3 .   ? 6.087   -10.929 -5.536  1.00 33.59 ? 403 HOH A O   1 
HETATM 1085 O O   . HOH C 3 .   ? 16.159  3.489   14.725  1.00 41.52 ? 404 HOH A O   1 
HETATM 1086 O O   . HOH C 3 .   ? 20.077  -4.083  7.289   1.00 41.67 ? 405 HOH A O   1 
HETATM 1087 O O   . HOH C 3 .   ? -3.920  -12.878 -1.143  1.00 38.01 ? 406 HOH A O   1 
HETATM 1088 O O   . HOH C 3 .   ? 14.974  -5.821  27.648  1.00 47.06 ? 407 HOH A O   1 
HETATM 1089 O O   . HOH C 3 .   ? 16.194  0.029   -6.374  1.00 39.37 ? 408 HOH A O   1 
HETATM 1090 O O   . HOH C 3 .   ? 14.185  1.222   -8.350  1.00 41.55 ? 409 HOH A O   1 
HETATM 1091 O O   . HOH C 3 .   ? -11.633 -11.560 -4.495  1.00 33.99 ? 410 HOH A O   1 
HETATM 1092 O O   . HOH C 3 .   ? 7.584   -13.566 -2.607  1.00 32.24 ? 411 HOH A O   1 
HETATM 1093 O O   . HOH C 3 .   ? 19.121  1.375   10.267  1.00 47.46 ? 412 HOH A O   1 
HETATM 1094 O O   . HOH C 3 .   ? 3.015   -12.321 -6.432  1.00 35.71 ? 413 HOH A O   1 
HETATM 1095 O O   . HOH C 3 .   ? -13.202 -13.933 3.157   1.00 44.76 ? 414 HOH A O   1 
HETATM 1096 O O   . HOH C 3 .   ? 0.616   17.517  -18.063 1.00 44.18 ? 415 HOH A O   1 
HETATM 1097 O O   . HOH C 3 .   ? 5.828   16.907  -16.591 1.00 43.26 ? 416 HOH A O   1 
# 
loop_
_pdbx_poly_seq_scheme.asym_id 
_pdbx_poly_seq_scheme.entity_id 
_pdbx_poly_seq_scheme.seq_id 
_pdbx_poly_seq_scheme.mon_id 
_pdbx_poly_seq_scheme.ndb_seq_num 
_pdbx_poly_seq_scheme.pdb_seq_num 
_pdbx_poly_seq_scheme.auth_seq_num 
_pdbx_poly_seq_scheme.pdb_mon_id 
_pdbx_poly_seq_scheme.auth_mon_id 
_pdbx_poly_seq_scheme.pdb_strand_id 
_pdbx_poly_seq_scheme.pdb_ins_code 
_pdbx_poly_seq_scheme.hetero 
A 1 1   MET 1   1   ?   ?   ?   A . n 
A 1 2   ALA 2   2   ?   ?   ?   A . n 
A 1 3   SER 3   3   ?   ?   ?   A . n 
A 1 4   MET 4   4   ?   ?   ?   A . n 
A 1 5   THR 5   5   ?   ?   ?   A . n 
A 1 6   GLY 6   6   ?   ?   ?   A . n 
A 1 7   GLY 7   7   ?   ?   ?   A . n 
A 1 8   GLN 8   8   ?   ?   ?   A . n 
A 1 9   GLN 9   9   ?   ?   ?   A . n 
A 1 10  MET 10  10  ?   ?   ?   A . n 
A 1 11  GLY 11  11  11  GLY GLY A . n 
A 1 12  ARG 12  12  12  ARG ARG A . n 
A 1 13  ASP 13  13  13  ASP ASP A . n 
A 1 14  GLU 14  14  14  GLU GLU A . n 
A 1 15  ALA 15  15  15  ALA ALA A . n 
A 1 16  GLY 16  16  16  GLY GLY A . n 
A 1 17  ILE 17  17  17  ILE ILE A . n 
A 1 18  THR 18  18  18  THR THR A . n 
A 1 19  GLY 19  19  19  GLY GLY A . n 
A 1 20  THR 20  20  20  THR THR A . n 
A 1 21  TRP 21  21  21  TRP TRP A . n 
A 1 22  TYR 22  22  22  TYR TYR A . n 
A 1 23  ASN 23  23  23  ASN ASN A . n 
A 1 24  GLN 24  24  24  GLN GLN A . n 
A 1 25  LEU 25  25  25  LEU LEU A . n 
A 1 26  GLY 26  26  26  GLY GLY A . n 
A 1 27  SER 27  27  27  SER SER A . n 
A 1 28  THR 28  28  28  THR THR A . n 
A 1 29  PHE 29  29  29  PHE PHE A . n 
A 1 30  ILE 30  30  30  ILE ILE A . n 
A 1 31  VAL 31  31  31  VAL VAL A . n 
A 1 32  THR 32  32  32  THR THR A . n 
A 1 33  ALA 33  33  33  ALA ALA A . n 
A 1 34  GLY 34  34  34  GLY GLY A . n 
A 1 35  ALA 35  35  35  ALA ALA A . n 
A 1 36  ASP 36  36  36  ASP ASP A . n 
A 1 37  GLY 37  37  37  GLY GLY A . n 
A 1 38  ALA 38  38  38  ALA ALA A . n 
A 1 39  LEU 39  39  39  LEU LEU A . n 
A 1 40  THR 40  40  40  THR THR A . n 
A 1 41  GLY 41  41  41  GLY GLY A . n 
A 1 42  THR 42  42  42  THR THR A . n 
A 1 43  TYR 43  43  43  TYR TYR A . n 
A 1 44  GLU 44  44  44  GLU GLU A . n 
A 1 45  SER 45  45  45  SER SER A . n 
A 1 46  ALA 46  46  46  ALA ALA A . n 
A 1 47  VAL 47  47  47  VAL VAL A . n 
A 1 48  GLY 48  48  48  GLY GLY A . n 
A 1 49  ASN 49  49  49  ASN ASN A . n 
A 1 50  ALA 50  50  50  ALA ALA A . n 
A 1 51  GLU 51  51  51  GLU GLU A . n 
A 1 52  SER 52  52  52  SER SER A . n 
A 1 53  ARG 53  53  53  ARG ARG A . n 
A 1 54  TYR 54  54  54  TYR TYR A . n 
A 1 55  VAL 55  55  55  VAL VAL A . n 
A 1 56  LEU 56  56  56  LEU LEU A . n 
A 1 57  THR 57  57  57  THR THR A . n 
A 1 58  GLY 58  58  58  GLY GLY A . n 
A 1 59  ARG 59  59  59  ARG ARG A . n 
A 1 60  TYR 60  60  60  TYR TYR A . n 
A 1 61  ASP 61  61  61  ASP ASP A . n 
A 1 62  SER 62  62  62  SER SER A . n 
A 1 63  ALA 63  63  63  ALA ALA A . n 
A 1 64  PRO 64  64  64  PRO PRO A . n 
A 1 65  ALA 65  65  65  ALA ALA A . n 
A 1 66  THR 66  66  66  THR THR A . n 
A 1 67  ASP 67  67  67  ASP ASP A . n 
A 1 68  GLY 68  68  68  GLY GLY A . n 
A 1 69  SER 69  69  69  SER SER A . n 
A 1 70  GLY 70  70  70  GLY GLY A . n 
A 1 71  THR 71  71  71  THR THR A . n 
A 1 72  ALA 72  72  72  ALA ALA A . n 
A 1 73  LEU 73  73  73  LEU LEU A . n 
A 1 74  GLY 74  74  74  GLY GLY A . n 
A 1 75  TRP 75  75  75  TRP TRP A . n 
A 1 76  THR 76  76  76  THR THR A . n 
A 1 77  VAL 77  77  77  VAL VAL A . n 
A 1 78  ALA 78  78  78  ALA ALA A . n 
A 1 79  TRP 79  79  79  TRP TRP A . n 
A 1 80  LYS 80  80  80  LYS LYS A . n 
A 1 81  ASN 81  81  81  ASN ASN A . n 
A 1 82  ASN 82  82  82  ASN ASN A . n 
A 1 83  TYR 83  83  83  TYR TYR A . n 
A 1 84  ARG 84  84  84  ARG ARG A . n 
A 1 85  ASN 85  85  85  ASN ASN A . n 
A 1 86  ALA 86  86  86  ALA ALA A . n 
A 1 87  HIS 87  87  87  HIS HIS A . n 
A 1 88  SER 88  88  88  SER SER A . n 
A 1 89  ALA 89  89  89  ALA ALA A . n 
A 1 90  THR 90  90  90  THR THR A . n 
A 1 91  THR 91  91  91  THR THR A . n 
A 1 92  TRP 92  92  92  TRP TRP A . n 
A 1 93  SER 93  93  93  SER SER A . n 
A 1 94  GLY 94  94  94  GLY GLY A . n 
A 1 95  GLN 95  95  95  GLN GLN A . n 
A 1 96  TYR 96  96  96  TYR TYR A . n 
A 1 97  VAL 97  97  97  VAL VAL A . n 
A 1 98  GLY 98  98  98  GLY GLY A . n 
A 1 99  GLY 99  99  99  GLY GLY A . n 
A 1 100 ALA 100 100 100 ALA ALA A . n 
A 1 101 GLN 101 101 101 GLN GLN A . n 
A 1 102 ALA 102 102 102 ALA ALA A . n 
A 1 103 ARG 103 103 103 ARG ARG A . n 
A 1 104 ILE 104 104 104 ILE ILE A . n 
A 1 105 ASN 105 105 105 ASN ASN A . n 
A 1 106 THR 106 106 106 THR THR A . n 
A 1 107 GLN 107 107 107 GLN GLN A . n 
A 1 108 TRP 108 108 108 TRP TRP A . n 
A 1 109 LEU 109 109 109 LEU LEU A . n 
A 1 110 LEU 110 110 110 LEU LEU A . n 
A 1 111 THR 111 111 111 THR THR A . n 
A 1 112 GLU 112 112 112 GLU GLU A . n 
A 1 113 GLY 113 113 113 GLY GLY A . n 
A 1 114 THR 114 114 114 THR THR A . n 
A 1 115 THR 115 115 115 THR THR A . n 
A 1 116 GLU 116 116 116 GLU GLU A . n 
A 1 117 ALA 117 117 117 ALA ALA A . n 
A 1 118 ASN 118 118 118 ASN ASN A . n 
A 1 119 ALA 119 119 119 ALA ALA A . n 
A 1 120 TRP 120 120 120 TRP TRP A . n 
A 1 121 ALA 121 121 121 ALA ALA A . n 
A 1 122 SER 122 122 122 SER SER A . n 
A 1 123 THR 123 123 123 THR THR A . n 
A 1 124 LEU 124 124 124 LEU LEU A . n 
A 1 125 VAL 125 125 125 VAL VAL A . n 
A 1 126 GLY 126 126 126 GLY GLY A . n 
A 1 127 HIS 127 127 127 HIS HIS A . n 
A 1 128 ASP 128 128 128 ASP ASP A . n 
A 1 129 THR 129 129 129 THR THR A . n 
A 1 130 PHE 130 130 130 PHE PHE A . n 
A 1 131 THR 131 131 131 THR THR A . n 
A 1 132 LYS 132 132 132 LYS LYS A . n 
A 1 133 VAL 133 133 133 VAL VAL A . n 
A 1 134 LYS 134 134 134 LYS LYS A . n 
A 1 135 PRO 135 135 ?   ?   ?   A . n 
A 1 136 SER 136 136 ?   ?   ?   A . n 
A 1 137 ALA 137 137 ?   ?   ?   A . n 
A 1 138 ALA 138 138 ?   ?   ?   A . n 
A 1 139 SER 139 139 ?   ?   ?   A . n 
A 1 140 ILE 140 140 ?   ?   ?   A . n 
A 1 141 ASP 141 141 ?   ?   ?   A . n 
A 1 142 ALA 142 142 ?   ?   ?   A . n 
A 1 143 ALA 143 143 ?   ?   ?   A . n 
A 1 144 LYS 144 144 ?   ?   ?   A . n 
A 1 145 LYS 145 145 ?   ?   ?   A . n 
A 1 146 ALA 146 146 ?   ?   ?   A . n 
A 1 147 GLY 147 147 ?   ?   ?   A . n 
A 1 148 VAL 148 148 ?   ?   ?   A . n 
A 1 149 ASN 149 149 ?   ?   ?   A . n 
A 1 150 ASN 150 150 ?   ?   ?   A . n 
A 1 151 GLY 151 151 ?   ?   ?   A . n 
A 1 152 ASN 152 152 ?   ?   ?   A . n 
A 1 153 PRO 153 153 ?   ?   ?   A . n 
A 1 154 LEU 154 154 ?   ?   ?   A . n 
A 1 155 ASP 155 155 ?   ?   ?   A . n 
A 1 156 ALA 156 156 ?   ?   ?   A . n 
A 1 157 VAL 157 157 ?   ?   ?   A . n 
A 1 158 GLN 158 158 ?   ?   ?   A . n 
A 1 159 GLN 159 159 ?   ?   ?   A . n 
# 
loop_
_pdbx_nonpoly_scheme.asym_id 
_pdbx_nonpoly_scheme.entity_id 
_pdbx_nonpoly_scheme.mon_id 
_pdbx_nonpoly_scheme.ndb_seq_num 
_pdbx_nonpoly_scheme.pdb_seq_num 
_pdbx_nonpoly_scheme.auth_seq_num 
_pdbx_nonpoly_scheme.pdb_mon_id 
_pdbx_nonpoly_scheme.auth_mon_id 
_pdbx_nonpoly_scheme.pdb_strand_id 
_pdbx_nonpoly_scheme.pdb_ins_code 
B 2 QG7 1   201 1   QG7 KM2 A . 
C 3 HOH 1   301 54  HOH HOH A . 
C 3 HOH 2   302 137 HOH HOH A . 
C 3 HOH 3   303 72  HOH HOH A . 
C 3 HOH 4   304 112 HOH HOH A . 
C 3 HOH 5   305 79  HOH HOH A . 
C 3 HOH 6   306 67  HOH HOH A . 
C 3 HOH 7   307 99  HOH HOH A . 
C 3 HOH 8   308 44  HOH HOH A . 
C 3 HOH 9   309 129 HOH HOH A . 
C 3 HOH 10  310 88  HOH HOH A . 
C 3 HOH 11  311 47  HOH HOH A . 
C 3 HOH 12  312 78  HOH HOH A . 
C 3 HOH 13  313 98  HOH HOH A . 
C 3 HOH 14  314 134 HOH HOH A . 
C 3 HOH 15  315 62  HOH HOH A . 
C 3 HOH 16  316 114 HOH HOH A . 
C 3 HOH 17  317 5   HOH HOH A . 
C 3 HOH 18  318 15  HOH HOH A . 
C 3 HOH 19  319 18  HOH HOH A . 
C 3 HOH 20  320 103 HOH HOH A . 
C 3 HOH 21  321 87  HOH HOH A . 
C 3 HOH 22  322 13  HOH HOH A . 
C 3 HOH 23  323 60  HOH HOH A . 
C 3 HOH 24  324 121 HOH HOH A . 
C 3 HOH 25  325 19  HOH HOH A . 
C 3 HOH 26  326 116 HOH HOH A . 
C 3 HOH 27  327 96  HOH HOH A . 
C 3 HOH 28  328 109 HOH HOH A . 
C 3 HOH 29  329 10  HOH HOH A . 
C 3 HOH 30  330 23  HOH HOH A . 
C 3 HOH 31  331 9   HOH HOH A . 
C 3 HOH 32  332 8   HOH HOH A . 
C 3 HOH 33  333 12  HOH HOH A . 
C 3 HOH 34  334 43  HOH HOH A . 
C 3 HOH 35  335 51  HOH HOH A . 
C 3 HOH 36  336 59  HOH HOH A . 
C 3 HOH 37  337 36  HOH HOH A . 
C 3 HOH 38  338 27  HOH HOH A . 
C 3 HOH 39  339 74  HOH HOH A . 
C 3 HOH 40  340 25  HOH HOH A . 
C 3 HOH 41  341 6   HOH HOH A . 
C 3 HOH 42  342 73  HOH HOH A . 
C 3 HOH 43  343 38  HOH HOH A . 
C 3 HOH 44  344 56  HOH HOH A . 
C 3 HOH 45  345 14  HOH HOH A . 
C 3 HOH 46  346 22  HOH HOH A . 
C 3 HOH 47  347 91  HOH HOH A . 
C 3 HOH 48  348 26  HOH HOH A . 
C 3 HOH 49  349 69  HOH HOH A . 
C 3 HOH 50  350 55  HOH HOH A . 
C 3 HOH 51  351 24  HOH HOH A . 
C 3 HOH 52  352 3   HOH HOH A . 
C 3 HOH 53  353 133 HOH HOH A . 
C 3 HOH 54  354 61  HOH HOH A . 
C 3 HOH 55  355 136 HOH HOH A . 
C 3 HOH 56  356 20  HOH HOH A . 
C 3 HOH 57  357 124 HOH HOH A . 
C 3 HOH 58  358 2   HOH HOH A . 
C 3 HOH 59  359 11  HOH HOH A . 
C 3 HOH 60  360 80  HOH HOH A . 
C 3 HOH 61  361 97  HOH HOH A . 
C 3 HOH 62  362 50  HOH HOH A . 
C 3 HOH 63  363 71  HOH HOH A . 
C 3 HOH 64  364 131 HOH HOH A . 
C 3 HOH 65  365 57  HOH HOH A . 
C 3 HOH 66  366 7   HOH HOH A . 
C 3 HOH 67  367 1   HOH HOH A . 
C 3 HOH 68  368 52  HOH HOH A . 
C 3 HOH 69  369 35  HOH HOH A . 
C 3 HOH 70  370 45  HOH HOH A . 
C 3 HOH 71  371 53  HOH HOH A . 
C 3 HOH 72  372 111 HOH HOH A . 
C 3 HOH 73  373 100 HOH HOH A . 
C 3 HOH 74  374 118 HOH HOH A . 
C 3 HOH 75  375 46  HOH HOH A . 
C 3 HOH 76  376 34  HOH HOH A . 
C 3 HOH 77  377 135 HOH HOH A . 
C 3 HOH 78  378 31  HOH HOH A . 
C 3 HOH 79  379 17  HOH HOH A . 
C 3 HOH 80  380 86  HOH HOH A . 
C 3 HOH 81  381 29  HOH HOH A . 
C 3 HOH 82  382 104 HOH HOH A . 
C 3 HOH 83  383 84  HOH HOH A . 
C 3 HOH 84  384 83  HOH HOH A . 
C 3 HOH 85  385 119 HOH HOH A . 
C 3 HOH 86  386 77  HOH HOH A . 
C 3 HOH 87  387 123 HOH HOH A . 
C 3 HOH 88  388 37  HOH HOH A . 
C 3 HOH 89  389 110 HOH HOH A . 
C 3 HOH 90  390 39  HOH HOH A . 
C 3 HOH 91  391 65  HOH HOH A . 
C 3 HOH 92  392 115 HOH HOH A . 
C 3 HOH 93  393 21  HOH HOH A . 
C 3 HOH 94  394 105 HOH HOH A . 
C 3 HOH 95  395 30  HOH HOH A . 
C 3 HOH 96  396 102 HOH HOH A . 
C 3 HOH 97  397 117 HOH HOH A . 
C 3 HOH 98  398 63  HOH HOH A . 
C 3 HOH 99  399 128 HOH HOH A . 
C 3 HOH 100 400 106 HOH HOH A . 
C 3 HOH 101 401 130 HOH HOH A . 
C 3 HOH 102 402 101 HOH HOH A . 
C 3 HOH 103 403 107 HOH HOH A . 
C 3 HOH 104 404 138 HOH HOH A . 
C 3 HOH 105 405 132 HOH HOH A . 
C 3 HOH 106 406 122 HOH HOH A . 
C 3 HOH 107 407 81  HOH HOH A . 
C 3 HOH 108 408 94  HOH HOH A . 
C 3 HOH 109 409 125 HOH HOH A . 
C 3 HOH 110 410 75  HOH HOH A . 
C 3 HOH 111 411 85  HOH HOH A . 
C 3 HOH 112 412 95  HOH HOH A . 
C 3 HOH 113 413 76  HOH HOH A . 
C 3 HOH 114 414 120 HOH HOH A . 
C 3 HOH 115 415 127 HOH HOH A . 
C 3 HOH 116 416 126 HOH HOH A . 
# 
_pdbx_struct_assembly.id                   1 
_pdbx_struct_assembly.details              author_and_software_defined_assembly 
_pdbx_struct_assembly.method_details       PISA 
_pdbx_struct_assembly.oligomeric_details   tetrameric 
_pdbx_struct_assembly.oligomeric_count     4 
# 
_pdbx_struct_assembly_gen.assembly_id       1 
_pdbx_struct_assembly_gen.oper_expression   1,2,3,4 
_pdbx_struct_assembly_gen.asym_id_list      A,B,C 
# 
loop_
_pdbx_struct_assembly_prop.biol_id 
_pdbx_struct_assembly_prop.type 
_pdbx_struct_assembly_prop.value 
_pdbx_struct_assembly_prop.details 
1 'ABSA (A^2)' 9430  ? 
1 MORE         -59   ? 
1 'SSA (A^2)'  19110 ? 
# 
loop_
_pdbx_struct_oper_list.id 
_pdbx_struct_oper_list.type 
_pdbx_struct_oper_list.name 
_pdbx_struct_oper_list.symmetry_operation 
_pdbx_struct_oper_list.matrix[1][1] 
_pdbx_struct_oper_list.matrix[1][2] 
_pdbx_struct_oper_list.matrix[1][3] 
_pdbx_struct_oper_list.vector[1] 
_pdbx_struct_oper_list.matrix[2][1] 
_pdbx_struct_oper_list.matrix[2][2] 
_pdbx_struct_oper_list.matrix[2][3] 
_pdbx_struct_oper_list.vector[2] 
_pdbx_struct_oper_list.matrix[3][1] 
_pdbx_struct_oper_list.matrix[3][2] 
_pdbx_struct_oper_list.matrix[3][3] 
_pdbx_struct_oper_list.vector[3] 
1 'identity operation'         1_555  x,y,z        1.0000000000  0.0000000000  0.0000000000  0.0000000000  0.0000000000  1.0000000000  0.0000000000  0.0000000000  0.0000000000  0.0000000000  1.0000000000  0.0000000000  
2 'crystal symmetry operation' 8_665  -y+1,-x+1,-z -0.9946685668 0.0509297062  -0.0896694331 4.2867025927  0.0509297062  -0.5134826080 -0.8565872847 23.7584896745 -0.0896694331 -0.8565872847 0.5081511748  13.7490237694 
3 'crystal symmetry operation' 10_665 -x+1,-y+1,z  0.8421634643  -0.5085371415 -0.1793060935 6.8423613170  -0.5085371415 -0.8596161365 0.0494982177  15.4885956502 -0.1793060935 0.0494982177  -0.9825473278 26.3695548668 
4 'crystal symmetry operation' 15_555 y,x,-z       -0.8474948975 0.4576074352  0.2689755266  -4.0948925431 0.4576074352  0.3730987445  0.8070890670  -6.4339807646 0.2689755266  0.8070890670  -0.5256038471 13.2678593018 
# 
loop_
_pdbx_struct_special_symmetry.id 
_pdbx_struct_special_symmetry.PDB_model_num 
_pdbx_struct_special_symmetry.auth_asym_id 
_pdbx_struct_special_symmetry.auth_comp_id 
_pdbx_struct_special_symmetry.auth_seq_id 
_pdbx_struct_special_symmetry.PDB_ins_code 
_pdbx_struct_special_symmetry.label_asym_id 
_pdbx_struct_special_symmetry.label_comp_id 
_pdbx_struct_special_symmetry.label_seq_id 
1 1 A HOH 341 ? C HOH . 
2 1 A HOH 401 ? C HOH . 
# 
loop_
_pdbx_audit_revision_history.ordinal 
_pdbx_audit_revision_history.data_content_type 
_pdbx_audit_revision_history.major_revision 
_pdbx_audit_revision_history.minor_revision 
_pdbx_audit_revision_history.revision_date 
1 'Structure model' 1 0 2020-05-06 
2 'Structure model' 1 1 2020-05-13 
3 'Structure model' 1 2 2023-10-11 
# 
_pdbx_audit_revision_details.ordinal             1 
_pdbx_audit_revision_details.revision_ordinal    1 
_pdbx_audit_revision_details.data_content_type   'Structure model' 
_pdbx_audit_revision_details.provider            repository 
_pdbx_audit_revision_details.type                'Initial release' 
_pdbx_audit_revision_details.description         ? 
_pdbx_audit_revision_details.details             ? 
# 
loop_
_pdbx_audit_revision_group.ordinal 
_pdbx_audit_revision_group.revision_ordinal 
_pdbx_audit_revision_group.data_content_type 
_pdbx_audit_revision_group.group 
1 2 'Structure model' 'Database references'    
2 3 'Structure model' 'Data collection'        
3 3 'Structure model' 'Database references'    
4 3 'Structure model' 'Refinement description' 
# 
loop_
_pdbx_audit_revision_category.ordinal 
_pdbx_audit_revision_category.revision_ordinal 
_pdbx_audit_revision_category.data_content_type 
_pdbx_audit_revision_category.category 
1 2 'Structure model' citation                      
2 3 'Structure model' chem_comp_atom                
3 3 'Structure model' chem_comp_bond                
4 3 'Structure model' database_2                    
5 3 'Structure model' pdbx_initial_refinement_model 
# 
loop_
_pdbx_audit_revision_item.ordinal 
_pdbx_audit_revision_item.revision_ordinal 
_pdbx_audit_revision_item.data_content_type 
_pdbx_audit_revision_item.item 
1 2 'Structure model' '_citation.journal_volume'            
2 2 'Structure model' '_citation.page_first'                
3 2 'Structure model' '_citation.page_last'                 
4 3 'Structure model' '_database_2.pdbx_DOI'                
5 3 'Structure model' '_database_2.pdbx_database_accession' 
# 
_phasing.method   MR 
# 
loop_
_software.citation_id 
_software.classification 
_software.compiler_name 
_software.compiler_version 
_software.contact_author 
_software.contact_author_email 
_software.date 
_software.description 
_software.dependencies 
_software.hardware 
_software.language 
_software.location 
_software.mods 
_software.name 
_software.os 
_software.os_version 
_software.type 
_software.version 
_software.pdbx_ordinal 
? 'data reduction'  ? ? 'Wolfgang Kabsch'    Wolfgang.Kabsch@mpimf-heidelberg.mpg.de ?              ? ? ? ?          
http://www.mpimf-heidelberg.mpg.de/~kabsch/xds/     ? XDS         ? ? package .        1 
? 'data scaling'    ? ? 'Phil Evans'         ?                                       15/08/18       ? ? ? ?          
http://www.mrc-lmb.cam.ac.uk/harry/pre/aimless.html ? Aimless     ? ? program 0.7.3    2 
? phasing           ? ? 'Randy J. Read'      cimr-phaser@lists.cam.ac.uk             ?              ? ? ? ?          
http://www-structmed.cimr.cam.ac.uk/phaser/         ? PHASER      ? ? program .        3 
? refinement        ? ? 'Garib N. Murshudov' garib@ysbl.york.ac.uk                   ?              ? ? ? Fortran_77 
http://www.ccp4.ac.uk/dist/html/refmac5.html        ? REFMAC      ? ? program 5.8.0238 4 
? 'data extraction' ? ? PDB                  deposit@deposit.rcsb.org                'Apr. 1, 2019' ? ? ? C++        
http://sw-tools.pdb.org/apps/PDB_EXTRACT/           ? PDB_EXTRACT ? ? package 3.25     5 
# 
_pdbx_entry_details.entry_id                 6UIU 
_pdbx_entry_details.nonpolymer_details       ? 
_pdbx_entry_details.sequence_details         ? 
_pdbx_entry_details.compound_details         ? 
_pdbx_entry_details.source_details           ? 
_pdbx_entry_details.has_ligand_of_interest   Y 
# 
loop_
_pdbx_validate_torsion.id 
_pdbx_validate_torsion.PDB_model_num 
_pdbx_validate_torsion.auth_comp_id 
_pdbx_validate_torsion.auth_asym_id 
_pdbx_validate_torsion.auth_seq_id 
_pdbx_validate_torsion.PDB_ins_code 
_pdbx_validate_torsion.label_alt_id 
_pdbx_validate_torsion.phi 
_pdbx_validate_torsion.psi 
1 1 SER A 52  ? ? 64.39   -154.81 
2 1 GLN A 101 ? ? -115.13 60.44   
# 
loop_
_pdbx_distant_solvent_atoms.id 
_pdbx_distant_solvent_atoms.PDB_model_num 
_pdbx_distant_solvent_atoms.auth_atom_id 
_pdbx_distant_solvent_atoms.label_alt_id 
_pdbx_distant_solvent_atoms.auth_asym_id 
_pdbx_distant_solvent_atoms.auth_comp_id 
_pdbx_distant_solvent_atoms.auth_seq_id 
_pdbx_distant_solvent_atoms.PDB_ins_code 
_pdbx_distant_solvent_atoms.neighbor_macromolecule_distance 
_pdbx_distant_solvent_atoms.neighbor_ligand_distance 
1 1 O ? A HOH 415 ? 6.96 . 
2 1 O ? A HOH 416 ? 9.03 . 
# 
loop_
_pdbx_unobs_or_zero_occ_residues.id 
_pdbx_unobs_or_zero_occ_residues.PDB_model_num 
_pdbx_unobs_or_zero_occ_residues.polymer_flag 
_pdbx_unobs_or_zero_occ_residues.occupancy_flag 
_pdbx_unobs_or_zero_occ_residues.auth_asym_id 
_pdbx_unobs_or_zero_occ_residues.auth_comp_id 
_pdbx_unobs_or_zero_occ_residues.auth_seq_id 
_pdbx_unobs_or_zero_occ_residues.PDB_ins_code 
_pdbx_unobs_or_zero_occ_residues.label_asym_id 
_pdbx_unobs_or_zero_occ_residues.label_comp_id 
_pdbx_unobs_or_zero_occ_residues.label_seq_id 
1  1 Y 1 A MET 1   ? A MET 1   
2  1 Y 1 A ALA 2   ? A ALA 2   
3  1 Y 1 A SER 3   ? A SER 3   
4  1 Y 1 A MET 4   ? A MET 4   
5  1 Y 1 A THR 5   ? A THR 5   
6  1 Y 1 A GLY 6   ? A GLY 6   
7  1 Y 1 A GLY 7   ? A GLY 7   
8  1 Y 1 A GLN 8   ? A GLN 8   
9  1 Y 1 A GLN 9   ? A GLN 9   
10 1 Y 1 A MET 10  ? A MET 10  
11 1 Y 1 A PRO 135 ? A PRO 135 
12 1 Y 1 A SER 136 ? A SER 136 
13 1 Y 1 A ALA 137 ? A ALA 137 
14 1 Y 1 A ALA 138 ? A ALA 138 
15 1 Y 1 A SER 139 ? A SER 139 
16 1 Y 1 A ILE 140 ? A ILE 140 
17 1 Y 1 A ASP 141 ? A ASP 141 
18 1 Y 1 A ALA 142 ? A ALA 142 
19 1 Y 1 A ALA 143 ? A ALA 143 
20 1 Y 1 A LYS 144 ? A LYS 144 
21 1 Y 1 A LYS 145 ? A LYS 145 
22 1 Y 1 A ALA 146 ? A ALA 146 
23 1 Y 1 A GLY 147 ? A GLY 147 
24 1 Y 1 A VAL 148 ? A VAL 148 
25 1 Y 1 A ASN 149 ? A ASN 149 
26 1 Y 1 A ASN 150 ? A ASN 150 
27 1 Y 1 A GLY 151 ? A GLY 151 
28 1 Y 1 A ASN 152 ? A ASN 152 
29 1 Y 1 A PRO 153 ? A PRO 153 
30 1 Y 1 A LEU 154 ? A LEU 154 
31 1 Y 1 A ASP 155 ? A ASP 155 
32 1 Y 1 A ALA 156 ? A ALA 156 
33 1 Y 1 A VAL 157 ? A VAL 157 
34 1 Y 1 A GLN 158 ? A GLN 158 
35 1 Y 1 A GLN 159 ? A GLN 159 
# 
loop_
_chem_comp_atom.comp_id 
_chem_comp_atom.atom_id 
_chem_comp_atom.type_symbol 
_chem_comp_atom.pdbx_aromatic_flag 
_chem_comp_atom.pdbx_stereo_config 
_chem_comp_atom.pdbx_ordinal 
ALA N    N N N 1   
ALA CA   C N S 2   
ALA C    C N N 3   
ALA O    O N N 4   
ALA CB   C N N 5   
ALA OXT  O N N 6   
ALA H    H N N 7   
ALA H2   H N N 8   
ALA HA   H N N 9   
ALA HB1  H N N 10  
ALA HB2  H N N 11  
ALA HB3  H N N 12  
ALA HXT  H N N 13  
ARG N    N N N 14  
ARG CA   C N S 15  
ARG C    C N N 16  
ARG O    O N N 17  
ARG CB   C N N 18  
ARG CG   C N N 19  
ARG CD   C N N 20  
ARG NE   N N N 21  
ARG CZ   C N N 22  
ARG NH1  N N N 23  
ARG NH2  N N N 24  
ARG OXT  O N N 25  
ARG H    H N N 26  
ARG H2   H N N 27  
ARG HA   H N N 28  
ARG HB2  H N N 29  
ARG HB3  H N N 30  
ARG HG2  H N N 31  
ARG HG3  H N N 32  
ARG HD2  H N N 33  
ARG HD3  H N N 34  
ARG HE   H N N 35  
ARG HH11 H N N 36  
ARG HH12 H N N 37  
ARG HH21 H N N 38  
ARG HH22 H N N 39  
ARG HXT  H N N 40  
ASN N    N N N 41  
ASN CA   C N S 42  
ASN C    C N N 43  
ASN O    O N N 44  
ASN CB   C N N 45  
ASN CG   C N N 46  
ASN OD1  O N N 47  
ASN ND2  N N N 48  
ASN OXT  O N N 49  
ASN H    H N N 50  
ASN H2   H N N 51  
ASN HA   H N N 52  
ASN HB2  H N N 53  
ASN HB3  H N N 54  
ASN HD21 H N N 55  
ASN HD22 H N N 56  
ASN HXT  H N N 57  
ASP N    N N N 58  
ASP CA   C N S 59  
ASP C    C N N 60  
ASP O    O N N 61  
ASP CB   C N N 62  
ASP CG   C N N 63  
ASP OD1  O N N 64  
ASP OD2  O N N 65  
ASP OXT  O N N 66  
ASP H    H N N 67  
ASP H2   H N N 68  
ASP HA   H N N 69  
ASP HB2  H N N 70  
ASP HB3  H N N 71  
ASP HD2  H N N 72  
ASP HXT  H N N 73  
GLN N    N N N 74  
GLN CA   C N S 75  
GLN C    C N N 76  
GLN O    O N N 77  
GLN CB   C N N 78  
GLN CG   C N N 79  
GLN CD   C N N 80  
GLN OE1  O N N 81  
GLN NE2  N N N 82  
GLN OXT  O N N 83  
GLN H    H N N 84  
GLN H2   H N N 85  
GLN HA   H N N 86  
GLN HB2  H N N 87  
GLN HB3  H N N 88  
GLN HG2  H N N 89  
GLN HG3  H N N 90  
GLN HE21 H N N 91  
GLN HE22 H N N 92  
GLN HXT  H N N 93  
GLU N    N N N 94  
GLU CA   C N S 95  
GLU C    C N N 96  
GLU O    O N N 97  
GLU CB   C N N 98  
GLU CG   C N N 99  
GLU CD   C N N 100 
GLU OE1  O N N 101 
GLU OE2  O N N 102 
GLU OXT  O N N 103 
GLU H    H N N 104 
GLU H2   H N N 105 
GLU HA   H N N 106 
GLU HB2  H N N 107 
GLU HB3  H N N 108 
GLU HG2  H N N 109 
GLU HG3  H N N 110 
GLU HE2  H N N 111 
GLU HXT  H N N 112 
GLY N    N N N 113 
GLY CA   C N N 114 
GLY C    C N N 115 
GLY O    O N N 116 
GLY OXT  O N N 117 
GLY H    H N N 118 
GLY H2   H N N 119 
GLY HA2  H N N 120 
GLY HA3  H N N 121 
GLY HXT  H N N 122 
HIS N    N N N 123 
HIS CA   C N S 124 
HIS C    C N N 125 
HIS O    O N N 126 
HIS CB   C N N 127 
HIS CG   C Y N 128 
HIS ND1  N Y N 129 
HIS CD2  C Y N 130 
HIS CE1  C Y N 131 
HIS NE2  N Y N 132 
HIS OXT  O N N 133 
HIS H    H N N 134 
HIS H2   H N N 135 
HIS HA   H N N 136 
HIS HB2  H N N 137 
HIS HB3  H N N 138 
HIS HD1  H N N 139 
HIS HD2  H N N 140 
HIS HE1  H N N 141 
HIS HE2  H N N 142 
HIS HXT  H N N 143 
HOH O    O N N 144 
HOH H1   H N N 145 
HOH H2   H N N 146 
ILE N    N N N 147 
ILE CA   C N S 148 
ILE C    C N N 149 
ILE O    O N N 150 
ILE CB   C N S 151 
ILE CG1  C N N 152 
ILE CG2  C N N 153 
ILE CD1  C N N 154 
ILE OXT  O N N 155 
ILE H    H N N 156 
ILE H2   H N N 157 
ILE HA   H N N 158 
ILE HB   H N N 159 
ILE HG12 H N N 160 
ILE HG13 H N N 161 
ILE HG21 H N N 162 
ILE HG22 H N N 163 
ILE HG23 H N N 164 
ILE HD11 H N N 165 
ILE HD12 H N N 166 
ILE HD13 H N N 167 
ILE HXT  H N N 168 
LEU N    N N N 169 
LEU CA   C N S 170 
LEU C    C N N 171 
LEU O    O N N 172 
LEU CB   C N N 173 
LEU CG   C N N 174 
LEU CD1  C N N 175 
LEU CD2  C N N 176 
LEU OXT  O N N 177 
LEU H    H N N 178 
LEU H2   H N N 179 
LEU HA   H N N 180 
LEU HB2  H N N 181 
LEU HB3  H N N 182 
LEU HG   H N N 183 
LEU HD11 H N N 184 
LEU HD12 H N N 185 
LEU HD13 H N N 186 
LEU HD21 H N N 187 
LEU HD22 H N N 188 
LEU HD23 H N N 189 
LEU HXT  H N N 190 
LYS N    N N N 191 
LYS CA   C N S 192 
LYS C    C N N 193 
LYS O    O N N 194 
LYS CB   C N N 195 
LYS CG   C N N 196 
LYS CD   C N N 197 
LYS CE   C N N 198 
LYS NZ   N N N 199 
LYS OXT  O N N 200 
LYS H    H N N 201 
LYS H2   H N N 202 
LYS HA   H N N 203 
LYS HB2  H N N 204 
LYS HB3  H N N 205 
LYS HG2  H N N 206 
LYS HG3  H N N 207 
LYS HD2  H N N 208 
LYS HD3  H N N 209 
LYS HE2  H N N 210 
LYS HE3  H N N 211 
LYS HZ1  H N N 212 
LYS HZ2  H N N 213 
LYS HZ3  H N N 214 
LYS HXT  H N N 215 
MET N    N N N 216 
MET CA   C N S 217 
MET C    C N N 218 
MET O    O N N 219 
MET CB   C N N 220 
MET CG   C N N 221 
MET SD   S N N 222 
MET CE   C N N 223 
MET OXT  O N N 224 
MET H    H N N 225 
MET H2   H N N 226 
MET HA   H N N 227 
MET HB2  H N N 228 
MET HB3  H N N 229 
MET HG2  H N N 230 
MET HG3  H N N 231 
MET HE1  H N N 232 
MET HE2  H N N 233 
MET HE3  H N N 234 
MET HXT  H N N 235 
PHE N    N N N 236 
PHE CA   C N S 237 
PHE C    C N N 238 
PHE O    O N N 239 
PHE CB   C N N 240 
PHE CG   C Y N 241 
PHE CD1  C Y N 242 
PHE CD2  C Y N 243 
PHE CE1  C Y N 244 
PHE CE2  C Y N 245 
PHE CZ   C Y N 246 
PHE OXT  O N N 247 
PHE H    H N N 248 
PHE H2   H N N 249 
PHE HA   H N N 250 
PHE HB2  H N N 251 
PHE HB3  H N N 252 
PHE HD1  H N N 253 
PHE HD2  H N N 254 
PHE HE1  H N N 255 
PHE HE2  H N N 256 
PHE HZ   H N N 257 
PHE HXT  H N N 258 
PRO N    N N N 259 
PRO CA   C N S 260 
PRO C    C N N 261 
PRO O    O N N 262 
PRO CB   C N N 263 
PRO CG   C N N 264 
PRO CD   C N N 265 
PRO OXT  O N N 266 
PRO H    H N N 267 
PRO HA   H N N 268 
PRO HB2  H N N 269 
PRO HB3  H N N 270 
PRO HG2  H N N 271 
PRO HG3  H N N 272 
PRO HD2  H N N 273 
PRO HD3  H N N 274 
PRO HXT  H N N 275 
QG7 C10  C N S 276 
QG7 C15  C Y N 277 
QG7 C17  C N N 278 
QG7 C11  C N N 279 
QG7 C12  C Y N 280 
QG7 C14  C Y N 281 
QG7 O2   O N N 282 
QG7 C9   C N N 283 
QG7 N1   N N N 284 
QG7 N2   N N N 285 
QG7 C8   C N R 286 
QG7 C7   C N N 287 
QG7 S1   S N N 288 
QG7 C6   C N S 289 
QG7 C5   C N N 290 
QG7 C4   C N N 291 
QG7 C3   C N N 292 
QG7 C2   C N N 293 
QG7 C1   C N N 294 
QG7 C24  C N N 295 
QG7 O1   O N N 296 
QG7 N6   N N N 297 
QG7 C23  C N N 298 
QG7 N3   N N N 299 
QG7 N4   N Y N 300 
QG7 C16  C Y N 301 
QG7 C13  C Y N 302 
QG7 N5   N Y N 303 
QG7 C18  C Y N 304 
QG7 C22  C Y N 305 
QG7 C21  C Y N 306 
QG7 C20  C Y N 307 
QG7 C19  C Y N 308 
QG7 H1   H N N 309 
QG7 H2   H N N 310 
QG7 H3   H N N 311 
QG7 H4   H N N 312 
QG7 H5   H N N 313 
QG7 H6   H N N 314 
QG7 H7   H N N 315 
QG7 H8   H N N 316 
QG7 H9   H N N 317 
QG7 H10  H N N 318 
QG7 H11  H N N 319 
QG7 H12  H N N 320 
QG7 H13  H N N 321 
QG7 H14  H N N 322 
QG7 H15  H N N 323 
QG7 H16  H N N 324 
QG7 H17  H N N 325 
QG7 H18  H N N 326 
QG7 H19  H N N 327 
QG7 H20  H N N 328 
QG7 H21  H N N 329 
QG7 H22  H N N 330 
QG7 H23  H N N 331 
QG7 H24  H N N 332 
QG7 H25  H N N 333 
QG7 H26  H N N 334 
QG7 H28  H N N 335 
QG7 H29  H N N 336 
QG7 H30  H N N 337 
QG7 H31  H N N 338 
QG7 H32  H N N 339 
QG7 H33  H N N 340 
SER N    N N N 341 
SER CA   C N S 342 
SER C    C N N 343 
SER O    O N N 344 
SER CB   C N N 345 
SER OG   O N N 346 
SER OXT  O N N 347 
SER H    H N N 348 
SER H2   H N N 349 
SER HA   H N N 350 
SER HB2  H N N 351 
SER HB3  H N N 352 
SER HG   H N N 353 
SER HXT  H N N 354 
THR N    N N N 355 
THR CA   C N S 356 
THR C    C N N 357 
THR O    O N N 358 
THR CB   C N R 359 
THR OG1  O N N 360 
THR CG2  C N N 361 
THR OXT  O N N 362 
THR H    H N N 363 
THR H2   H N N 364 
THR HA   H N N 365 
THR HB   H N N 366 
THR HG1  H N N 367 
THR HG21 H N N 368 
THR HG22 H N N 369 
THR HG23 H N N 370 
THR HXT  H N N 371 
TRP N    N N N 372 
TRP CA   C N S 373 
TRP C    C N N 374 
TRP O    O N N 375 
TRP CB   C N N 376 
TRP CG   C Y N 377 
TRP CD1  C Y N 378 
TRP CD2  C Y N 379 
TRP NE1  N Y N 380 
TRP CE2  C Y N 381 
TRP CE3  C Y N 382 
TRP CZ2  C Y N 383 
TRP CZ3  C Y N 384 
TRP CH2  C Y N 385 
TRP OXT  O N N 386 
TRP H    H N N 387 
TRP H2   H N N 388 
TRP HA   H N N 389 
TRP HB2  H N N 390 
TRP HB3  H N N 391 
TRP HD1  H N N 392 
TRP HE1  H N N 393 
TRP HE3  H N N 394 
TRP HZ2  H N N 395 
TRP HZ3  H N N 396 
TRP HH2  H N N 397 
TRP HXT  H N N 398 
TYR N    N N N 399 
TYR CA   C N S 400 
TYR C    C N N 401 
TYR O    O N N 402 
TYR CB   C N N 403 
TYR CG   C Y N 404 
TYR CD1  C Y N 405 
TYR CD2  C Y N 406 
TYR CE1  C Y N 407 
TYR CE2  C Y N 408 
TYR CZ   C Y N 409 
TYR OH   O N N 410 
TYR OXT  O N N 411 
TYR H    H N N 412 
TYR H2   H N N 413 
TYR HA   H N N 414 
TYR HB2  H N N 415 
TYR HB3  H N N 416 
TYR HD1  H N N 417 
TYR HD2  H N N 418 
TYR HE1  H N N 419 
TYR HE2  H N N 420 
TYR HH   H N N 421 
TYR HXT  H N N 422 
VAL N    N N N 423 
VAL CA   C N S 424 
VAL C    C N N 425 
VAL O    O N N 426 
VAL CB   C N N 427 
VAL CG1  C N N 428 
VAL CG2  C N N 429 
VAL OXT  O N N 430 
VAL H    H N N 431 
VAL H2   H N N 432 
VAL HA   H N N 433 
VAL HB   H N N 434 
VAL HG11 H N N 435 
VAL HG12 H N N 436 
VAL HG13 H N N 437 
VAL HG21 H N N 438 
VAL HG22 H N N 439 
VAL HG23 H N N 440 
VAL HXT  H N N 441 
# 
loop_
_chem_comp_bond.comp_id 
_chem_comp_bond.atom_id_1 
_chem_comp_bond.atom_id_2 
_chem_comp_bond.value_order 
_chem_comp_bond.pdbx_aromatic_flag 
_chem_comp_bond.pdbx_stereo_config 
_chem_comp_bond.pdbx_ordinal 
ALA N   CA   sing N N 1   
ALA N   H    sing N N 2   
ALA N   H2   sing N N 3   
ALA CA  C    sing N N 4   
ALA CA  CB   sing N N 5   
ALA CA  HA   sing N N 6   
ALA C   O    doub N N 7   
ALA C   OXT  sing N N 8   
ALA CB  HB1  sing N N 9   
ALA CB  HB2  sing N N 10  
ALA CB  HB3  sing N N 11  
ALA OXT HXT  sing N N 12  
ARG N   CA   sing N N 13  
ARG N   H    sing N N 14  
ARG N   H2   sing N N 15  
ARG CA  C    sing N N 16  
ARG CA  CB   sing N N 17  
ARG CA  HA   sing N N 18  
ARG C   O    doub N N 19  
ARG C   OXT  sing N N 20  
ARG CB  CG   sing N N 21  
ARG CB  HB2  sing N N 22  
ARG CB  HB3  sing N N 23  
ARG CG  CD   sing N N 24  
ARG CG  HG2  sing N N 25  
ARG CG  HG3  sing N N 26  
ARG CD  NE   sing N N 27  
ARG CD  HD2  sing N N 28  
ARG CD  HD3  sing N N 29  
ARG NE  CZ   sing N N 30  
ARG NE  HE   sing N N 31  
ARG CZ  NH1  sing N N 32  
ARG CZ  NH2  doub N N 33  
ARG NH1 HH11 sing N N 34  
ARG NH1 HH12 sing N N 35  
ARG NH2 HH21 sing N N 36  
ARG NH2 HH22 sing N N 37  
ARG OXT HXT  sing N N 38  
ASN N   CA   sing N N 39  
ASN N   H    sing N N 40  
ASN N   H2   sing N N 41  
ASN CA  C    sing N N 42  
ASN CA  CB   sing N N 43  
ASN CA  HA   sing N N 44  
ASN C   O    doub N N 45  
ASN C   OXT  sing N N 46  
ASN CB  CG   sing N N 47  
ASN CB  HB2  sing N N 48  
ASN CB  HB3  sing N N 49  
ASN CG  OD1  doub N N 50  
ASN CG  ND2  sing N N 51  
ASN ND2 HD21 sing N N 52  
ASN ND2 HD22 sing N N 53  
ASN OXT HXT  sing N N 54  
ASP N   CA   sing N N 55  
ASP N   H    sing N N 56  
ASP N   H2   sing N N 57  
ASP CA  C    sing N N 58  
ASP CA  CB   sing N N 59  
ASP CA  HA   sing N N 60  
ASP C   O    doub N N 61  
ASP C   OXT  sing N N 62  
ASP CB  CG   sing N N 63  
ASP CB  HB2  sing N N 64  
ASP CB  HB3  sing N N 65  
ASP CG  OD1  doub N N 66  
ASP CG  OD2  sing N N 67  
ASP OD2 HD2  sing N N 68  
ASP OXT HXT  sing N N 69  
GLN N   CA   sing N N 70  
GLN N   H    sing N N 71  
GLN N   H2   sing N N 72  
GLN CA  C    sing N N 73  
GLN CA  CB   sing N N 74  
GLN CA  HA   sing N N 75  
GLN C   O    doub N N 76  
GLN C   OXT  sing N N 77  
GLN CB  CG   sing N N 78  
GLN CB  HB2  sing N N 79  
GLN CB  HB3  sing N N 80  
GLN CG  CD   sing N N 81  
GLN CG  HG2  sing N N 82  
GLN CG  HG3  sing N N 83  
GLN CD  OE1  doub N N 84  
GLN CD  NE2  sing N N 85  
GLN NE2 HE21 sing N N 86  
GLN NE2 HE22 sing N N 87  
GLN OXT HXT  sing N N 88  
GLU N   CA   sing N N 89  
GLU N   H    sing N N 90  
GLU N   H2   sing N N 91  
GLU CA  C    sing N N 92  
GLU CA  CB   sing N N 93  
GLU CA  HA   sing N N 94  
GLU C   O    doub N N 95  
GLU C   OXT  sing N N 96  
GLU CB  CG   sing N N 97  
GLU CB  HB2  sing N N 98  
GLU CB  HB3  sing N N 99  
GLU CG  CD   sing N N 100 
GLU CG  HG2  sing N N 101 
GLU CG  HG3  sing N N 102 
GLU CD  OE1  doub N N 103 
GLU CD  OE2  sing N N 104 
GLU OE2 HE2  sing N N 105 
GLU OXT HXT  sing N N 106 
GLY N   CA   sing N N 107 
GLY N   H    sing N N 108 
GLY N   H2   sing N N 109 
GLY CA  C    sing N N 110 
GLY CA  HA2  sing N N 111 
GLY CA  HA3  sing N N 112 
GLY C   O    doub N N 113 
GLY C   OXT  sing N N 114 
GLY OXT HXT  sing N N 115 
HIS N   CA   sing N N 116 
HIS N   H    sing N N 117 
HIS N   H2   sing N N 118 
HIS CA  C    sing N N 119 
HIS CA  CB   sing N N 120 
HIS CA  HA   sing N N 121 
HIS C   O    doub N N 122 
HIS C   OXT  sing N N 123 
HIS CB  CG   sing N N 124 
HIS CB  HB2  sing N N 125 
HIS CB  HB3  sing N N 126 
HIS CG  ND1  sing Y N 127 
HIS CG  CD2  doub Y N 128 
HIS ND1 CE1  doub Y N 129 
HIS ND1 HD1  sing N N 130 
HIS CD2 NE2  sing Y N 131 
HIS CD2 HD2  sing N N 132 
HIS CE1 NE2  sing Y N 133 
HIS CE1 HE1  sing N N 134 
HIS NE2 HE2  sing N N 135 
HIS OXT HXT  sing N N 136 
HOH O   H1   sing N N 137 
HOH O   H2   sing N N 138 
ILE N   CA   sing N N 139 
ILE N   H    sing N N 140 
ILE N   H2   sing N N 141 
ILE CA  C    sing N N 142 
ILE CA  CB   sing N N 143 
ILE CA  HA   sing N N 144 
ILE C   O    doub N N 145 
ILE C   OXT  sing N N 146 
ILE CB  CG1  sing N N 147 
ILE CB  CG2  sing N N 148 
ILE CB  HB   sing N N 149 
ILE CG1 CD1  sing N N 150 
ILE CG1 HG12 sing N N 151 
ILE CG1 HG13 sing N N 152 
ILE CG2 HG21 sing N N 153 
ILE CG2 HG22 sing N N 154 
ILE CG2 HG23 sing N N 155 
ILE CD1 HD11 sing N N 156 
ILE CD1 HD12 sing N N 157 
ILE CD1 HD13 sing N N 158 
ILE OXT HXT  sing N N 159 
LEU N   CA   sing N N 160 
LEU N   H    sing N N 161 
LEU N   H2   sing N N 162 
LEU CA  C    sing N N 163 
LEU CA  CB   sing N N 164 
LEU CA  HA   sing N N 165 
LEU C   O    doub N N 166 
LEU C   OXT  sing N N 167 
LEU CB  CG   sing N N 168 
LEU CB  HB2  sing N N 169 
LEU CB  HB3  sing N N 170 
LEU CG  CD1  sing N N 171 
LEU CG  CD2  sing N N 172 
LEU CG  HG   sing N N 173 
LEU CD1 HD11 sing N N 174 
LEU CD1 HD12 sing N N 175 
LEU CD1 HD13 sing N N 176 
LEU CD2 HD21 sing N N 177 
LEU CD2 HD22 sing N N 178 
LEU CD2 HD23 sing N N 179 
LEU OXT HXT  sing N N 180 
LYS N   CA   sing N N 181 
LYS N   H    sing N N 182 
LYS N   H2   sing N N 183 
LYS CA  C    sing N N 184 
LYS CA  CB   sing N N 185 
LYS CA  HA   sing N N 186 
LYS C   O    doub N N 187 
LYS C   OXT  sing N N 188 
LYS CB  CG   sing N N 189 
LYS CB  HB2  sing N N 190 
LYS CB  HB3  sing N N 191 
LYS CG  CD   sing N N 192 
LYS CG  HG2  sing N N 193 
LYS CG  HG3  sing N N 194 
LYS CD  CE   sing N N 195 
LYS CD  HD2  sing N N 196 
LYS CD  HD3  sing N N 197 
LYS CE  NZ   sing N N 198 
LYS CE  HE2  sing N N 199 
LYS CE  HE3  sing N N 200 
LYS NZ  HZ1  sing N N 201 
LYS NZ  HZ2  sing N N 202 
LYS NZ  HZ3  sing N N 203 
LYS OXT HXT  sing N N 204 
MET N   CA   sing N N 205 
MET N   H    sing N N 206 
MET N   H2   sing N N 207 
MET CA  C    sing N N 208 
MET CA  CB   sing N N 209 
MET CA  HA   sing N N 210 
MET C   O    doub N N 211 
MET C   OXT  sing N N 212 
MET CB  CG   sing N N 213 
MET CB  HB2  sing N N 214 
MET CB  HB3  sing N N 215 
MET CG  SD   sing N N 216 
MET CG  HG2  sing N N 217 
MET CG  HG3  sing N N 218 
MET SD  CE   sing N N 219 
MET CE  HE1  sing N N 220 
MET CE  HE2  sing N N 221 
MET CE  HE3  sing N N 222 
MET OXT HXT  sing N N 223 
PHE N   CA   sing N N 224 
PHE N   H    sing N N 225 
PHE N   H2   sing N N 226 
PHE CA  C    sing N N 227 
PHE CA  CB   sing N N 228 
PHE CA  HA   sing N N 229 
PHE C   O    doub N N 230 
PHE C   OXT  sing N N 231 
PHE CB  CG   sing N N 232 
PHE CB  HB2  sing N N 233 
PHE CB  HB3  sing N N 234 
PHE CG  CD1  doub Y N 235 
PHE CG  CD2  sing Y N 236 
PHE CD1 CE1  sing Y N 237 
PHE CD1 HD1  sing N N 238 
PHE CD2 CE2  doub Y N 239 
PHE CD2 HD2  sing N N 240 
PHE CE1 CZ   doub Y N 241 
PHE CE1 HE1  sing N N 242 
PHE CE2 CZ   sing Y N 243 
PHE CE2 HE2  sing N N 244 
PHE CZ  HZ   sing N N 245 
PHE OXT HXT  sing N N 246 
PRO N   CA   sing N N 247 
PRO N   CD   sing N N 248 
PRO N   H    sing N N 249 
PRO CA  C    sing N N 250 
PRO CA  CB   sing N N 251 
PRO CA  HA   sing N N 252 
PRO C   O    doub N N 253 
PRO C   OXT  sing N N 254 
PRO CB  CG   sing N N 255 
PRO CB  HB2  sing N N 256 
PRO CB  HB3  sing N N 257 
PRO CG  CD   sing N N 258 
PRO CG  HG2  sing N N 259 
PRO CG  HG3  sing N N 260 
PRO CD  HD2  sing N N 261 
PRO CD  HD3  sing N N 262 
PRO OXT HXT  sing N N 263 
QG7 C22 C21  doub Y N 264 
QG7 C22 N5   sing Y N 265 
QG7 C21 C20  sing Y N 266 
QG7 N5  C18  doub Y N 267 
QG7 C20 C19  doub Y N 268 
QG7 C18 C19  sing Y N 269 
QG7 C18 C17  sing N N 270 
QG7 C11 N3   sing N N 271 
QG7 C11 C12  sing N N 272 
QG7 N3  C17  sing N N 273 
QG7 N3  C23  sing N N 274 
QG7 O1  C1   doub N N 275 
QG7 C24 C23  sing N N 276 
QG7 C24 N6   sing N N 277 
QG7 C1  N6   sing N N 278 
QG7 C1  C2   sing N N 279 
QG7 N4  C12  doub Y N 280 
QG7 N4  C16  sing Y N 281 
QG7 C12 C13  sing Y N 282 
QG7 C2  C3   sing N N 283 
QG7 C16 C15  doub Y N 284 
QG7 C13 C14  doub Y N 285 
QG7 C3  C4   sing N N 286 
QG7 C15 C14  sing Y N 287 
QG7 C4  C5   sing N N 288 
QG7 C5  C6   sing N N 289 
QG7 C6  C10  sing N N 290 
QG7 C6  S1   sing N N 291 
QG7 N2  C10  sing N N 292 
QG7 N2  C9   sing N N 293 
QG7 C10 C8   sing N N 294 
QG7 S1  C7   sing N N 295 
QG7 C9  O2   doub N N 296 
QG7 C9  N1   sing N N 297 
QG7 C8  C7   sing N N 298 
QG7 C8  N1   sing N N 299 
QG7 C10 H1   sing N N 300 
QG7 C15 H2   sing N N 301 
QG7 C17 H3   sing N N 302 
QG7 C17 H4   sing N N 303 
QG7 C11 H5   sing N N 304 
QG7 C11 H6   sing N N 305 
QG7 C14 H7   sing N N 306 
QG7 N1  H8   sing N N 307 
QG7 N2  H9   sing N N 308 
QG7 C8  H10  sing N N 309 
QG7 C7  H11  sing N N 310 
QG7 C7  H12  sing N N 311 
QG7 C6  H13  sing N N 312 
QG7 C5  H14  sing N N 313 
QG7 C5  H15  sing N N 314 
QG7 C4  H16  sing N N 315 
QG7 C4  H17  sing N N 316 
QG7 C3  H18  sing N N 317 
QG7 C3  H19  sing N N 318 
QG7 C2  H20  sing N N 319 
QG7 C2  H21  sing N N 320 
QG7 C24 H22  sing N N 321 
QG7 C24 H23  sing N N 322 
QG7 N6  H24  sing N N 323 
QG7 C23 H25  sing N N 324 
QG7 C23 H26  sing N N 325 
QG7 C16 H28  sing N N 326 
QG7 C13 H29  sing N N 327 
QG7 C22 H30  sing N N 328 
QG7 C21 H31  sing N N 329 
QG7 C20 H32  sing N N 330 
QG7 C19 H33  sing N N 331 
SER N   CA   sing N N 332 
SER N   H    sing N N 333 
SER N   H2   sing N N 334 
SER CA  C    sing N N 335 
SER CA  CB   sing N N 336 
SER CA  HA   sing N N 337 
SER C   O    doub N N 338 
SER C   OXT  sing N N 339 
SER CB  OG   sing N N 340 
SER CB  HB2  sing N N 341 
SER CB  HB3  sing N N 342 
SER OG  HG   sing N N 343 
SER OXT HXT  sing N N 344 
THR N   CA   sing N N 345 
THR N   H    sing N N 346 
THR N   H2   sing N N 347 
THR CA  C    sing N N 348 
THR CA  CB   sing N N 349 
THR CA  HA   sing N N 350 
THR C   O    doub N N 351 
THR C   OXT  sing N N 352 
THR CB  OG1  sing N N 353 
THR CB  CG2  sing N N 354 
THR CB  HB   sing N N 355 
THR OG1 HG1  sing N N 356 
THR CG2 HG21 sing N N 357 
THR CG2 HG22 sing N N 358 
THR CG2 HG23 sing N N 359 
THR OXT HXT  sing N N 360 
TRP N   CA   sing N N 361 
TRP N   H    sing N N 362 
TRP N   H2   sing N N 363 
TRP CA  C    sing N N 364 
TRP CA  CB   sing N N 365 
TRP CA  HA   sing N N 366 
TRP C   O    doub N N 367 
TRP C   OXT  sing N N 368 
TRP CB  CG   sing N N 369 
TRP CB  HB2  sing N N 370 
TRP CB  HB3  sing N N 371 
TRP CG  CD1  doub Y N 372 
TRP CG  CD2  sing Y N 373 
TRP CD1 NE1  sing Y N 374 
TRP CD1 HD1  sing N N 375 
TRP CD2 CE2  doub Y N 376 
TRP CD2 CE3  sing Y N 377 
TRP NE1 CE2  sing Y N 378 
TRP NE1 HE1  sing N N 379 
TRP CE2 CZ2  sing Y N 380 
TRP CE3 CZ3  doub Y N 381 
TRP CE3 HE3  sing N N 382 
TRP CZ2 CH2  doub Y N 383 
TRP CZ2 HZ2  sing N N 384 
TRP CZ3 CH2  sing Y N 385 
TRP CZ3 HZ3  sing N N 386 
TRP CH2 HH2  sing N N 387 
TRP OXT HXT  sing N N 388 
TYR N   CA   sing N N 389 
TYR N   H    sing N N 390 
TYR N   H2   sing N N 391 
TYR CA  C    sing N N 392 
TYR CA  CB   sing N N 393 
TYR CA  HA   sing N N 394 
TYR C   O    doub N N 395 
TYR C   OXT  sing N N 396 
TYR CB  CG   sing N N 397 
TYR CB  HB2  sing N N 398 
TYR CB  HB3  sing N N 399 
TYR CG  CD1  doub Y N 400 
TYR CG  CD2  sing Y N 401 
TYR CD1 CE1  sing Y N 402 
TYR CD1 HD1  sing N N 403 
TYR CD2 CE2  doub Y N 404 
TYR CD2 HD2  sing N N 405 
TYR CE1 CZ   doub Y N 406 
TYR CE1 HE1  sing N N 407 
TYR CE2 CZ   sing Y N 408 
TYR CE2 HE2  sing N N 409 
TYR CZ  OH   sing N N 410 
TYR OH  HH   sing N N 411 
TYR OXT HXT  sing N N 412 
VAL N   CA   sing N N 413 
VAL N   H    sing N N 414 
VAL N   H2   sing N N 415 
VAL CA  C    sing N N 416 
VAL CA  CB   sing N N 417 
VAL CA  HA   sing N N 418 
VAL C   O    doub N N 419 
VAL C   OXT  sing N N 420 
VAL CB  CG1  sing N N 421 
VAL CB  CG2  sing N N 422 
VAL CB  HB   sing N N 423 
VAL CG1 HG11 sing N N 424 
VAL CG1 HG12 sing N N 425 
VAL CG1 HG13 sing N N 426 
VAL CG2 HG21 sing N N 427 
VAL CG2 HG22 sing N N 428 
VAL CG2 HG23 sing N N 429 
VAL OXT HXT  sing N N 430 
# 
_pdbx_audit_support.funding_organization   
'National Institutes of Health/National Institute of General Medical Sciences (NIH/NIGMS)' 
_pdbx_audit_support.country                'United States' 
_pdbx_audit_support.grant_number           RO1GM120349 
_pdbx_audit_support.ordinal                1 
# 
_pdbx_entity_instance_feature.ordinal        1 
_pdbx_entity_instance_feature.comp_id        QG7 
_pdbx_entity_instance_feature.asym_id        ? 
_pdbx_entity_instance_feature.seq_num        ? 
_pdbx_entity_instance_feature.auth_comp_id   QG7 
_pdbx_entity_instance_feature.auth_asym_id   ? 
_pdbx_entity_instance_feature.auth_seq_num   ? 
_pdbx_entity_instance_feature.feature_type   'SUBJECT OF INVESTIGATION' 
_pdbx_entity_instance_feature.details        ? 
# 
loop_
_pdbx_entity_nonpoly.entity_id 
_pdbx_entity_nonpoly.name 
_pdbx_entity_nonpoly.comp_id 
2 'N-(2-{bis[(pyridin-2-yl)methyl]amino}ethyl)-5-[(3aS,4S,6aR)-2-oxohexahydro-1H-thieno[3,4-d]imidazol-4-yl]pentanamide' QG7 
3 water                                                                                                                  HOH 
# 
_pdbx_initial_refinement_model.id               1 
_pdbx_initial_refinement_model.entity_id_list   ? 
_pdbx_initial_refinement_model.type             'experimental model' 
_pdbx_initial_refinement_model.source_name      PDB 
_pdbx_initial_refinement_model.accession_code   2QCB 
_pdbx_initial_refinement_model.details          ? 
# 
_pdbx_struct_assembly_auth_evidence.id                     1 
_pdbx_struct_assembly_auth_evidence.assembly_id            1 
_pdbx_struct_assembly_auth_evidence.experimental_support   'gel filtration' 
_pdbx_struct_assembly_auth_evidence.details                ? 
# 
